data_9GJ9
#
_entry.id   9GJ9
#
_cell.length_a   132.574
_cell.length_b   229.734
_cell.length_c   155.174
_cell.angle_alpha   90
_cell.angle_beta   90
_cell.angle_gamma   90
#
_symmetry.space_group_name_H-M   'C 2 2 21'
#
loop_
_entity.id
_entity.type
_entity.pdbx_description
1 polymer 'Cystathionine gamma-synthase'
2 non-polymer NORLEUCINE
3 water water
#
_entity_poly.entity_id   1
_entity_poly.type   'polypeptide(L)'
_entity_poly.pdbx_seq_one_letter_code
;MGSSHHHHHHSSGLVPRGSHMNSMHPETLMVHGGMDGLTEAGVHVPAIDLSTTNPVNDVATGGDSYEWLATGHALKDGDS
AVYQRLWQPGVARFETALAELEHADEAVAFATGMAAMTAALLAAVNAGTPHIVAVRPLYGGSDHLLETGLLGTTVTWAKE
AEIASAIQDDTGLVIVETPANPSLDLVDLDSVVAAAGTVPVLVDNTFCTPVLQQPIRHGAALVLHSAT(LLP)YLGGHGD
AMGGIIATNSDWAMRLRQVRAITGALLHPMGAYLLHRGLRTLAVRMRAAQTTAGELAERLAAHPAITAVHYPGLNGQDPR
GLLGRQMSGGGAMIALELAGGFDAARSFVEHCSLVVHAVSLGGADTLIQHPASLTHRPVAATAKPGDGLIRLSVGLEHVD
DLEDDLIAALDASRAAA
;
_entity_poly.pdbx_strand_id   A,B,C,D,E,F
#
# COMPACT_ATOMS: atom_id res chain seq x y z
N MET A 21 -28.61 -30.28 -9.29
CA MET A 21 -27.95 -29.62 -8.16
C MET A 21 -27.76 -30.53 -6.93
N ASN A 22 -28.56 -31.61 -6.85
CA ASN A 22 -28.53 -32.58 -5.75
C ASN A 22 -27.59 -33.75 -6.05
N SER A 23 -27.61 -34.23 -7.30
CA SER A 23 -26.77 -35.36 -7.72
C SER A 23 -25.42 -34.94 -8.35
N MET A 24 -25.11 -33.64 -8.37
CA MET A 24 -23.89 -33.15 -8.98
C MET A 24 -22.67 -33.23 -8.06
N HIS A 25 -21.50 -33.46 -8.66
CA HIS A 25 -20.24 -33.45 -7.95
C HIS A 25 -19.88 -31.99 -7.64
N PRO A 26 -19.08 -31.74 -6.59
CA PRO A 26 -18.73 -30.36 -6.24
C PRO A 26 -18.10 -29.55 -7.36
N GLU A 27 -17.31 -30.21 -8.23
CA GLU A 27 -16.66 -29.56 -9.35
C GLU A 27 -17.68 -29.01 -10.35
N THR A 28 -18.75 -29.79 -10.63
CA THR A 28 -19.83 -29.39 -11.53
C THR A 28 -20.71 -28.33 -10.86
N LEU A 29 -20.97 -28.49 -9.55
CA LEU A 29 -21.77 -27.59 -8.74
C LEU A 29 -21.15 -26.20 -8.63
N MET A 30 -19.83 -26.10 -8.69
CA MET A 30 -19.14 -24.81 -8.62
C MET A 30 -19.34 -23.98 -9.89
N VAL A 31 -19.42 -24.67 -11.04
CA VAL A 31 -19.59 -24.04 -12.34
C VAL A 31 -21.05 -23.63 -12.60
N HIS A 32 -21.99 -24.53 -12.34
CA HIS A 32 -23.40 -24.25 -12.60
C HIS A 32 -24.20 -23.72 -11.40
N GLY A 33 -23.59 -23.66 -10.23
CA GLY A 33 -24.26 -23.17 -9.03
C GLY A 33 -24.56 -21.69 -9.10
N GLY A 34 -25.78 -21.31 -8.75
CA GLY A 34 -26.21 -19.92 -8.82
C GLY A 34 -26.55 -19.44 -10.22
N MET A 35 -26.40 -20.31 -11.24
CA MET A 35 -26.69 -19.98 -12.64
C MET A 35 -28.06 -20.52 -13.04
N ASP A 36 -29.03 -20.45 -12.13
CA ASP A 36 -30.37 -20.97 -12.38
C ASP A 36 -31.18 -20.01 -13.25
N GLY A 37 -31.76 -20.53 -14.33
CA GLY A 37 -32.58 -19.72 -15.21
C GLY A 37 -31.85 -18.90 -16.25
N LEU A 38 -30.51 -18.90 -16.22
CA LEU A 38 -29.73 -18.12 -17.19
C LEU A 38 -29.80 -18.73 -18.58
N THR A 39 -29.68 -20.06 -18.68
CA THR A 39 -29.79 -20.77 -19.96
C THR A 39 -31.15 -20.50 -20.61
N GLU A 40 -32.20 -20.44 -19.79
CA GLU A 40 -33.57 -20.19 -20.22
C GLU A 40 -33.78 -18.74 -20.65
N ALA A 41 -33.09 -17.80 -20.00
CA ALA A 41 -33.19 -16.38 -20.35
C ALA A 41 -32.46 -15.99 -21.65
N GLY A 42 -31.58 -16.86 -22.14
CA GLY A 42 -30.84 -16.60 -23.36
C GLY A 42 -29.49 -15.92 -23.15
N VAL A 43 -28.93 -16.03 -21.93
CA VAL A 43 -27.65 -15.45 -21.57
C VAL A 43 -26.65 -16.52 -21.08
N HIS A 44 -25.36 -16.23 -21.16
CA HIS A 44 -24.32 -17.18 -20.75
C HIS A 44 -23.82 -16.92 -19.32
N VAL A 45 -23.77 -15.65 -18.93
CA VAL A 45 -23.33 -15.25 -17.59
C VAL A 45 -24.41 -14.37 -16.91
N PRO A 46 -24.46 -14.31 -15.56
CA PRO A 46 -25.48 -13.48 -14.91
C PRO A 46 -25.27 -11.99 -15.21
N ALA A 47 -26.37 -11.28 -15.50
CA ALA A 47 -26.30 -9.86 -15.83
C ALA A 47 -25.94 -9.04 -14.60
N ILE A 48 -25.20 -7.95 -14.83
CA ILE A 48 -24.81 -7.06 -13.74
C ILE A 48 -25.82 -5.94 -13.62
N ASP A 49 -26.76 -6.08 -12.69
CA ASP A 49 -27.80 -5.07 -12.51
C ASP A 49 -27.36 -4.10 -11.43
N LEU A 50 -26.90 -2.91 -11.84
CA LEU A 50 -26.45 -1.89 -10.91
C LEU A 50 -27.58 -1.08 -10.24
N SER A 51 -28.85 -1.30 -10.67
CA SER A 51 -30.04 -0.59 -10.19
C SER A 51 -30.11 -0.43 -8.67
N THR A 52 -30.11 0.82 -8.20
CA THR A 52 -30.22 1.11 -6.78
C THR A 52 -31.67 0.91 -6.34
N THR A 53 -32.62 1.37 -7.16
CA THR A 53 -34.04 1.22 -6.86
C THR A 53 -34.72 0.30 -7.89
N ASN A 54 -35.81 -0.36 -7.50
CA ASN A 54 -36.53 -1.27 -8.40
C ASN A 54 -37.99 -0.88 -8.48
N PRO A 55 -38.49 -0.58 -9.69
CA PRO A 55 -39.89 -0.21 -9.83
C PRO A 55 -40.86 -1.33 -9.46
N VAL A 56 -42.06 -0.96 -9.01
CA VAL A 56 -43.05 -1.94 -8.58
C VAL A 56 -44.26 -1.99 -9.52
N ASN A 57 -44.89 -3.18 -9.64
CA ASN A 57 -46.06 -3.33 -10.49
C ASN A 57 -47.30 -2.68 -9.87
N ASP A 58 -47.72 -3.14 -8.68
CA ASP A 58 -48.89 -2.58 -7.99
C ASP A 58 -48.46 -2.14 -6.61
N VAL A 59 -49.03 -1.04 -6.08
CA VAL A 59 -48.74 -0.48 -4.76
C VAL A 59 -48.91 -1.56 -3.68
N ALA A 60 -49.95 -2.39 -3.82
CA ALA A 60 -50.23 -3.48 -2.89
C ALA A 60 -49.13 -4.56 -2.95
N THR A 61 -48.72 -4.97 -4.17
CA THR A 61 -47.68 -5.99 -4.34
C THR A 61 -46.31 -5.50 -3.92
N GLY A 62 -46.02 -4.22 -4.17
CA GLY A 62 -44.76 -3.60 -3.81
C GLY A 62 -44.61 -3.37 -2.33
N GLY A 63 -45.72 -3.10 -1.65
CA GLY A 63 -45.73 -2.91 -0.21
C GLY A 63 -45.49 -4.22 0.52
N ASP A 64 -46.05 -5.32 -0.01
CA ASP A 64 -45.88 -6.65 0.57
C ASP A 64 -44.44 -7.12 0.38
N SER A 65 -43.86 -6.85 -0.79
CA SER A 65 -42.47 -7.22 -1.09
C SER A 65 -41.50 -6.45 -0.21
N TYR A 66 -41.85 -5.20 0.16
CA TYR A 66 -41.04 -4.35 1.03
C TYR A 66 -41.02 -4.93 2.44
N GLU A 67 -42.19 -5.30 2.99
CA GLU A 67 -42.34 -5.88 4.33
C GLU A 67 -41.62 -7.22 4.41
N TRP A 68 -41.77 -8.05 3.36
CA TRP A 68 -41.18 -9.39 3.27
C TRP A 68 -39.65 -9.30 3.24
N LEU A 69 -39.10 -8.35 2.50
CA LEU A 69 -37.65 -8.18 2.43
C LEU A 69 -37.06 -7.49 3.66
N ALA A 70 -37.80 -6.54 4.25
CA ALA A 70 -37.33 -5.86 5.45
C ALA A 70 -37.33 -6.79 6.66
N THR A 71 -38.26 -7.77 6.71
CA THR A 71 -38.29 -8.74 7.79
C THR A 71 -37.21 -9.83 7.68
N GLY A 72 -36.32 -9.75 6.69
CA GLY A 72 -35.22 -10.69 6.55
C GLY A 72 -35.49 -11.90 5.68
N HIS A 73 -36.60 -11.90 4.94
CA HIS A 73 -36.92 -13.03 4.08
C HIS A 73 -36.31 -12.91 2.69
N ALA A 74 -36.26 -14.03 1.94
CA ALA A 74 -35.68 -14.01 0.61
C ALA A 74 -36.72 -13.58 -0.43
N LEU A 75 -36.29 -12.82 -1.45
CA LEU A 75 -37.17 -12.33 -2.50
C LEU A 75 -37.89 -13.45 -3.23
N LYS A 76 -39.21 -13.49 -3.11
CA LYS A 76 -40.04 -14.47 -3.79
C LYS A 76 -40.04 -14.21 -5.30
N ASP A 77 -40.11 -15.29 -6.10
CA ASP A 77 -40.06 -15.16 -7.55
C ASP A 77 -41.25 -14.40 -8.12
N GLY A 78 -40.97 -13.47 -9.02
CA GLY A 78 -41.99 -12.63 -9.64
C GLY A 78 -42.34 -11.40 -8.83
N ASP A 79 -41.46 -11.00 -7.90
CA ASP A 79 -41.68 -9.84 -7.06
C ASP A 79 -40.55 -8.84 -7.22
N SER A 80 -40.85 -7.55 -7.16
CA SER A 80 -39.83 -6.51 -7.32
C SER A 80 -38.86 -6.53 -6.17
N ALA A 81 -37.57 -6.32 -6.47
CA ALA A 81 -36.55 -6.27 -5.41
C ALA A 81 -36.68 -5.05 -4.50
N VAL A 82 -37.52 -4.05 -4.88
CA VAL A 82 -37.88 -2.80 -4.20
C VAL A 82 -36.70 -1.81 -4.09
N TYR A 83 -35.61 -2.21 -3.42
CA TYR A 83 -34.42 -1.40 -3.22
C TYR A 83 -33.20 -2.33 -3.09
N GLN A 84 -32.00 -1.85 -3.44
CA GLN A 84 -30.79 -2.68 -3.37
C GLN A 84 -30.42 -3.07 -1.94
N ARG A 85 -30.72 -2.20 -0.97
CA ARG A 85 -30.46 -2.52 0.44
C ARG A 85 -31.36 -3.66 0.96
N LEU A 86 -32.52 -3.86 0.31
CA LEU A 86 -33.46 -4.92 0.64
C LEU A 86 -33.09 -6.18 -0.15
N TRP A 87 -32.78 -6.04 -1.45
CA TRP A 87 -32.42 -7.17 -2.30
C TRP A 87 -31.65 -6.76 -3.57
N GLN A 88 -30.63 -7.54 -3.92
CA GLN A 88 -29.85 -7.34 -5.13
C GLN A 88 -29.76 -8.69 -5.86
N PRO A 89 -30.24 -8.77 -7.11
CA PRO A 89 -30.22 -10.07 -7.82
C PRO A 89 -28.86 -10.69 -8.06
N GLY A 90 -27.84 -9.86 -8.26
CA GLY A 90 -26.48 -10.33 -8.47
C GLY A 90 -25.92 -10.99 -7.24
N VAL A 91 -26.12 -10.34 -6.08
CA VAL A 91 -25.69 -10.84 -4.77
C VAL A 91 -26.42 -12.15 -4.49
N ALA A 92 -27.74 -12.18 -4.75
CA ALA A 92 -28.60 -13.35 -4.56
C ALA A 92 -28.07 -14.61 -5.24
N ARG A 93 -27.59 -14.49 -6.49
CA ARG A 93 -27.06 -15.64 -7.23
C ARG A 93 -25.81 -16.18 -6.55
N PHE A 94 -24.92 -15.28 -6.09
CA PHE A 94 -23.70 -15.65 -5.39
C PHE A 94 -24.01 -16.31 -4.05
N GLU A 95 -25.07 -15.85 -3.36
CA GLU A 95 -25.49 -16.42 -2.08
C GLU A 95 -25.94 -17.87 -2.28
N THR A 96 -26.83 -18.15 -3.27
CA THR A 96 -27.30 -19.50 -3.53
C THR A 96 -26.18 -20.42 -4.02
N ALA A 97 -25.20 -19.88 -4.74
CA ALA A 97 -24.08 -20.68 -5.22
C ALA A 97 -23.23 -21.22 -4.07
N LEU A 98 -22.94 -20.38 -3.06
CA LEU A 98 -22.14 -20.82 -1.92
C LEU A 98 -22.94 -21.70 -0.96
N ALA A 99 -24.23 -21.41 -0.81
CA ALA A 99 -25.08 -22.21 0.07
C ALA A 99 -25.18 -23.66 -0.44
N GLU A 100 -25.09 -23.87 -1.76
CA GLU A 100 -25.14 -25.21 -2.36
C GLU A 100 -23.84 -25.96 -2.10
N LEU A 101 -22.70 -25.27 -2.19
CA LEU A 101 -21.40 -25.87 -1.95
C LEU A 101 -21.20 -26.22 -0.47
N GLU A 102 -21.71 -25.37 0.42
CA GLU A 102 -21.60 -25.58 1.86
C GLU A 102 -22.74 -26.43 2.46
N HIS A 103 -23.76 -26.78 1.65
CA HIS A 103 -24.92 -27.58 2.04
C HIS A 103 -25.76 -26.92 3.15
N ALA A 104 -25.76 -25.59 3.19
CA ALA A 104 -26.53 -24.81 4.16
C ALA A 104 -27.84 -24.33 3.55
N ASP A 105 -28.87 -24.09 4.38
CA ASP A 105 -30.18 -23.64 3.91
C ASP A 105 -30.13 -22.37 3.04
N GLU A 106 -29.48 -21.30 3.55
CA GLU A 106 -29.36 -20.02 2.86
C GLU A 106 -27.98 -19.39 3.10
N ALA A 107 -27.68 -18.29 2.41
CA ALA A 107 -26.43 -17.56 2.62
C ALA A 107 -26.67 -16.05 2.53
N VAL A 108 -25.90 -15.26 3.29
CA VAL A 108 -26.07 -13.81 3.27
C VAL A 108 -24.74 -13.12 2.92
N ALA A 109 -24.72 -12.31 1.84
CA ALA A 109 -23.49 -11.65 1.40
C ALA A 109 -23.39 -10.18 1.83
N PHE A 110 -22.18 -9.81 2.28
CA PHE A 110 -21.82 -8.49 2.79
C PHE A 110 -20.58 -7.92 2.07
N ALA A 111 -20.31 -6.62 2.27
CA ALA A 111 -19.19 -5.92 1.65
C ALA A 111 -17.86 -6.62 1.89
N THR A 112 -17.59 -7.03 3.15
CA THR A 112 -16.33 -7.69 3.53
C THR A 112 -16.61 -8.87 4.50
N GLY A 113 -15.59 -9.67 4.82
CA GLY A 113 -15.70 -10.75 5.79
C GLY A 113 -15.99 -10.21 7.17
N MET A 114 -15.45 -9.03 7.49
CA MET A 114 -15.67 -8.32 8.75
C MET A 114 -17.09 -7.79 8.86
N ALA A 115 -17.71 -7.41 7.72
CA ALA A 115 -19.09 -6.94 7.69
C ALA A 115 -20.07 -8.09 7.97
N ALA A 116 -19.71 -9.32 7.55
CA ALA A 116 -20.53 -10.49 7.81
C ALA A 116 -20.43 -10.88 9.28
N MET A 117 -19.20 -10.83 9.85
CA MET A 117 -18.95 -11.11 11.25
C MET A 117 -19.65 -10.06 12.13
N THR A 118 -19.63 -8.79 11.71
CA THR A 118 -20.28 -7.68 12.41
C THR A 118 -21.79 -7.91 12.49
N ALA A 119 -22.40 -8.32 11.38
CA ALA A 119 -23.84 -8.59 11.35
C ALA A 119 -24.20 -9.80 12.19
N ALA A 120 -23.33 -10.82 12.23
CA ALA A 120 -23.55 -12.02 13.03
C ALA A 120 -23.52 -11.68 14.52
N LEU A 121 -22.62 -10.77 14.92
CA LEU A 121 -22.51 -10.35 16.32
C LEU A 121 -23.67 -9.43 16.68
N LEU A 122 -24.07 -8.51 15.78
CA LEU A 122 -25.18 -7.59 16.03
C LEU A 122 -26.50 -8.33 16.17
N ALA A 123 -26.69 -9.41 15.40
CA ALA A 123 -27.91 -10.21 15.47
C ALA A 123 -28.01 -10.95 16.80
N ALA A 124 -26.87 -11.43 17.31
CA ALA A 124 -26.81 -12.15 18.57
C ALA A 124 -27.14 -11.21 19.74
N VAL A 125 -26.65 -9.97 19.68
CA VAL A 125 -26.90 -8.96 20.71
C VAL A 125 -28.40 -8.63 20.80
N ASN A 126 -29.02 -8.38 19.64
CA ASN A 126 -30.44 -8.03 19.59
C ASN A 126 -31.35 -9.20 19.97
N ALA A 127 -30.88 -10.44 19.80
CA ALA A 127 -31.66 -11.61 20.24
C ALA A 127 -31.54 -11.88 21.75
N GLY A 128 -30.89 -10.98 22.49
CA GLY A 128 -30.70 -11.13 23.93
C GLY A 128 -29.52 -11.99 24.32
N THR A 129 -28.63 -12.29 23.37
CA THR A 129 -27.45 -13.11 23.65
C THR A 129 -26.16 -12.37 23.28
N PRO A 130 -25.76 -11.35 24.05
CA PRO A 130 -24.54 -10.60 23.69
C PRO A 130 -23.23 -11.33 23.99
N HIS A 131 -23.27 -12.41 24.78
CA HIS A 131 -22.06 -13.15 25.12
C HIS A 131 -21.63 -14.13 24.03
N ILE A 132 -20.32 -14.20 23.75
CA ILE A 132 -19.74 -15.08 22.74
C ILE A 132 -18.57 -15.85 23.35
N VAL A 133 -18.62 -17.19 23.24
CA VAL A 133 -17.51 -18.01 23.70
C VAL A 133 -16.62 -18.24 22.47
N ALA A 134 -15.62 -17.40 22.29
CA ALA A 134 -14.70 -17.53 21.15
C ALA A 134 -13.53 -18.43 21.53
N VAL A 135 -13.06 -19.25 20.58
CA VAL A 135 -11.95 -20.15 20.84
C VAL A 135 -10.69 -19.67 20.12
N ARG A 136 -9.65 -19.29 20.89
CA ARG A 136 -8.40 -18.81 20.28
C ARG A 136 -7.53 -19.97 19.76
N PRO A 137 -6.71 -19.76 18.71
CA PRO A 137 -6.46 -18.49 18.00
C PRO A 137 -7.53 -18.11 16.98
N LEU A 138 -7.73 -16.81 16.80
CA LEU A 138 -8.69 -16.31 15.81
C LEU A 138 -8.02 -15.28 14.90
N TYR A 139 -8.67 -14.94 13.77
CA TYR A 139 -8.17 -13.94 12.82
C TYR A 139 -8.10 -12.58 13.51
N GLY A 140 -7.03 -11.83 13.24
CA GLY A 140 -6.77 -10.52 13.84
C GLY A 140 -7.96 -9.60 14.04
N GLY A 141 -8.73 -9.39 12.97
CA GLY A 141 -9.92 -8.56 12.97
C GLY A 141 -11.06 -9.11 13.81
N SER A 142 -11.30 -10.42 13.73
CA SER A 142 -12.35 -11.08 14.52
C SER A 142 -12.01 -11.02 16.01
N ASP A 143 -10.73 -11.22 16.34
CA ASP A 143 -10.18 -11.20 17.68
C ASP A 143 -10.29 -9.78 18.26
N HIS A 144 -10.00 -8.76 17.45
CA HIS A 144 -10.04 -7.37 17.91
C HIS A 144 -11.45 -6.81 18.03
N LEU A 145 -12.39 -7.30 17.21
CA LEU A 145 -13.77 -6.84 17.27
C LEU A 145 -14.44 -7.33 18.55
N LEU A 146 -14.15 -8.56 18.97
CA LEU A 146 -14.68 -9.17 20.18
C LEU A 146 -14.05 -8.52 21.42
N GLU A 147 -12.73 -8.27 21.36
CA GLU A 147 -11.97 -7.66 22.45
C GLU A 147 -12.44 -6.25 22.77
N THR A 148 -12.74 -5.48 21.72
CA THR A 148 -13.20 -4.09 21.88
C THR A 148 -14.64 -4.00 22.36
N GLY A 149 -15.48 -4.95 21.95
CA GLY A 149 -16.88 -4.96 22.33
C GLY A 149 -17.63 -3.77 21.77
N LEU A 150 -17.27 -3.37 20.54
CA LEU A 150 -17.83 -2.24 19.81
C LEU A 150 -19.33 -2.41 19.55
N LEU A 151 -19.77 -3.65 19.32
CA LEU A 151 -21.17 -3.95 19.04
C LEU A 151 -22.00 -4.37 20.28
N GLY A 152 -21.49 -4.11 21.47
CA GLY A 152 -22.16 -4.46 22.72
C GLY A 152 -22.09 -5.93 23.05
N THR A 153 -20.93 -6.55 22.79
CA THR A 153 -20.72 -7.97 23.01
C THR A 153 -19.84 -8.27 24.22
N THR A 154 -20.07 -9.41 24.87
CA THR A 154 -19.25 -9.87 25.99
C THR A 154 -18.45 -11.06 25.47
N VAL A 155 -17.13 -11.10 25.70
CA VAL A 155 -16.32 -12.20 25.18
C VAL A 155 -15.68 -13.04 26.28
N THR A 156 -15.70 -14.36 26.09
CA THR A 156 -15.04 -15.27 27.00
C THR A 156 -14.11 -16.15 26.17
N TRP A 157 -12.83 -15.81 26.15
CA TRP A 157 -11.82 -16.53 25.41
C TRP A 157 -11.52 -17.85 26.10
N ALA A 158 -11.96 -18.96 25.51
CA ALA A 158 -11.75 -20.28 26.10
C ALA A 158 -10.98 -21.20 25.18
N LYS A 159 -10.28 -22.18 25.76
CA LYS A 159 -9.55 -23.18 24.99
C LYS A 159 -10.54 -24.24 24.44
N GLU A 160 -10.07 -25.17 23.59
CA GLU A 160 -10.95 -26.21 23.04
C GLU A 160 -11.56 -27.09 24.14
N ALA A 161 -10.81 -27.38 25.20
CA ALA A 161 -11.31 -28.20 26.30
C ALA A 161 -12.15 -27.41 27.34
N GLU A 162 -12.17 -26.07 27.25
CA GLU A 162 -12.91 -25.25 28.20
C GLU A 162 -14.19 -24.65 27.58
N ILE A 163 -14.69 -25.18 26.46
CA ILE A 163 -15.86 -24.63 25.81
C ILE A 163 -17.15 -24.78 26.63
N ALA A 164 -17.52 -26.02 27.01
CA ALA A 164 -18.74 -26.28 27.76
C ALA A 164 -18.80 -25.56 29.11
N SER A 165 -17.65 -25.30 29.73
CA SER A 165 -17.60 -24.59 31.01
C SER A 165 -17.75 -23.09 30.82
N ALA A 166 -17.20 -22.53 29.74
CA ALA A 166 -17.29 -21.09 29.47
C ALA A 166 -18.66 -20.60 28.99
N ILE A 167 -19.60 -21.53 28.71
CA ILE A 167 -20.92 -21.17 28.23
C ILE A 167 -21.81 -20.63 29.33
N GLN A 168 -22.27 -19.39 29.14
CA GLN A 168 -23.16 -18.73 30.08
C GLN A 168 -24.60 -18.78 29.56
N ASP A 169 -25.59 -18.53 30.44
CA ASP A 169 -26.99 -18.46 30.04
C ASP A 169 -27.29 -17.28 29.08
N ASP A 170 -26.28 -16.42 28.82
CA ASP A 170 -26.34 -15.24 27.95
C ASP A 170 -25.57 -15.45 26.63
N THR A 171 -25.02 -16.65 26.38
CA THR A 171 -24.23 -16.93 25.17
C THR A 171 -25.09 -17.11 23.93
N GLY A 172 -24.73 -16.42 22.86
CA GLY A 172 -25.46 -16.50 21.60
C GLY A 172 -24.69 -17.17 20.49
N LEU A 173 -23.34 -17.08 20.52
CA LEU A 173 -22.52 -17.69 19.48
C LEU A 173 -21.20 -18.26 20.00
N VAL A 174 -20.68 -19.28 19.31
CA VAL A 174 -19.40 -19.90 19.63
C VAL A 174 -18.54 -19.78 18.38
N ILE A 175 -17.64 -18.79 18.36
CA ILE A 175 -16.80 -18.55 17.18
C ILE A 175 -15.49 -19.33 17.21
N VAL A 176 -15.31 -20.24 16.24
CA VAL A 176 -14.13 -21.08 16.10
C VAL A 176 -13.54 -20.95 14.68
N GLU A 177 -12.23 -21.17 14.52
CA GLU A 177 -11.56 -21.03 13.23
C GLU A 177 -10.56 -22.18 13.02
N THR A 178 -10.71 -22.94 11.94
CA THR A 178 -9.80 -24.06 11.67
C THR A 178 -9.48 -24.21 10.16
N PRO A 179 -8.19 -24.20 9.78
CA PRO A 179 -7.00 -24.07 10.62
C PRO A 179 -6.80 -22.64 11.13
N ALA A 180 -6.16 -22.51 12.31
CA ALA A 180 -5.91 -21.24 12.96
C ALA A 180 -5.02 -20.31 12.13
N ASN A 181 -5.09 -19.00 12.41
CA ASN A 181 -4.29 -18.02 11.70
C ASN A 181 -3.36 -17.29 12.68
N PRO A 182 -2.03 -17.35 12.45
CA PRO A 182 -1.32 -17.96 11.31
C PRO A 182 -0.67 -19.33 11.55
N SER A 183 -0.84 -19.88 12.76
CA SER A 183 -0.23 -21.14 13.19
C SER A 183 -0.68 -22.39 12.43
N LEU A 184 -1.87 -22.34 11.82
CA LEU A 184 -2.52 -23.43 11.09
C LEU A 184 -2.85 -24.63 11.97
N ASP A 185 -3.14 -24.37 13.26
CA ASP A 185 -3.50 -25.41 14.21
C ASP A 185 -4.94 -25.83 13.96
N LEU A 186 -5.21 -27.13 13.90
CA LEU A 186 -6.56 -27.62 13.61
C LEU A 186 -7.40 -27.75 14.88
N VAL A 187 -8.71 -27.48 14.76
CA VAL A 187 -9.66 -27.59 15.86
C VAL A 187 -10.70 -28.66 15.49
N ASP A 188 -10.95 -29.63 16.38
CA ASP A 188 -11.93 -30.69 16.09
C ASP A 188 -13.35 -30.13 16.19
N LEU A 189 -14.00 -29.92 15.03
CA LEU A 189 -15.35 -29.37 14.96
C LEU A 189 -16.42 -30.28 15.57
N ASP A 190 -16.17 -31.59 15.58
CA ASP A 190 -17.11 -32.54 16.19
C ASP A 190 -17.16 -32.34 17.72
N SER A 191 -16.03 -31.99 18.34
CA SER A 191 -15.94 -31.74 19.77
C SER A 191 -16.52 -30.37 20.14
N VAL A 192 -16.34 -29.36 19.28
CA VAL A 192 -16.83 -28.00 19.52
C VAL A 192 -18.35 -27.96 19.55
N VAL A 193 -19.00 -28.56 18.54
CA VAL A 193 -20.47 -28.60 18.45
C VAL A 193 -21.08 -29.41 19.60
N ALA A 194 -20.40 -30.48 20.03
CA ALA A 194 -20.87 -31.29 21.16
C ALA A 194 -20.77 -30.52 22.47
N ALA A 195 -19.71 -29.70 22.63
CA ALA A 195 -19.52 -28.90 23.83
C ALA A 195 -20.46 -27.69 23.86
N ALA A 196 -20.80 -27.14 22.69
CA ALA A 196 -21.70 -25.99 22.62
C ALA A 196 -23.15 -26.37 22.92
N GLY A 197 -23.56 -27.54 22.46
CA GLY A 197 -24.91 -28.04 22.67
C GLY A 197 -25.98 -27.17 22.02
N THR A 198 -26.76 -26.47 22.84
CA THR A 198 -27.84 -25.60 22.37
C THR A 198 -27.36 -24.29 21.74
N VAL A 199 -26.08 -23.93 21.91
CA VAL A 199 -25.55 -22.68 21.35
C VAL A 199 -25.03 -22.88 19.92
N PRO A 200 -25.48 -22.03 18.98
CA PRO A 200 -25.02 -22.17 17.59
C PRO A 200 -23.51 -21.93 17.42
N VAL A 201 -22.87 -22.65 16.48
CA VAL A 201 -21.43 -22.55 16.26
C VAL A 201 -21.07 -21.88 14.94
N LEU A 202 -20.29 -20.79 14.98
CA LEU A 202 -19.83 -20.09 13.77
C LEU A 202 -18.42 -20.55 13.47
N VAL A 203 -18.20 -21.12 12.28
CA VAL A 203 -16.87 -21.60 11.91
C VAL A 203 -16.32 -20.80 10.73
N ASP A 204 -15.19 -20.11 10.95
CA ASP A 204 -14.55 -19.32 9.89
C ASP A 204 -13.82 -20.26 8.95
N ASN A 205 -14.52 -20.68 7.91
CA ASN A 205 -14.02 -21.61 6.90
C ASN A 205 -13.42 -20.86 5.70
N THR A 206 -12.63 -19.80 5.97
CA THR A 206 -12.02 -19.04 4.89
C THR A 206 -10.84 -19.77 4.26
N PHE A 207 -9.94 -20.31 5.09
CA PHE A 207 -8.73 -21.01 4.66
C PHE A 207 -9.02 -22.33 3.94
N CYS A 208 -9.99 -23.10 4.44
CA CYS A 208 -10.33 -24.40 3.86
C CYS A 208 -11.20 -24.34 2.64
N THR A 209 -12.15 -23.38 2.60
CA THR A 209 -13.16 -23.20 1.55
C THR A 209 -14.12 -24.42 1.48
N PRO A 210 -15.26 -24.32 0.76
CA PRO A 210 -16.17 -25.47 0.68
C PRO A 210 -15.60 -26.71 -0.02
N VAL A 211 -14.44 -26.59 -0.70
CA VAL A 211 -13.79 -27.70 -1.39
C VAL A 211 -13.20 -28.70 -0.39
N LEU A 212 -12.54 -28.20 0.65
CA LEU A 212 -11.87 -29.07 1.62
C LEU A 212 -12.63 -29.30 2.94
N GLN A 213 -13.48 -28.35 3.36
CA GLN A 213 -14.17 -28.50 4.64
C GLN A 213 -15.60 -27.97 4.60
N GLN A 214 -16.53 -28.65 5.26
CA GLN A 214 -17.92 -28.21 5.34
C GLN A 214 -18.39 -28.29 6.78
N PRO A 215 -18.32 -27.16 7.51
CA PRO A 215 -18.72 -27.18 8.92
C PRO A 215 -20.17 -27.56 9.19
N ILE A 216 -21.06 -27.38 8.19
CA ILE A 216 -22.47 -27.76 8.32
C ILE A 216 -22.60 -29.26 8.59
N ARG A 217 -21.79 -30.08 7.88
CA ARG A 217 -21.76 -31.53 8.05
C ARG A 217 -21.40 -31.95 9.48
N HIS A 218 -20.52 -31.20 10.14
CA HIS A 218 -20.12 -31.52 11.52
C HIS A 218 -21.10 -31.03 12.59
N GLY A 219 -21.94 -30.05 12.25
CA GLY A 219 -22.93 -29.55 13.20
C GLY A 219 -22.92 -28.05 13.42
N ALA A 220 -22.04 -27.31 12.73
CA ALA A 220 -21.98 -25.86 12.88
C ALA A 220 -23.24 -25.21 12.32
N ALA A 221 -23.70 -24.12 12.95
CA ALA A 221 -24.91 -23.43 12.52
C ALA A 221 -24.61 -22.36 11.48
N LEU A 222 -23.48 -21.68 11.62
CA LEU A 222 -23.09 -20.60 10.71
C LEU A 222 -21.70 -20.89 10.13
N VAL A 223 -21.49 -20.64 8.83
CA VAL A 223 -20.17 -20.85 8.21
C VAL A 223 -19.68 -19.54 7.59
N LEU A 224 -18.78 -18.83 8.27
CA LEU A 224 -18.25 -17.56 7.79
C LEU A 224 -17.18 -17.76 6.73
N HIS A 225 -17.22 -16.96 5.66
CA HIS A 225 -16.24 -16.98 4.57
C HIS A 225 -15.84 -15.56 4.21
N SER A 226 -14.54 -15.30 4.11
CA SER A 226 -14.06 -14.02 3.61
C SER A 226 -13.84 -14.25 2.12
N ALA A 227 -14.85 -13.91 1.30
CA ALA A 227 -14.83 -14.09 -0.15
C ALA A 227 -13.65 -13.44 -0.87
N THR A 228 -12.96 -12.51 -0.20
CA THR A 228 -11.76 -11.85 -0.70
C THR A 228 -10.69 -12.90 -1.04
N TYR A 230 -9.62 -16.80 -1.85
CA TYR A 230 -10.06 -18.03 -2.50
C TYR A 230 -11.36 -17.93 -3.31
N LEU A 231 -12.47 -17.43 -2.69
CA LEU A 231 -13.74 -17.32 -3.41
C LEU A 231 -13.61 -16.38 -4.61
N GLY A 232 -12.89 -15.28 -4.45
CA GLY A 232 -12.59 -14.37 -5.54
C GLY A 232 -11.51 -15.02 -6.38
N GLY A 233 -10.40 -15.33 -5.71
CA GLY A 233 -9.28 -16.06 -6.28
C GLY A 233 -8.31 -15.28 -7.12
N HIS A 234 -8.55 -13.98 -7.31
CA HIS A 234 -7.66 -13.15 -8.10
C HIS A 234 -7.16 -11.88 -7.38
N GLY A 235 -7.66 -11.62 -6.18
CA GLY A 235 -7.27 -10.48 -5.36
C GLY A 235 -7.80 -9.16 -5.87
N ASP A 236 -9.04 -9.15 -6.37
CA ASP A 236 -9.65 -7.94 -6.90
C ASP A 236 -11.04 -7.67 -6.35
N ALA A 237 -11.75 -8.72 -5.91
CA ALA A 237 -13.10 -8.54 -5.36
C ALA A 237 -13.14 -8.71 -3.84
N MET A 238 -13.63 -7.69 -3.13
CA MET A 238 -13.77 -7.73 -1.68
C MET A 238 -15.14 -8.31 -1.34
N GLY A 239 -15.18 -9.22 -0.36
CA GLY A 239 -16.44 -9.84 0.02
C GLY A 239 -16.45 -10.63 1.32
N GLY A 240 -17.63 -11.00 1.74
CA GLY A 240 -17.86 -11.78 2.96
C GLY A 240 -19.23 -12.41 2.92
N ILE A 241 -19.33 -13.70 3.26
CA ILE A 241 -20.60 -14.41 3.17
C ILE A 241 -20.73 -15.49 4.24
N ILE A 242 -21.93 -15.65 4.82
CA ILE A 242 -22.19 -16.68 5.84
C ILE A 242 -23.22 -17.67 5.35
N ALA A 243 -22.85 -18.95 5.25
CA ALA A 243 -23.79 -19.99 4.85
C ALA A 243 -24.41 -20.55 6.13
N THR A 244 -25.70 -20.25 6.37
CA THR A 244 -26.37 -20.68 7.61
C THR A 244 -27.85 -21.11 7.40
N ASN A 245 -28.48 -21.69 8.44
CA ASN A 245 -29.90 -22.08 8.38
C ASN A 245 -30.81 -20.86 8.19
N SER A 246 -32.03 -21.10 7.67
CA SER A 246 -33.01 -20.06 7.38
C SER A 246 -33.29 -19.08 8.51
N ASP A 247 -33.32 -19.58 9.76
CA ASP A 247 -33.56 -18.71 10.91
C ASP A 247 -32.42 -17.70 11.10
N TRP A 248 -31.17 -18.17 11.08
CA TRP A 248 -30.03 -17.26 11.24
C TRP A 248 -29.85 -16.36 10.02
N ALA A 249 -30.16 -16.87 8.82
CA ALA A 249 -30.08 -16.09 7.58
C ALA A 249 -31.05 -14.92 7.59
N MET A 250 -32.23 -15.11 8.20
CA MET A 250 -33.25 -14.08 8.33
C MET A 250 -32.76 -12.97 9.26
N ARG A 251 -32.11 -13.34 10.37
CA ARG A 251 -31.56 -12.38 11.33
C ARG A 251 -30.46 -11.56 10.66
N LEU A 252 -29.56 -12.24 9.90
CA LEU A 252 -28.45 -11.62 9.19
C LEU A 252 -28.94 -10.67 8.09
N ARG A 253 -30.04 -11.03 7.42
CA ARG A 253 -30.65 -10.22 6.37
C ARG A 253 -31.34 -8.98 6.96
N GLN A 254 -31.88 -9.08 8.19
CA GLN A 254 -32.52 -7.96 8.89
C GLN A 254 -31.47 -6.90 9.24
N VAL A 255 -30.28 -7.36 9.68
CA VAL A 255 -29.18 -6.46 10.03
C VAL A 255 -28.64 -5.79 8.77
N ARG A 256 -28.53 -6.54 7.66
CA ARG A 256 -28.05 -6.02 6.39
C ARG A 256 -28.96 -4.92 5.82
N ALA A 257 -30.26 -5.03 6.07
CA ALA A 257 -31.23 -4.05 5.58
C ALA A 257 -31.14 -2.70 6.29
N ILE A 258 -30.75 -2.67 7.58
CA ILE A 258 -30.65 -1.40 8.31
C ILE A 258 -29.21 -0.90 8.45
N THR A 259 -28.23 -1.81 8.59
CA THR A 259 -26.82 -1.40 8.69
C THR A 259 -26.19 -1.12 7.31
N GLY A 260 -26.75 -1.69 6.24
CA GLY A 260 -26.35 -1.48 4.86
C GLY A 260 -24.91 -1.77 4.43
N ALA A 261 -24.32 -2.88 4.89
CA ALA A 261 -22.98 -3.25 4.46
C ALA A 261 -23.12 -4.17 3.23
N LEU A 262 -23.73 -3.65 2.16
CA LEU A 262 -24.02 -4.39 0.94
C LEU A 262 -22.82 -4.77 0.09
N LEU A 263 -22.98 -5.82 -0.72
CA LEU A 263 -21.97 -6.28 -1.67
C LEU A 263 -22.35 -5.65 -3.03
N HIS A 264 -21.46 -4.86 -3.62
CA HIS A 264 -21.71 -4.17 -4.89
C HIS A 264 -21.96 -5.18 -6.01
N PRO A 265 -22.89 -4.90 -6.94
CA PRO A 265 -23.14 -5.86 -8.03
C PRO A 265 -21.89 -6.37 -8.77
N MET A 266 -20.87 -5.50 -8.95
CA MET A 266 -19.63 -5.89 -9.62
C MET A 266 -18.82 -6.86 -8.76
N GLY A 267 -18.78 -6.60 -7.46
CA GLY A 267 -18.09 -7.46 -6.52
C GLY A 267 -18.75 -8.81 -6.45
N ALA A 268 -20.09 -8.83 -6.41
CA ALA A 268 -20.89 -10.04 -6.36
C ALA A 268 -20.72 -10.88 -7.63
N TYR A 269 -20.58 -10.23 -8.78
CA TYR A 269 -20.40 -10.93 -10.04
C TYR A 269 -19.02 -11.58 -10.09
N LEU A 270 -17.96 -10.87 -9.66
CA LEU A 270 -16.59 -11.41 -9.66
C LEU A 270 -16.40 -12.50 -8.61
N LEU A 271 -17.13 -12.45 -7.50
CA LEU A 271 -17.04 -13.49 -6.47
C LEU A 271 -17.76 -14.75 -6.93
N HIS A 272 -18.89 -14.60 -7.64
CA HIS A 272 -19.66 -15.71 -8.17
C HIS A 272 -18.89 -16.34 -9.33
N ARG A 273 -18.30 -15.51 -10.21
CA ARG A 273 -17.48 -15.97 -11.34
C ARG A 273 -16.29 -16.78 -10.84
N GLY A 274 -15.71 -16.37 -9.72
CA GLY A 274 -14.58 -17.03 -9.07
C GLY A 274 -14.90 -18.39 -8.50
N LEU A 275 -16.17 -18.65 -8.20
CA LEU A 275 -16.59 -19.95 -7.68
C LEU A 275 -16.46 -21.05 -8.73
N ARG A 276 -16.61 -20.70 -10.02
CA ARG A 276 -16.52 -21.65 -11.13
C ARG A 276 -15.12 -22.25 -11.26
N THR A 277 -14.09 -21.44 -11.05
CA THR A 277 -12.71 -21.92 -11.12
C THR A 277 -12.13 -22.30 -9.76
N LEU A 278 -12.96 -22.42 -8.71
CA LEU A 278 -12.49 -22.73 -7.35
C LEU A 278 -11.95 -24.15 -7.19
N ALA A 279 -12.66 -25.15 -7.72
CA ALA A 279 -12.22 -26.54 -7.58
C ALA A 279 -10.86 -26.77 -8.22
N VAL A 280 -10.63 -26.25 -9.42
CA VAL A 280 -9.36 -26.44 -10.11
C VAL A 280 -8.25 -25.61 -9.48
N ARG A 281 -8.58 -24.43 -8.95
CA ARG A 281 -7.57 -23.57 -8.34
C ARG A 281 -7.10 -24.16 -7.02
N MET A 282 -8.03 -24.66 -6.20
CA MET A 282 -7.70 -25.24 -4.91
C MET A 282 -6.93 -26.54 -5.05
N ARG A 283 -7.29 -27.36 -6.04
CA ARG A 283 -6.63 -28.63 -6.32
C ARG A 283 -5.16 -28.38 -6.71
N ALA A 284 -4.91 -27.34 -7.52
CA ALA A 284 -3.57 -27.00 -7.98
C ALA A 284 -2.73 -26.32 -6.89
N ALA A 285 -3.33 -25.37 -6.15
CA ALA A 285 -2.60 -24.67 -5.10
C ALA A 285 -2.25 -25.61 -3.96
N GLN A 286 -3.14 -26.55 -3.62
CA GLN A 286 -2.90 -27.54 -2.55
C GLN A 286 -1.80 -28.52 -2.96
N THR A 287 -1.75 -28.89 -4.24
CA THR A 287 -0.72 -29.80 -4.74
C THR A 287 0.64 -29.11 -4.65
N THR A 288 0.70 -27.83 -5.04
CA THR A 288 1.93 -27.04 -5.00
C THR A 288 2.37 -26.84 -3.54
N ALA A 289 1.44 -26.53 -2.63
CA ALA A 289 1.73 -26.32 -1.20
C ALA A 289 2.19 -27.58 -0.47
N GLY A 290 1.70 -28.73 -0.90
CA GLY A 290 2.07 -30.00 -0.30
C GLY A 290 3.51 -30.38 -0.62
N GLU A 291 3.95 -30.05 -1.84
CA GLU A 291 5.31 -30.32 -2.26
C GLU A 291 6.26 -29.23 -1.73
N LEU A 292 5.83 -27.97 -1.76
CA LEU A 292 6.62 -26.84 -1.30
C LEU A 292 6.97 -26.95 0.18
N ALA A 293 6.01 -27.37 1.02
CA ALA A 293 6.27 -27.53 2.45
C ALA A 293 7.25 -28.67 2.73
N GLU A 294 7.17 -29.74 1.92
CA GLU A 294 8.04 -30.90 2.04
C GLU A 294 9.47 -30.54 1.59
N ARG A 295 9.60 -29.71 0.54
CA ARG A 295 10.88 -29.24 0.03
C ARG A 295 11.52 -28.23 0.98
N LEU A 296 10.71 -27.35 1.58
CA LEU A 296 11.19 -26.35 2.53
C LEU A 296 11.62 -26.95 3.87
N ALA A 297 11.09 -28.14 4.23
CA ALA A 297 11.46 -28.84 5.44
C ALA A 297 12.94 -29.25 5.42
N ALA A 298 13.47 -29.57 4.23
CA ALA A 298 14.87 -29.93 4.04
C ALA A 298 15.73 -28.65 3.88
N HIS A 299 15.69 -27.78 4.89
CA HIS A 299 16.45 -26.54 4.87
C HIS A 299 16.97 -26.24 6.26
N PRO A 300 18.26 -25.87 6.38
CA PRO A 300 18.81 -25.60 7.72
C PRO A 300 18.28 -24.33 8.37
N ALA A 301 17.85 -23.35 7.58
CA ALA A 301 17.34 -22.09 8.11
C ALA A 301 15.92 -22.19 8.71
N ILE A 302 15.18 -23.26 8.39
CA ILE A 302 13.83 -23.47 8.92
C ILE A 302 13.84 -24.60 9.94
N THR A 303 13.47 -24.30 11.19
CA THR A 303 13.45 -25.32 12.24
C THR A 303 12.26 -26.27 12.09
N ALA A 304 11.07 -25.72 11.80
CA ALA A 304 9.87 -26.53 11.63
C ALA A 304 8.90 -25.90 10.66
N VAL A 305 8.21 -26.74 9.89
CA VAL A 305 7.22 -26.31 8.90
C VAL A 305 5.82 -26.64 9.40
N HIS A 306 4.90 -25.68 9.28
CA HIS A 306 3.52 -25.87 9.71
C HIS A 306 2.62 -26.11 8.52
N TYR A 307 2.18 -27.36 8.36
CA TYR A 307 1.28 -27.75 7.29
C TYR A 307 0.38 -28.87 7.81
N PRO A 308 -0.95 -28.78 7.60
CA PRO A 308 -1.84 -29.84 8.09
C PRO A 308 -1.53 -31.20 7.46
N GLY A 309 -0.89 -32.06 8.22
CA GLY A 309 -0.50 -33.38 7.75
C GLY A 309 0.89 -33.40 7.12
N PRO A 315 -2.99 -34.72 15.40
CA PRO A 315 -2.84 -36.00 16.08
C PRO A 315 -4.14 -36.78 16.22
N ARG A 316 -5.28 -36.06 16.32
CA ARG A 316 -6.60 -36.71 16.44
C ARG A 316 -7.16 -37.26 15.13
N GLY A 317 -6.39 -37.16 14.05
CA GLY A 317 -6.83 -37.63 12.74
C GLY A 317 -7.86 -36.68 12.14
N LEU A 318 -7.64 -35.37 12.32
CA LEU A 318 -8.54 -34.33 11.82
C LEU A 318 -8.68 -34.38 10.29
N LEU A 319 -7.64 -34.85 9.58
CA LEU A 319 -7.67 -35.00 8.13
C LEU A 319 -8.52 -36.23 7.78
N GLY A 320 -9.33 -36.11 6.74
CA GLY A 320 -10.22 -37.17 6.30
C GLY A 320 -11.58 -37.02 6.94
N ARG A 321 -11.60 -36.83 8.26
CA ARG A 321 -12.82 -36.66 9.03
C ARG A 321 -13.39 -35.26 8.86
N GLN A 322 -12.51 -34.25 8.78
CA GLN A 322 -12.96 -32.87 8.69
C GLN A 322 -12.45 -32.17 7.43
N MET A 323 -11.18 -32.38 7.09
CA MET A 323 -10.58 -31.76 5.90
C MET A 323 -10.20 -32.80 4.86
N SER A 324 -10.64 -32.61 3.60
CA SER A 324 -10.31 -33.56 2.55
C SER A 324 -9.04 -33.14 1.82
N GLY A 326 -5.93 -31.28 3.07
CA GLY A 326 -4.61 -30.70 2.81
C GLY A 326 -4.49 -29.23 3.18
N GLY A 327 -4.58 -28.36 2.18
CA GLY A 327 -4.48 -26.92 2.36
C GLY A 327 -3.52 -26.24 1.40
N ALA A 328 -3.69 -24.93 1.19
CA ALA A 328 -2.81 -24.15 0.31
C ALA A 328 -2.01 -23.07 1.07
N MET A 329 -1.92 -23.19 2.41
CA MET A 329 -1.21 -22.26 3.28
C MET A 329 -0.09 -23.01 3.99
N ILE A 330 1.05 -22.34 4.18
CA ILE A 330 2.20 -22.93 4.88
C ILE A 330 2.76 -21.87 5.84
N ALA A 331 3.06 -22.25 7.08
CA ALA A 331 3.69 -21.33 8.03
C ALA A 331 5.11 -21.81 8.27
N LEU A 332 6.09 -20.91 8.23
CA LEU A 332 7.49 -21.30 8.40
C LEU A 332 8.14 -20.66 9.62
N GLU A 333 8.53 -21.48 10.60
CA GLU A 333 9.21 -20.98 11.78
C GLU A 333 10.70 -20.97 11.49
N LEU A 334 11.30 -19.78 11.40
CA LEU A 334 12.73 -19.67 11.10
C LEU A 334 13.61 -19.67 12.35
N ALA A 335 14.84 -20.15 12.20
CA ALA A 335 15.77 -20.21 13.31
C ALA A 335 16.28 -18.83 13.74
N GLY A 336 16.38 -17.90 12.78
CA GLY A 336 16.89 -16.57 13.06
C GLY A 336 15.98 -15.62 13.82
N GLY A 337 14.72 -15.99 13.96
CA GLY A 337 13.75 -15.17 14.68
C GLY A 337 13.11 -14.09 13.83
N PHE A 338 13.00 -12.87 14.37
CA PHE A 338 12.38 -11.76 13.66
C PHE A 338 13.24 -11.25 12.53
N ASP A 339 14.56 -11.13 12.77
CA ASP A 339 15.49 -10.60 11.77
C ASP A 339 15.55 -11.49 10.54
N ALA A 340 15.59 -12.82 10.74
CA ALA A 340 15.62 -13.75 9.61
C ALA A 340 14.30 -13.75 8.84
N ALA A 341 13.17 -13.58 9.55
CA ALA A 341 11.85 -13.54 8.94
C ALA A 341 11.67 -12.25 8.13
N ARG A 342 12.13 -11.11 8.67
CA ARG A 342 12.06 -9.79 8.03
C ARG A 342 12.92 -9.79 6.74
N SER A 343 14.14 -10.35 6.83
CA SER A 343 15.06 -10.45 5.70
C SER A 343 14.50 -11.37 4.61
N PHE A 344 13.82 -12.45 5.01
CA PHE A 344 13.22 -13.42 4.11
C PHE A 344 12.08 -12.81 3.31
N VAL A 345 11.27 -11.97 3.95
CA VAL A 345 10.14 -11.31 3.30
C VAL A 345 10.63 -10.26 2.29
N GLU A 346 11.64 -9.47 2.68
CA GLU A 346 12.16 -8.44 1.81
C GLU A 346 13.08 -8.97 0.70
N HIS A 347 13.58 -10.21 0.82
CA HIS A 347 14.41 -10.80 -0.23
C HIS A 347 13.64 -11.62 -1.26
N CYS A 348 12.32 -11.59 -1.22
CA CYS A 348 11.49 -12.31 -2.19
C CYS A 348 11.23 -11.39 -3.38
N SER A 349 11.35 -11.92 -4.60
CA SER A 349 11.10 -11.12 -5.80
C SER A 349 9.85 -11.60 -6.53
N LEU A 350 9.74 -12.91 -6.78
CA LEU A 350 8.57 -13.50 -7.43
C LEU A 350 7.41 -13.53 -6.44
N VAL A 351 7.68 -13.97 -5.20
CA VAL A 351 6.66 -14.00 -4.17
C VAL A 351 6.44 -12.57 -3.66
N VAL A 352 5.20 -12.09 -3.72
CA VAL A 352 4.86 -10.72 -3.33
C VAL A 352 4.61 -10.56 -1.84
N HIS A 353 5.21 -9.52 -1.21
CA HIS A 353 4.98 -9.28 0.21
C HIS A 353 3.75 -8.41 0.42
N ALA A 354 2.63 -9.01 0.83
CA ALA A 354 1.38 -8.30 1.08
C ALA A 354 0.52 -9.04 2.12
N VAL A 355 -0.42 -8.32 2.76
CA VAL A 355 -1.28 -8.93 3.78
C VAL A 355 -2.60 -9.46 3.23
N SER A 356 -2.57 -10.66 2.62
CA SER A 356 -3.77 -11.32 2.12
C SER A 356 -3.49 -12.79 1.74
N LEU A 357 -4.51 -13.53 1.31
CA LEU A 357 -4.35 -14.93 0.93
C LEU A 357 -5.36 -15.33 -0.18
N GLY A 358 -5.13 -16.50 -0.77
CA GLY A 358 -6.02 -17.04 -1.80
C GLY A 358 -6.02 -16.33 -3.13
N GLY A 359 -4.98 -15.55 -3.40
CA GLY A 359 -4.87 -14.83 -4.67
C GLY A 359 -4.32 -15.70 -5.78
N ALA A 360 -4.15 -15.13 -6.98
CA ALA A 360 -3.59 -15.87 -8.11
C ALA A 360 -2.09 -16.10 -7.91
N ASP A 361 -1.39 -15.13 -7.32
CA ASP A 361 0.04 -15.25 -7.05
C ASP A 361 0.33 -15.61 -5.58
N THR A 362 1.54 -16.11 -5.32
CA THR A 362 1.96 -16.49 -3.98
C THR A 362 2.25 -15.25 -3.15
N LEU A 363 1.66 -15.15 -1.96
CA LEU A 363 1.87 -14.00 -1.10
C LEU A 363 2.64 -14.40 0.16
N ILE A 364 3.43 -13.47 0.67
CA ILE A 364 4.19 -13.71 1.90
C ILE A 364 3.93 -12.57 2.89
N GLN A 365 3.92 -12.87 4.19
CA GLN A 365 3.70 -11.85 5.21
C GLN A 365 4.37 -12.21 6.52
N HIS A 366 4.66 -11.19 7.32
CA HIS A 366 5.25 -11.37 8.64
C HIS A 366 4.15 -11.01 9.64
N PRO A 367 3.47 -11.99 10.24
CA PRO A 367 2.38 -11.67 11.17
C PRO A 367 2.83 -10.95 12.43
N ALA A 368 4.04 -11.27 12.93
CA ALA A 368 4.57 -10.63 14.11
C ALA A 368 4.90 -9.15 13.91
N SER A 369 5.11 -8.72 12.65
CA SER A 369 5.43 -7.35 12.32
C SER A 369 4.25 -6.37 12.45
N LEU A 370 3.01 -6.89 12.46
CA LEU A 370 1.84 -6.03 12.58
C LEU A 370 1.72 -5.40 13.97
N THR A 371 2.20 -6.11 15.01
CA THR A 371 2.15 -5.62 16.37
C THR A 371 3.53 -5.09 16.83
N HIS A 372 4.61 -5.78 16.44
CA HIS A 372 5.97 -5.36 16.80
C HIS A 372 6.55 -4.65 15.57
N ARG A 373 6.33 -3.32 15.44
CA ARG A 373 6.67 -2.63 14.19
C ARG A 373 7.99 -1.82 14.24
N PRO A 374 8.18 -0.81 15.11
CA PRO A 374 9.45 -0.04 15.06
C PRO A 374 10.63 -0.73 15.76
N VAL A 375 10.83 -2.02 15.48
CA VAL A 375 11.86 -2.88 16.06
C VAL A 375 13.28 -2.28 15.93
N ALA A 376 13.59 -1.63 14.78
CA ALA A 376 14.88 -0.98 14.50
C ALA A 376 16.07 -1.95 14.46
N ALA A 377 15.86 -3.12 13.83
CA ALA A 377 16.83 -4.20 13.61
C ALA A 377 17.56 -4.73 14.87
N THR A 378 16.80 -5.32 15.81
CA THR A 378 17.37 -5.93 17.01
C THR A 378 17.31 -7.45 16.87
N ALA A 379 18.30 -8.18 17.41
CA ALA A 379 18.36 -9.65 17.28
C ALA A 379 17.36 -10.41 18.17
N LYS A 380 16.07 -10.31 17.84
CA LYS A 380 14.97 -10.96 18.57
C LYS A 380 15.09 -12.48 18.55
N PRO A 381 14.97 -13.10 19.73
CA PRO A 381 15.07 -14.57 19.80
C PRO A 381 13.85 -15.27 19.19
N GLY A 382 12.66 -14.74 19.46
CA GLY A 382 11.43 -15.32 18.94
C GLY A 382 10.84 -14.57 17.76
N ASP A 383 9.53 -14.75 17.54
CA ASP A 383 8.75 -14.12 16.46
C ASP A 383 9.32 -14.42 15.07
N GLY A 384 9.52 -15.69 14.77
CA GLY A 384 10.09 -16.10 13.50
C GLY A 384 9.13 -16.81 12.56
N LEU A 385 7.82 -16.67 12.79
CA LEU A 385 6.82 -17.31 11.95
C LEU A 385 6.50 -16.47 10.71
N ILE A 386 6.43 -17.12 9.55
CA ILE A 386 6.12 -16.46 8.29
C ILE A 386 4.95 -17.16 7.63
N ARG A 387 3.87 -16.43 7.34
CA ARG A 387 2.73 -17.03 6.64
C ARG A 387 3.01 -17.00 5.13
N LEU A 388 2.47 -17.98 4.42
CA LEU A 388 2.68 -18.08 2.98
C LEU A 388 1.43 -18.64 2.32
N SER A 389 0.85 -17.90 1.37
CA SER A 389 -0.34 -18.35 0.65
C SER A 389 0.05 -18.80 -0.75
N VAL A 390 0.10 -20.11 -0.98
CA VAL A 390 0.50 -20.68 -2.27
C VAL A 390 -0.47 -20.31 -3.41
N GLY A 391 0.10 -19.76 -4.49
CA GLY A 391 -0.67 -19.35 -5.66
C GLY A 391 -0.77 -20.41 -6.73
N LEU A 392 -0.92 -19.98 -7.99
CA LEU A 392 -1.07 -20.90 -9.12
C LEU A 392 0.21 -21.02 -9.95
N GLU A 393 1.38 -20.89 -9.32
CA GLU A 393 2.65 -20.99 -10.03
C GLU A 393 3.28 -22.40 -9.94
N HIS A 394 4.38 -22.62 -10.66
CA HIS A 394 5.10 -23.88 -10.66
C HIS A 394 5.87 -24.01 -9.33
N VAL A 395 5.92 -25.24 -8.79
CA VAL A 395 6.61 -25.51 -7.53
C VAL A 395 8.13 -25.24 -7.63
N ASP A 396 8.76 -25.48 -8.80
CA ASP A 396 10.20 -25.24 -8.99
C ASP A 396 10.52 -23.75 -8.88
N ASP A 397 9.67 -22.89 -9.47
CA ASP A 397 9.88 -21.45 -9.44
C ASP A 397 9.67 -20.85 -8.06
N LEU A 398 8.72 -21.40 -7.30
CA LEU A 398 8.46 -20.91 -5.95
C LEU A 398 9.54 -21.42 -4.98
N GLU A 399 10.03 -22.65 -5.19
CA GLU A 399 11.08 -23.27 -4.39
C GLU A 399 12.38 -22.50 -4.60
N ASP A 400 12.73 -22.17 -5.85
CA ASP A 400 13.96 -21.44 -6.17
C ASP A 400 13.94 -20.00 -5.63
N ASP A 401 12.77 -19.34 -5.64
CA ASP A 401 12.65 -17.97 -5.16
C ASP A 401 12.80 -17.88 -3.65
N LEU A 402 12.08 -18.75 -2.91
CA LEU A 402 12.14 -18.77 -1.45
C LEU A 402 13.49 -19.26 -0.94
N ILE A 403 14.14 -20.17 -1.66
CA ILE A 403 15.48 -20.62 -1.29
C ILE A 403 16.48 -19.47 -1.44
N ALA A 404 16.33 -18.65 -2.49
CA ALA A 404 17.19 -17.49 -2.71
C ALA A 404 17.03 -16.46 -1.59
N ALA A 405 15.79 -16.23 -1.14
CA ALA A 405 15.49 -15.28 -0.08
C ALA A 405 16.02 -15.76 1.27
N LEU A 406 15.99 -17.08 1.52
CA LEU A 406 16.50 -17.66 2.75
C LEU A 406 18.03 -17.53 2.80
N ASP A 407 18.69 -17.79 1.66
CA ASP A 407 20.15 -17.68 1.57
C ASP A 407 20.65 -16.25 1.78
N ALA A 408 19.81 -15.25 1.51
CA ALA A 408 20.17 -13.85 1.74
C ALA A 408 20.06 -13.55 3.24
N SER A 409 21.15 -13.77 3.98
CA SER A 409 21.18 -13.54 5.43
C SER A 409 22.60 -13.23 5.93
N ASN B 22 -6.83 27.48 -5.21
CA ASN B 22 -7.35 28.85 -5.12
C ASN B 22 -8.89 28.90 -5.02
N SER B 23 -9.46 30.09 -4.73
CA SER B 23 -10.90 30.33 -4.61
C SER B 23 -11.64 29.89 -5.86
N MET B 24 -12.22 28.70 -5.82
CA MET B 24 -12.91 28.13 -6.96
C MET B 24 -14.42 28.16 -6.76
N HIS B 25 -15.18 28.39 -7.85
CA HIS B 25 -16.64 28.38 -7.76
C HIS B 25 -17.10 26.93 -7.58
N PRO B 26 -18.24 26.71 -6.92
CA PRO B 26 -18.71 25.33 -6.70
C PRO B 26 -18.86 24.51 -7.97
N GLU B 27 -19.24 25.14 -9.08
CA GLU B 27 -19.41 24.47 -10.37
C GLU B 27 -18.09 23.91 -10.89
N THR B 28 -16.99 24.68 -10.73
CA THR B 28 -15.65 24.26 -11.15
C THR B 28 -15.10 23.21 -10.16
N LEU B 29 -15.36 23.41 -8.87
CA LEU B 29 -14.94 22.52 -7.79
C LEU B 29 -15.56 21.13 -7.90
N MET B 30 -16.77 21.03 -8.47
CA MET B 30 -17.44 19.74 -8.66
C MET B 30 -16.76 18.90 -9.74
N VAL B 31 -16.25 19.56 -10.78
CA VAL B 31 -15.58 18.90 -11.91
C VAL B 31 -14.14 18.49 -11.56
N HIS B 32 -13.37 19.41 -10.98
CA HIS B 32 -11.98 19.13 -10.68
C HIS B 32 -11.69 18.63 -9.27
N GLY B 33 -12.70 18.59 -8.41
CA GLY B 33 -12.54 18.13 -7.04
C GLY B 33 -12.21 16.66 -6.96
N GLY B 34 -11.22 16.31 -6.16
CA GLY B 34 -10.79 14.92 -6.03
C GLY B 34 -9.93 14.41 -7.18
N MET B 35 -9.69 15.26 -8.20
CA MET B 35 -8.89 14.92 -9.38
C MET B 35 -7.46 15.46 -9.23
N ASP B 36 -6.92 15.44 -8.02
CA ASP B 36 -5.58 15.97 -7.75
C ASP B 36 -4.50 15.01 -8.21
N GLY B 37 -3.55 15.50 -8.99
CA GLY B 37 -2.44 14.69 -9.47
C GLY B 37 -2.71 13.84 -10.69
N LEU B 38 -3.96 13.82 -11.18
CA LEU B 38 -4.30 13.02 -12.35
C LEU B 38 -3.70 13.61 -13.62
N THR B 39 -3.76 14.94 -13.78
CA THR B 39 -3.17 15.64 -14.93
C THR B 39 -1.66 15.36 -15.01
N GLU B 40 -1.00 15.31 -13.84
CA GLU B 40 0.43 15.05 -13.70
C GLU B 40 0.77 13.59 -13.99
N ALA B 41 -0.11 12.66 -13.65
CA ALA B 41 0.09 11.24 -13.92
C ALA B 41 -0.07 10.83 -15.40
N GLY B 42 -0.70 11.69 -16.20
CA GLY B 42 -0.92 11.42 -17.61
C GLY B 42 -2.25 10.74 -17.90
N VAL B 43 -3.23 10.85 -16.99
CA VAL B 43 -4.56 10.26 -17.14
C VAL B 43 -5.66 11.33 -17.08
N HIS B 44 -6.83 11.02 -17.65
CA HIS B 44 -7.96 11.96 -17.69
C HIS B 44 -8.96 11.72 -16.56
N VAL B 45 -9.14 10.45 -16.18
CA VAL B 45 -10.06 10.07 -15.11
C VAL B 45 -9.33 9.22 -14.05
N PRO B 46 -9.80 9.18 -12.79
CA PRO B 46 -9.12 8.35 -11.78
C PRO B 46 -9.20 6.86 -12.12
N ALA B 47 -8.08 6.14 -11.98
CA ALA B 47 -8.04 4.72 -12.30
C ALA B 47 -8.83 3.91 -11.29
N ILE B 48 -9.45 2.82 -11.76
CA ILE B 48 -10.24 1.95 -10.88
C ILE B 48 -9.34 0.83 -10.38
N ASP B 49 -8.81 0.98 -9.16
CA ASP B 49 -7.93 -0.01 -8.57
C ASP B 49 -8.75 -0.97 -7.73
N LEU B 50 -9.02 -2.17 -8.27
CA LEU B 50 -9.81 -3.17 -7.56
C LEU B 50 -9.02 -3.96 -6.50
N SER B 51 -7.69 -3.76 -6.41
CA SER B 51 -6.78 -4.44 -5.49
C SER B 51 -7.30 -4.57 -4.07
N THR B 52 -7.49 -5.82 -3.62
CA THR B 52 -7.93 -6.09 -2.25
C THR B 52 -6.76 -5.87 -1.29
N THR B 53 -5.57 -6.33 -1.67
CA THR B 53 -4.37 -6.18 -0.85
C THR B 53 -3.34 -5.29 -1.57
N ASN B 54 -2.48 -4.61 -0.80
CA ASN B 54 -1.47 -3.73 -1.37
C ASN B 54 -0.08 -4.11 -0.88
N PRO B 55 0.83 -4.44 -1.81
CA PRO B 55 2.20 -4.82 -1.40
C PRO B 55 2.94 -3.68 -0.70
N VAL B 56 3.89 -4.03 0.18
CA VAL B 56 4.63 -3.03 0.93
C VAL B 56 6.11 -2.96 0.52
N ASN B 57 6.72 -1.77 0.66
CA ASN B 57 8.13 -1.59 0.32
C ASN B 57 9.00 -2.27 1.37
N ASP B 58 8.79 -1.93 2.63
CA ASP B 58 9.54 -2.53 3.73
C ASP B 58 8.58 -3.10 4.78
N VAL B 59 9.08 -4.03 5.59
CA VAL B 59 8.31 -4.61 6.68
C VAL B 59 8.05 -3.51 7.74
N ALA B 60 9.09 -2.71 8.04
CA ALA B 60 8.98 -1.61 9.00
C ALA B 60 8.04 -0.51 8.52
N THR B 61 8.15 -0.11 7.24
CA THR B 61 7.29 0.94 6.68
C THR B 61 5.84 0.47 6.51
N GLY B 62 5.66 -0.80 6.16
CA GLY B 62 4.35 -1.40 6.00
C GLY B 62 3.61 -1.58 7.31
N GLY B 63 4.35 -1.88 8.37
CA GLY B 63 3.80 -2.05 9.71
C GLY B 63 3.34 -0.72 10.27
N ASP B 64 4.08 0.36 10.00
CA ASP B 64 3.72 1.70 10.46
C ASP B 64 2.47 2.19 9.72
N SER B 65 2.39 1.92 8.41
CA SER B 65 1.24 2.30 7.60
C SER B 65 -0.02 1.55 8.04
N TYR B 66 0.13 0.31 8.53
CA TYR B 66 -0.96 -0.52 9.03
C TYR B 66 -1.52 0.10 10.33
N GLU B 67 -0.64 0.46 11.27
CA GLU B 67 -1.02 1.06 12.55
C GLU B 67 -1.68 2.42 12.34
N TRP B 68 -1.13 3.23 11.43
CA TRP B 68 -1.61 4.56 11.08
C TRP B 68 -3.01 4.50 10.48
N LEU B 69 -3.26 3.53 9.58
CA LEU B 69 -4.56 3.38 8.96
C LEU B 69 -5.59 2.72 9.88
N ALA B 70 -5.15 1.79 10.72
CA ALA B 70 -6.06 1.12 11.66
C ALA B 70 -6.52 2.09 12.75
N THR B 71 -5.66 3.05 13.13
CA THR B 71 -6.04 4.04 14.14
C THR B 71 -6.99 5.15 13.62
N GLY B 72 -7.41 5.06 12.36
CA GLY B 72 -8.36 6.00 11.79
C GLY B 72 -7.76 7.19 11.07
N HIS B 73 -6.44 7.21 10.88
CA HIS B 73 -5.81 8.32 10.19
C HIS B 73 -5.83 8.14 8.66
N ALA B 74 -5.69 9.25 7.91
CA ALA B 74 -5.69 9.17 6.46
C ALA B 74 -4.34 8.68 5.93
N LEU B 75 -4.34 8.00 4.76
CA LEU B 75 -3.11 7.47 4.18
C LEU B 75 -2.14 8.57 3.79
N LYS B 76 -0.94 8.55 4.40
CA LYS B 76 0.09 9.52 4.07
C LYS B 76 0.67 9.23 2.69
N ASP B 77 1.03 10.28 1.96
CA ASP B 77 1.56 10.13 0.59
C ASP B 77 2.90 9.39 0.57
N GLY B 78 3.00 8.45 -0.35
CA GLY B 78 4.18 7.61 -0.49
C GLY B 78 4.18 6.39 0.41
N ASP B 79 2.99 5.99 0.90
CA ASP B 79 2.85 4.84 1.77
C ASP B 79 1.87 3.85 1.18
N SER B 80 2.10 2.56 1.37
CA SER B 80 1.21 1.52 0.82
C SER B 80 -0.13 1.56 1.50
N ALA B 81 -1.21 1.36 0.74
CA ALA B 81 -2.55 1.34 1.32
C ALA B 81 -2.80 0.12 2.24
N VAL B 82 -1.88 -0.88 2.21
CA VAL B 82 -1.82 -2.11 2.99
C VAL B 82 -2.96 -3.10 2.66
N TYR B 83 -4.22 -2.68 2.86
CA TYR B 83 -5.40 -3.49 2.61
C TYR B 83 -6.58 -2.57 2.24
N GLN B 84 -7.56 -3.05 1.46
CA GLN B 84 -8.69 -2.22 1.04
C GLN B 84 -9.56 -1.80 2.23
N ARG B 85 -9.68 -2.65 3.25
CA ARG B 85 -10.45 -2.31 4.46
C ARG B 85 -9.80 -1.16 5.25
N LEU B 86 -8.50 -0.96 5.09
CA LEU B 86 -7.76 0.12 5.74
C LEU B 86 -7.78 1.36 4.85
N TRP B 87 -7.56 1.18 3.53
CA TRP B 87 -7.57 2.29 2.59
C TRP B 87 -7.78 1.87 1.13
N GLN B 88 -8.59 2.64 0.40
CA GLN B 88 -8.85 2.42 -1.02
C GLN B 88 -8.66 3.75 -1.74
N PRO B 89 -7.73 3.81 -2.72
CA PRO B 89 -7.47 5.09 -3.40
C PRO B 89 -8.65 5.70 -4.16
N GLY B 90 -9.51 4.86 -4.71
CA GLY B 90 -10.69 5.33 -5.44
C GLY B 90 -11.67 6.02 -4.52
N VAL B 91 -11.93 5.39 -3.37
CA VAL B 91 -12.81 5.91 -2.34
C VAL B 91 -12.25 7.22 -1.82
N ALA B 92 -10.93 7.25 -1.56
CA ALA B 92 -10.21 8.43 -1.07
C ALA B 92 -10.43 9.67 -1.92
N ARG B 93 -10.41 9.53 -3.26
CA ARG B 93 -10.61 10.67 -4.16
C ARG B 93 -12.03 11.21 -4.03
N PHE B 94 -13.02 10.31 -3.92
CA PHE B 94 -14.42 10.69 -3.76
C PHE B 94 -14.64 11.38 -2.41
N GLU B 95 -13.92 10.94 -1.36
CA GLU B 95 -14.01 11.54 -0.04
C GLU B 95 -13.53 12.99 -0.09
N THR B 96 -12.34 13.24 -0.66
CA THR B 96 -11.81 14.60 -0.73
C THR B 96 -12.65 15.51 -1.62
N ALA B 97 -13.29 14.96 -2.66
CA ALA B 97 -14.13 15.75 -3.55
C ALA B 97 -15.36 16.31 -2.79
N LEU B 98 -16.03 15.47 -1.99
CA LEU B 98 -17.19 15.91 -1.22
C LEU B 98 -16.81 16.82 -0.06
N ALA B 99 -15.67 16.55 0.60
CA ALA B 99 -15.21 17.37 1.70
C ALA B 99 -14.94 18.81 1.25
N GLU B 100 -14.47 18.99 0.00
CA GLU B 100 -14.21 20.32 -0.57
C GLU B 100 -15.53 21.04 -0.86
N LEU B 101 -16.51 20.29 -1.40
CA LEU B 101 -17.86 20.76 -1.75
C LEU B 101 -18.61 21.22 -0.50
N GLU B 102 -18.43 20.51 0.61
CA GLU B 102 -19.09 20.78 1.89
C GLU B 102 -18.31 21.70 2.82
N HIS B 103 -17.02 21.95 2.54
CA HIS B 103 -16.10 22.78 3.33
C HIS B 103 -15.76 22.16 4.70
N ALA B 104 -15.76 20.82 4.77
CA ALA B 104 -15.43 20.08 5.98
C ALA B 104 -13.98 19.58 5.92
N ASP B 105 -13.36 19.37 7.08
CA ASP B 105 -11.98 18.91 7.18
C ASP B 105 -11.69 17.63 6.38
N GLU B 106 -12.49 16.57 6.61
CA GLU B 106 -12.32 15.28 5.94
C GLU B 106 -13.69 14.63 5.64
N ALA B 107 -13.71 13.51 4.91
CA ALA B 107 -14.95 12.78 4.64
C ALA B 107 -14.69 11.27 4.68
N VAL B 108 -15.70 10.48 5.09
CA VAL B 108 -15.55 9.03 5.18
C VAL B 108 -16.63 8.33 4.36
N ALA B 109 -16.24 7.51 3.36
CA ALA B 109 -17.21 6.82 2.50
C ALA B 109 -17.48 5.36 2.87
N PHE B 110 -18.77 4.99 2.83
CA PHE B 110 -19.30 3.68 3.18
C PHE B 110 -20.17 3.09 2.05
N ALA B 111 -20.50 1.79 2.16
CA ALA B 111 -21.30 1.07 1.18
C ALA B 111 -22.63 1.77 0.87
N THR B 112 -23.35 2.22 1.91
CA THR B 112 -24.65 2.88 1.77
C THR B 112 -24.77 4.08 2.75
N GLY B 113 -25.84 4.87 2.64
CA GLY B 113 -26.10 5.97 3.55
C GLY B 113 -26.36 5.47 4.96
N MET B 114 -26.99 4.29 5.06
CA MET B 114 -27.27 3.61 6.32
C MET B 114 -26.00 3.08 6.98
N ALA B 115 -24.99 2.69 6.18
CA ALA B 115 -23.70 2.23 6.68
C ALA B 115 -22.90 3.38 7.29
N ALA B 116 -23.06 4.60 6.75
CA ALA B 116 -22.41 5.80 7.26
C ALA B 116 -23.07 6.22 8.58
N MET B 117 -24.42 6.15 8.63
CA MET B 117 -25.19 6.47 9.83
C MET B 117 -24.88 5.44 10.93
N THR B 118 -24.74 4.15 10.56
CA THR B 118 -24.41 3.07 11.48
C THR B 118 -23.05 3.31 12.13
N ALA B 119 -22.05 3.71 11.34
CA ALA B 119 -20.72 3.99 11.84
C ALA B 119 -20.71 5.22 12.75
N ALA B 120 -21.52 6.24 12.43
CA ALA B 120 -21.63 7.44 13.23
C ALA B 120 -22.24 7.13 14.60
N LEU B 121 -23.22 6.23 14.64
CA LEU B 121 -23.86 5.83 15.89
C LEU B 121 -22.93 4.92 16.70
N LEU B 122 -22.23 3.99 16.04
CA LEU B 122 -21.30 3.08 16.71
C LEU B 122 -20.13 3.83 17.34
N ALA B 123 -19.65 4.89 16.68
CA ALA B 123 -18.56 5.70 17.21
C ALA B 123 -18.98 6.46 18.46
N ALA B 124 -20.23 6.95 18.48
CA ALA B 124 -20.78 7.69 19.62
C ALA B 124 -20.91 6.78 20.83
N VAL B 125 -21.35 5.53 20.62
CA VAL B 125 -21.52 4.55 21.69
C VAL B 125 -20.18 4.21 22.34
N ASN B 126 -19.16 3.94 21.51
CA ASN B 126 -17.83 3.61 22.02
C ASN B 126 -17.13 4.78 22.70
N ALA B 127 -17.49 6.03 22.34
CA ALA B 127 -16.94 7.20 23.02
C ALA B 127 -17.64 7.50 24.38
N GLY B 128 -18.52 6.60 24.83
CA GLY B 128 -19.25 6.78 26.08
C GLY B 128 -20.50 7.64 25.96
N THR B 129 -20.95 7.91 24.74
CA THR B 129 -22.14 8.74 24.53
C THR B 129 -23.19 7.98 23.70
N PRO B 130 -23.86 6.97 24.28
CA PRO B 130 -24.85 6.22 23.49
C PRO B 130 -26.17 6.95 23.25
N HIS B 131 -26.42 8.05 23.98
CA HIS B 131 -27.67 8.80 23.83
C HIS B 131 -27.67 9.70 22.60
N ILE B 132 -28.77 9.68 21.86
CA ILE B 132 -28.93 10.53 20.67
C ILE B 132 -30.24 11.31 20.77
N VAL B 133 -30.16 12.64 20.65
CA VAL B 133 -31.34 13.48 20.66
C VAL B 133 -31.72 13.70 19.18
N ALA B 134 -32.64 12.88 18.69
CA ALA B 134 -33.08 12.95 17.30
C ALA B 134 -34.30 13.85 17.14
N VAL B 135 -34.25 14.74 16.14
CA VAL B 135 -35.34 15.66 15.86
C VAL B 135 -36.21 15.15 14.70
N ARG B 136 -37.46 14.77 15.00
CA ARG B 136 -38.38 14.26 13.98
C ARG B 136 -38.99 15.40 13.13
N PRO B 137 -39.37 15.14 11.86
CA PRO B 137 -39.34 13.84 11.14
C PRO B 137 -37.97 13.46 10.62
N LEU B 138 -37.71 12.16 10.57
CA LEU B 138 -36.45 11.64 10.04
C LEU B 138 -36.70 10.59 8.95
N TYR B 139 -35.66 10.25 8.17
CA TYR B 139 -35.75 9.24 7.12
C TYR B 139 -36.10 7.88 7.76
N GLY B 140 -36.97 7.12 7.10
CA GLY B 140 -37.44 5.82 7.56
C GLY B 140 -36.42 4.90 8.22
N GLY B 141 -35.30 4.69 7.54
CA GLY B 141 -34.21 3.86 8.02
C GLY B 141 -33.48 4.43 9.23
N SER B 142 -33.22 5.74 9.22
CA SER B 142 -32.56 6.41 10.35
C SER B 142 -33.45 6.38 11.58
N ASP B 143 -34.76 6.59 11.40
CA ASP B 143 -35.75 6.58 12.46
C ASP B 143 -35.89 5.17 13.05
N HIS B 144 -35.89 4.14 12.19
CA HIS B 144 -36.02 2.75 12.65
C HIS B 144 -34.77 2.24 13.32
N LEU B 145 -33.60 2.75 12.96
CA LEU B 145 -32.33 2.32 13.58
C LEU B 145 -32.21 2.84 15.01
N LEU B 146 -32.71 4.06 15.25
CA LEU B 146 -32.68 4.67 16.58
C LEU B 146 -33.74 4.06 17.49
N GLU B 147 -34.91 3.70 16.93
CA GLU B 147 -36.00 3.10 17.70
C GLU B 147 -35.65 1.69 18.13
N THR B 148 -35.01 0.92 17.25
CA THR B 148 -34.63 -0.45 17.57
C THR B 148 -33.49 -0.52 18.59
N GLY B 149 -32.56 0.44 18.52
CA GLY B 149 -31.41 0.49 19.40
C GLY B 149 -30.49 -0.70 19.18
N LEU B 150 -30.35 -1.12 17.91
CA LEU B 150 -29.55 -2.25 17.48
C LEU B 150 -28.06 -2.06 17.81
N LEU B 151 -27.58 -0.82 17.74
CA LEU B 151 -26.17 -0.52 18.02
C LEU B 151 -25.89 -0.07 19.47
N GLY B 152 -26.83 -0.30 20.37
CA GLY B 152 -26.69 0.07 21.78
C GLY B 152 -26.88 1.56 22.01
N THR B 153 -27.84 2.17 21.31
CA THR B 153 -28.12 3.60 21.43
C THR B 153 -29.46 3.85 22.10
N THR B 154 -29.56 4.92 22.89
CA THR B 154 -30.82 5.31 23.52
C THR B 154 -31.28 6.61 22.85
N VAL B 155 -32.48 6.62 22.25
CA VAL B 155 -32.96 7.81 21.54
C VAL B 155 -33.97 8.61 22.37
N THR B 156 -34.02 9.93 22.13
CA THR B 156 -34.95 10.84 22.76
C THR B 156 -35.51 11.72 21.64
N TRP B 157 -36.71 11.39 21.16
CA TRP B 157 -37.34 12.12 20.07
C TRP B 157 -37.89 13.46 20.54
N ALA B 158 -37.21 14.55 20.16
CA ALA B 158 -37.62 15.88 20.58
C ALA B 158 -37.93 16.80 19.40
N LYS B 159 -38.80 17.79 19.64
CA LYS B 159 -39.15 18.77 18.61
C LYS B 159 -38.02 19.82 18.49
N GLU B 160 -38.10 20.74 17.50
CA GLU B 160 -37.07 21.76 17.31
C GLU B 160 -36.92 22.67 18.54
N ALA B 161 -38.04 22.98 19.23
CA ALA B 161 -37.99 23.82 20.42
C ALA B 161 -37.64 23.06 21.72
N GLU B 162 -37.59 21.72 21.67
CA GLU B 162 -37.29 20.90 22.84
C GLU B 162 -35.88 20.29 22.79
N ILE B 163 -34.98 20.80 21.94
CA ILE B 163 -33.64 20.24 21.80
C ILE B 163 -32.78 20.41 23.06
N ALA B 164 -32.57 21.65 23.52
CA ALA B 164 -31.74 21.94 24.70
C ALA B 164 -32.21 21.23 25.97
N SER B 165 -33.51 20.98 26.10
CA SER B 165 -34.06 20.30 27.27
C SER B 165 -33.86 18.79 27.19
N ALA B 166 -33.93 18.21 25.98
CA ALA B 166 -33.75 16.77 25.80
C ALA B 166 -32.30 16.28 25.89
N ILE B 167 -31.34 17.21 25.98
CA ILE B 167 -29.93 16.84 26.06
C ILE B 167 -29.54 16.32 27.43
N GLN B 168 -29.05 15.09 27.47
CA GLN B 168 -28.60 14.43 28.69
C GLN B 168 -27.07 14.44 28.77
N ASP B 169 -26.50 14.26 29.98
CA ASP B 169 -25.05 14.18 30.17
C ASP B 169 -24.40 12.99 29.41
N ASP B 170 -25.22 12.12 28.80
CA ASP B 170 -24.82 10.95 28.03
C ASP B 170 -25.02 11.12 26.50
N THR B 171 -25.44 12.31 26.04
CA THR B 171 -25.69 12.56 24.62
C THR B 171 -24.42 12.74 23.79
N GLY B 172 -24.32 12.02 22.69
CA GLY B 172 -23.16 12.10 21.81
C GLY B 172 -23.44 12.74 20.46
N LEU B 173 -24.69 12.65 19.98
CA LEU B 173 -25.06 13.23 18.69
C LEU B 173 -26.47 13.81 18.66
N VAL B 174 -26.68 14.80 17.79
CA VAL B 174 -27.99 15.42 17.57
C VAL B 174 -28.30 15.25 16.09
N ILE B 175 -29.12 14.27 15.74
CA ILE B 175 -29.44 13.99 14.35
C ILE B 175 -30.66 14.76 13.85
N VAL B 176 -30.46 15.64 12.86
CA VAL B 176 -31.53 16.46 12.28
C VAL B 176 -31.53 16.31 10.75
N GLU B 177 -32.68 16.55 10.09
CA GLU B 177 -32.80 16.38 8.64
C GLU B 177 -33.64 17.51 8.04
N THR B 178 -33.09 18.24 7.06
CA THR B 178 -33.82 19.34 6.43
C THR B 178 -33.53 19.44 4.92
N PRO B 179 -34.57 19.42 4.06
CA PRO B 179 -36.02 19.29 4.38
C PRO B 179 -36.39 17.88 4.82
N ALA B 180 -37.43 17.78 5.66
CA ALA B 180 -37.91 16.51 6.21
C ALA B 180 -38.42 15.54 5.13
N ASN B 181 -38.46 14.25 5.45
CA ASN B 181 -38.94 13.25 4.50
C ASN B 181 -40.17 12.53 5.08
N PRO B 182 -41.32 12.57 4.37
CA PRO B 182 -41.55 13.14 3.04
C PRO B 182 -42.25 14.52 2.99
N SER B 183 -42.54 15.10 4.15
CA SER B 183 -43.26 16.37 4.29
C SER B 183 -42.56 17.59 3.73
N LEU B 184 -41.22 17.53 3.62
CA LEU B 184 -40.36 18.62 3.14
C LEU B 184 -40.38 19.84 4.05
N ASP B 185 -40.58 19.62 5.35
CA ASP B 185 -40.61 20.70 6.34
C ASP B 185 -39.16 21.13 6.64
N LEU B 186 -38.90 22.43 6.64
CA LEU B 186 -37.54 22.94 6.88
C LEU B 186 -37.23 23.12 8.35
N VAL B 187 -35.98 22.86 8.74
CA VAL B 187 -35.53 23.01 10.13
C VAL B 187 -34.42 24.07 10.16
N ASP B 188 -34.52 25.07 11.07
CA ASP B 188 -33.50 26.11 11.17
C ASP B 188 -32.23 25.56 11.82
N LEU B 189 -31.18 25.32 11.01
CA LEU B 189 -29.92 24.76 11.49
C LEU B 189 -29.16 25.69 12.44
N ASP B 190 -29.39 27.00 12.34
CA ASP B 190 -28.75 27.95 13.24
C ASP B 190 -29.29 27.80 14.67
N SER B 191 -30.58 27.45 14.80
CA SER B 191 -31.21 27.24 16.10
C SER B 191 -30.84 25.88 16.70
N VAL B 192 -30.68 24.85 15.85
CA VAL B 192 -30.32 23.51 16.30
C VAL B 192 -28.93 23.47 16.93
N VAL B 193 -27.94 24.04 16.24
CA VAL B 193 -26.55 24.10 16.72
C VAL B 193 -26.43 24.93 18.00
N ALA B 194 -27.22 26.00 18.11
CA ALA B 194 -27.22 26.85 19.30
C ALA B 194 -27.83 26.11 20.50
N ALA B 195 -28.86 25.28 20.25
CA ALA B 195 -29.51 24.50 21.31
C ALA B 195 -28.65 23.30 21.72
N ALA B 196 -27.88 22.73 20.79
CA ALA B 196 -27.03 21.57 21.10
C ALA B 196 -25.82 21.98 21.94
N GLY B 197 -25.26 23.14 21.65
CA GLY B 197 -24.10 23.66 22.36
C GLY B 197 -22.86 22.80 22.17
N THR B 198 -22.45 22.11 23.24
CA THR B 198 -21.27 21.25 23.23
C THR B 198 -21.46 19.92 22.49
N VAL B 199 -22.71 19.54 22.17
CA VAL B 199 -22.99 18.28 21.48
C VAL B 199 -22.91 18.45 19.96
N PRO B 200 -22.13 17.59 19.27
CA PRO B 200 -22.02 17.69 17.81
C PRO B 200 -23.34 17.43 17.08
N VAL B 201 -23.57 18.14 15.95
CA VAL B 201 -24.81 18.01 15.18
C VAL B 201 -24.63 17.30 13.84
N LEU B 202 -25.37 16.22 13.60
CA LEU B 202 -25.33 15.50 12.33
C LEU B 202 -26.53 15.93 11.50
N VAL B 203 -26.27 16.48 10.30
CA VAL B 203 -27.34 16.93 9.42
C VAL B 203 -27.41 16.09 8.15
N ASP B 204 -28.51 15.37 7.92
CA ASP B 204 -28.71 14.53 6.72
C ASP B 204 -29.05 15.42 5.54
N ASN B 205 -28.03 15.91 4.83
CA ASN B 205 -28.18 16.82 3.70
C ASN B 205 -28.35 16.10 2.36
N THR B 206 -28.96 14.91 2.34
CA THR B 206 -29.14 14.15 1.11
C THR B 206 -30.01 14.86 0.07
N PHE B 207 -31.15 15.38 0.48
CA PHE B 207 -32.10 16.06 -0.42
C PHE B 207 -31.52 17.36 -0.99
N CYS B 208 -30.83 18.15 -0.15
CA CYS B 208 -30.29 19.45 -0.52
C CYS B 208 -29.03 19.38 -1.35
N THR B 209 -28.08 18.49 -0.98
CA THR B 209 -26.75 18.35 -1.60
C THR B 209 -25.87 19.60 -1.31
N PRO B 210 -24.54 19.55 -1.54
CA PRO B 210 -23.71 20.75 -1.27
C PRO B 210 -24.00 21.95 -2.18
N VAL B 211 -24.86 21.77 -3.20
CA VAL B 211 -25.24 22.82 -4.13
C VAL B 211 -26.17 23.82 -3.47
N LEU B 212 -27.22 23.34 -2.76
CA LEU B 212 -28.18 24.22 -2.15
C LEU B 212 -28.02 24.44 -0.63
N GLN B 213 -27.36 23.53 0.09
CA GLN B 213 -27.20 23.71 1.54
C GLN B 213 -25.84 23.18 2.04
N GLN B 214 -25.25 23.86 3.02
CA GLN B 214 -23.97 23.44 3.60
C GLN B 214 -24.06 23.53 5.12
N PRO B 215 -24.37 22.41 5.80
CA PRO B 215 -24.52 22.46 7.26
C PRO B 215 -23.28 22.86 8.05
N ILE B 216 -22.08 22.67 7.47
CA ILE B 216 -20.83 23.06 8.13
C ILE B 216 -20.80 24.57 8.38
N ARG B 217 -21.24 25.38 7.39
CA ARG B 217 -21.25 26.83 7.54
C ARG B 217 -22.23 27.32 8.63
N HIS B 218 -23.23 26.49 8.99
CA HIS B 218 -24.18 26.83 10.06
C HIS B 218 -23.70 26.40 11.45
N GLY B 219 -22.81 25.41 11.51
CA GLY B 219 -22.26 24.95 12.77
C GLY B 219 -22.35 23.45 13.02
N ALA B 220 -22.90 22.69 12.06
CA ALA B 220 -23.01 21.25 12.20
C ALA B 220 -21.63 20.60 12.19
N ALA B 221 -21.45 19.53 12.97
CA ALA B 221 -20.17 18.85 13.04
C ALA B 221 -20.04 17.75 11.99
N LEU B 222 -21.13 17.05 11.71
CA LEU B 222 -21.15 15.97 10.73
C LEU B 222 -22.20 16.23 9.66
N VAL B 223 -21.89 15.94 8.38
CA VAL B 223 -22.88 16.14 7.31
C VAL B 223 -23.10 14.81 6.56
N LEU B 224 -24.19 14.12 6.85
CA LEU B 224 -24.50 12.84 6.23
C LEU B 224 -25.08 13.02 4.83
N HIS B 225 -24.64 12.18 3.89
CA HIS B 225 -25.12 12.17 2.52
C HIS B 225 -25.35 10.74 2.06
N SER B 226 -26.51 10.47 1.47
CA SER B 226 -26.77 9.17 0.87
C SER B 226 -26.41 9.37 -0.60
N ALA B 227 -25.18 9.02 -0.97
CA ALA B 227 -24.64 9.17 -2.32
C ALA B 227 -25.46 8.49 -3.42
N THR B 228 -26.36 7.57 -3.05
CA THR B 228 -27.27 6.88 -3.95
C THR B 228 -28.14 7.92 -4.69
N TYR B 230 -28.83 11.77 -5.94
CA TYR B 230 -28.19 13.00 -6.41
C TYR B 230 -26.66 12.91 -6.64
N LEU B 231 -25.87 12.43 -5.65
CA LEU B 231 -24.43 12.31 -5.82
C LEU B 231 -24.07 11.36 -6.95
N GLY B 232 -24.81 10.26 -7.05
CA GLY B 232 -24.65 9.33 -8.17
C GLY B 232 -25.34 9.94 -9.36
N GLY B 233 -26.62 10.26 -9.18
CA GLY B 233 -27.43 10.97 -10.15
C GLY B 233 -28.01 10.15 -11.28
N HIS B 234 -27.70 8.85 -11.33
CA HIS B 234 -28.21 8.00 -12.40
C HIS B 234 -28.95 6.74 -11.91
N GLY B 235 -28.95 6.49 -10.60
CA GLY B 235 -29.64 5.35 -10.01
C GLY B 235 -28.92 4.03 -10.26
N ASP B 236 -27.60 4.04 -10.21
CA ASP B 236 -26.81 2.85 -10.44
C ASP B 236 -25.73 2.61 -9.39
N ALA B 237 -25.27 3.68 -8.71
CA ALA B 237 -24.23 3.52 -7.69
C ALA B 237 -24.77 3.72 -6.28
N MET B 238 -24.58 2.72 -5.41
CA MET B 238 -25.01 2.78 -4.01
C MET B 238 -23.89 3.39 -3.19
N GLY B 239 -24.22 4.31 -2.29
CA GLY B 239 -23.20 4.94 -1.46
C GLY B 239 -23.69 5.75 -0.28
N GLY B 240 -22.75 6.16 0.56
CA GLY B 240 -23.01 6.95 1.75
C GLY B 240 -21.72 7.59 2.23
N ILE B 241 -21.76 8.89 2.55
CA ILE B 241 -20.54 9.61 2.95
C ILE B 241 -20.83 10.72 3.97
N ILE B 242 -19.95 10.89 4.96
CA ILE B 242 -20.11 11.93 5.98
C ILE B 242 -18.95 12.93 5.91
N ALA B 243 -19.25 14.21 5.65
CA ALA B 243 -18.23 15.25 5.63
C ALA B 243 -18.15 15.82 7.04
N THR B 244 -17.06 15.54 7.77
CA THR B 244 -16.92 16.00 9.15
C THR B 244 -15.48 16.42 9.52
N ASN B 245 -15.28 17.03 10.71
CA ASN B 245 -13.96 17.43 11.20
C ASN B 245 -13.04 16.22 11.40
N SER B 246 -11.72 16.45 11.39
CA SER B 246 -10.69 15.41 11.51
C SER B 246 -10.90 14.45 12.68
N ASP B 247 -11.35 14.96 13.83
CA ASP B 247 -11.58 14.13 15.00
C ASP B 247 -12.69 13.11 14.75
N TRP B 248 -13.85 13.57 14.24
CA TRP B 248 -14.97 12.67 13.95
C TRP B 248 -14.69 11.77 12.75
N ALA B 249 -13.87 12.23 11.79
CA ALA B 249 -13.50 11.43 10.62
C ALA B 249 -12.60 10.26 11.04
N MET B 250 -11.75 10.46 12.06
CA MET B 250 -10.86 9.44 12.59
C MET B 250 -11.67 8.34 13.28
N ARG B 251 -12.71 8.73 14.05
CA ARG B 251 -13.59 7.80 14.73
C ARG B 251 -14.35 6.96 13.70
N LEU B 252 -14.88 7.61 12.65
CA LEU B 252 -15.62 6.97 11.56
C LEU B 252 -14.74 6.00 10.78
N ARG B 253 -13.47 6.37 10.56
CA ARG B 253 -12.51 5.54 9.84
C ARG B 253 -12.12 4.31 10.68
N GLN B 254 -12.09 4.44 12.01
CA GLN B 254 -11.78 3.33 12.92
C GLN B 254 -12.89 2.29 12.86
N VAL B 255 -14.15 2.74 12.80
CA VAL B 255 -15.31 1.84 12.73
C VAL B 255 -15.32 1.14 11.38
N ARG B 256 -15.00 1.86 10.29
CA ARG B 256 -14.96 1.28 8.94
C ARG B 256 -13.90 0.20 8.80
N ALA B 257 -12.78 0.33 9.52
CA ALA B 257 -11.70 -0.64 9.45
C ALA B 257 -12.06 -1.99 10.12
N ILE B 258 -12.91 -1.98 11.16
CA ILE B 258 -13.26 -3.22 11.84
C ILE B 258 -14.66 -3.75 11.43
N THR B 259 -15.62 -2.85 11.15
CA THR B 259 -16.96 -3.27 10.72
C THR B 259 -17.02 -3.58 9.20
N GLY B 260 -16.09 -3.03 8.42
CA GLY B 260 -15.96 -3.28 6.99
C GLY B 260 -17.11 -2.99 6.03
N ALA B 261 -17.83 -1.89 6.20
CA ALA B 261 -18.90 -1.52 5.28
C ALA B 261 -18.29 -0.62 4.17
N LEU B 262 -17.31 -1.17 3.44
CA LEU B 262 -16.56 -0.44 2.41
C LEU B 262 -17.35 -0.09 1.16
N LEU B 263 -16.89 0.95 0.45
CA LEU B 263 -17.45 1.39 -0.83
C LEU B 263 -16.58 0.74 -1.91
N HIS B 264 -17.19 -0.07 -2.78
CA HIS B 264 -16.47 -0.78 -3.84
C HIS B 264 -15.81 0.21 -4.80
N PRO B 265 -14.60 -0.08 -5.30
CA PRO B 265 -13.94 0.85 -6.24
C PRO B 265 -14.81 1.33 -7.41
N MET B 266 -15.69 0.47 -7.94
CA MET B 266 -16.58 0.83 -9.05
C MET B 266 -17.64 1.82 -8.58
N GLY B 267 -18.17 1.59 -7.39
CA GLY B 267 -19.18 2.46 -6.80
C GLY B 267 -18.59 3.82 -6.50
N ALA B 268 -17.37 3.83 -5.96
CA ALA B 268 -16.65 5.05 -5.64
C ALA B 268 -16.30 5.87 -6.87
N TYR B 269 -16.00 5.19 -7.99
CA TYR B 269 -15.68 5.87 -9.23
C TYR B 269 -16.94 6.52 -9.81
N LEU B 270 -18.08 5.81 -9.79
CA LEU B 270 -19.32 6.34 -10.34
C LEU B 270 -19.88 7.47 -9.49
N LEU B 271 -19.69 7.41 -8.17
CA LEU B 271 -20.17 8.47 -7.27
C LEU B 271 -19.33 9.73 -7.44
N HIS B 272 -18.01 9.56 -7.66
CA HIS B 272 -17.10 10.68 -7.88
C HIS B 272 -17.37 11.27 -9.25
N ARG B 273 -17.58 10.42 -10.28
CA ARG B 273 -17.90 10.85 -11.65
C ARG B 273 -19.20 11.67 -11.67
N GLY B 274 -20.17 11.26 -10.84
CA GLY B 274 -21.46 11.92 -10.71
C GLY B 274 -21.39 13.30 -10.07
N LEU B 275 -20.34 13.57 -9.31
CA LEU B 275 -20.15 14.88 -8.70
C LEU B 275 -19.87 15.96 -9.74
N ARG B 276 -19.24 15.60 -10.87
CA ARG B 276 -18.90 16.52 -11.94
C ARG B 276 -20.13 17.11 -12.61
N THR B 277 -21.16 16.30 -12.80
CA THR B 277 -22.40 16.76 -13.42
C THR B 277 -23.47 17.16 -12.41
N LEU B 278 -23.11 17.30 -11.11
CA LEU B 278 -24.07 17.64 -10.05
C LEU B 278 -24.62 19.05 -10.14
N ALA B 279 -23.76 20.06 -10.37
CA ALA B 279 -24.21 21.45 -10.45
C ALA B 279 -25.23 21.65 -11.57
N VAL B 280 -24.95 21.11 -12.78
CA VAL B 280 -25.85 21.25 -13.91
C VAL B 280 -27.13 20.42 -13.77
N ARG B 281 -27.05 19.28 -13.07
CA ARG B 281 -28.22 18.43 -12.88
C ARG B 281 -29.16 19.03 -11.85
N MET B 282 -28.60 19.55 -10.74
CA MET B 282 -29.41 20.14 -9.68
C MET B 282 -30.08 21.44 -10.12
N ARG B 283 -29.36 22.28 -10.88
CA ARG B 283 -29.93 23.53 -11.36
C ARG B 283 -31.06 23.32 -12.38
N ALA B 284 -31.01 22.21 -13.14
CA ALA B 284 -32.05 21.86 -14.10
C ALA B 284 -33.24 21.17 -13.43
N ALA B 285 -32.98 20.24 -12.50
CA ALA B 285 -34.05 19.52 -11.81
C ALA B 285 -34.84 20.47 -10.91
N GLN B 286 -34.15 21.41 -10.25
CA GLN B 286 -34.79 22.40 -9.38
C GLN B 286 -35.68 23.34 -10.18
N THR B 287 -35.21 23.74 -11.37
CA THR B 287 -35.98 24.63 -12.26
C THR B 287 -37.25 23.93 -12.71
N THR B 288 -37.13 22.65 -13.09
CA THR B 288 -38.28 21.86 -13.52
C THR B 288 -39.26 21.67 -12.36
N ALA B 289 -38.74 21.40 -11.15
CA ALA B 289 -39.54 21.22 -9.94
C ALA B 289 -40.31 22.48 -9.54
N GLY B 290 -39.67 23.64 -9.65
CA GLY B 290 -40.28 24.93 -9.30
C GLY B 290 -41.47 25.27 -10.18
N GLU B 291 -41.41 24.87 -11.44
CA GLU B 291 -42.51 25.11 -12.37
C GLU B 291 -43.57 24.01 -12.24
N LEU B 292 -43.14 22.76 -12.07
CA LEU B 292 -44.02 21.61 -11.92
C LEU B 292 -44.92 21.73 -10.70
N ALA B 293 -44.37 22.19 -9.56
CA ALA B 293 -45.18 22.36 -8.35
C ALA B 293 -46.20 23.49 -8.50
N GLU B 294 -45.84 24.54 -9.24
CA GLU B 294 -46.72 25.68 -9.50
C GLU B 294 -47.86 25.27 -10.45
N ARG B 295 -47.56 24.42 -11.45
CA ARG B 295 -48.56 23.92 -12.40
C ARG B 295 -49.47 22.88 -11.75
N LEU B 296 -48.92 22.05 -10.84
CA LEU B 296 -49.72 21.04 -10.12
C LEU B 296 -50.64 21.67 -9.07
N ALA B 297 -50.31 22.87 -8.57
CA ALA B 297 -51.16 23.59 -7.61
C ALA B 297 -52.51 23.95 -8.24
N ALA B 298 -52.52 24.26 -9.55
CA ALA B 298 -53.73 24.58 -10.29
C ALA B 298 -54.37 23.27 -10.81
N HIS B 299 -54.76 22.40 -9.89
CA HIS B 299 -55.40 21.14 -10.25
C HIS B 299 -56.50 20.84 -9.22
N PRO B 300 -57.68 20.40 -9.70
CA PRO B 300 -58.78 20.10 -8.78
C PRO B 300 -58.52 18.98 -7.78
N ALA B 301 -57.77 17.97 -8.18
CA ALA B 301 -57.47 16.82 -7.34
C ALA B 301 -56.54 17.13 -6.17
N ILE B 302 -55.66 18.14 -6.33
CA ILE B 302 -54.69 18.49 -5.28
C ILE B 302 -55.15 19.65 -4.39
N THR B 303 -55.19 19.42 -3.06
CA THR B 303 -55.60 20.42 -2.09
C THR B 303 -54.47 21.37 -1.70
N ALA B 304 -53.24 20.84 -1.59
CA ALA B 304 -52.07 21.64 -1.23
C ALA B 304 -50.78 21.03 -1.79
N VAL B 305 -49.83 21.87 -2.20
CA VAL B 305 -48.54 21.41 -2.72
C VAL B 305 -47.43 21.76 -1.75
N HIS B 306 -46.52 20.82 -1.49
CA HIS B 306 -45.40 21.04 -0.59
C HIS B 306 -44.09 21.19 -1.35
N TYR B 307 -43.71 22.44 -1.61
CA TYR B 307 -42.45 22.73 -2.29
C TYR B 307 -41.81 23.92 -1.61
N PRO B 308 -40.62 23.75 -1.00
CA PRO B 308 -39.98 24.86 -0.27
C PRO B 308 -40.02 26.23 -0.94
N GLY B 309 -39.70 26.28 -2.22
CA GLY B 309 -39.75 27.53 -2.98
C GLY B 309 -41.16 27.94 -3.33
N GLY B 312 -46.54 31.11 0.09
CA GLY B 312 -46.05 31.34 1.45
C GLY B 312 -45.57 30.08 2.15
N GLN B 313 -44.59 29.40 1.54
CA GLN B 313 -44.04 28.16 2.09
C GLN B 313 -42.92 28.42 3.11
N ASP B 314 -42.08 29.43 2.83
CA ASP B 314 -40.95 29.80 3.69
C ASP B 314 -41.39 30.53 4.96
N PRO B 315 -41.24 29.91 6.15
CA PRO B 315 -41.71 30.57 7.38
C PRO B 315 -40.71 31.51 8.09
N ARG B 316 -39.46 31.06 8.30
CA ARG B 316 -38.47 31.86 9.01
C ARG B 316 -37.42 32.52 8.12
N GLY B 317 -37.68 32.59 6.82
CA GLY B 317 -36.71 33.17 5.88
C GLY B 317 -35.51 32.27 5.70
N LEU B 318 -35.72 30.95 5.74
CA LEU B 318 -34.68 29.95 5.58
C LEU B 318 -34.12 29.87 4.16
N LEU B 319 -34.91 30.28 3.15
CA LEU B 319 -34.41 30.29 1.77
C LEU B 319 -33.55 31.54 1.59
N GLY B 320 -32.32 31.34 1.16
CA GLY B 320 -31.34 32.40 0.99
C GLY B 320 -30.31 32.34 2.09
N ARG B 321 -30.76 32.15 3.33
CA ARG B 321 -29.91 32.06 4.51
C ARG B 321 -29.33 30.65 4.65
N GLN B 322 -30.14 29.63 4.38
CA GLN B 322 -29.73 28.24 4.52
C GLN B 322 -29.79 27.48 3.20
N MET B 323 -30.84 27.70 2.40
CA MET B 323 -31.01 27.03 1.12
C MET B 323 -31.03 28.00 -0.06
N SER B 324 -30.11 27.85 -1.02
CA SER B 324 -30.07 28.72 -2.19
C SER B 324 -30.90 28.16 -3.36
N GLY B 325 -32.04 27.54 -3.03
CA GLY B 325 -32.95 26.95 -4.00
C GLY B 325 -34.05 26.14 -3.35
N GLY B 326 -35.10 25.84 -4.10
CA GLY B 326 -36.24 25.07 -3.61
C GLY B 326 -36.08 23.55 -3.65
N GLY B 327 -35.02 23.08 -4.28
CA GLY B 327 -34.75 21.65 -4.39
C GLY B 327 -35.46 20.98 -5.55
N ALA B 328 -35.29 19.65 -5.68
CA ALA B 328 -35.93 18.90 -6.75
C ALA B 328 -36.94 17.86 -6.24
N MET B 329 -37.49 18.08 -5.04
CA MET B 329 -38.47 17.18 -4.45
C MET B 329 -39.78 17.94 -4.25
N ILE B 330 -40.91 17.29 -4.52
CA ILE B 330 -42.24 17.89 -4.35
C ILE B 330 -43.16 16.89 -3.66
N ALA B 331 -43.94 17.32 -2.67
CA ALA B 331 -44.91 16.44 -2.00
C ALA B 331 -46.31 16.92 -2.36
N LEU B 332 -47.21 16.01 -2.74
CA LEU B 332 -48.56 16.40 -3.16
C LEU B 332 -49.65 15.90 -2.23
N GLU B 333 -50.53 16.80 -1.77
CA GLU B 333 -51.63 16.41 -0.90
C GLU B 333 -52.90 16.23 -1.73
N LEU B 334 -53.32 14.97 -1.93
CA LEU B 334 -54.51 14.66 -2.72
C LEU B 334 -55.79 14.69 -1.91
N ALA B 335 -56.89 15.06 -2.55
CA ALA B 335 -58.20 15.14 -1.91
C ALA B 335 -58.86 13.77 -1.74
N GLY B 336 -58.55 12.83 -2.62
CA GLY B 336 -59.16 11.51 -2.59
C GLY B 336 -58.70 10.58 -1.50
N GLY B 337 -57.63 10.94 -0.81
CA GLY B 337 -57.11 10.11 0.28
C GLY B 337 -56.17 9.03 -0.19
N PHE B 338 -56.26 7.84 0.42
CA PHE B 338 -55.38 6.72 0.05
C PHE B 338 -55.68 6.19 -1.33
N ASP B 339 -56.97 6.05 -1.65
CA ASP B 339 -57.38 5.49 -2.94
C ASP B 339 -56.90 6.35 -4.11
N ALA B 340 -57.00 7.67 -4.00
CA ALA B 340 -56.56 8.56 -5.06
C ALA B 340 -55.04 8.55 -5.22
N ALA B 341 -54.32 8.43 -4.10
CA ALA B 341 -52.86 8.38 -4.13
C ALA B 341 -52.38 7.08 -4.76
N ARG B 342 -53.06 5.96 -4.44
CA ARG B 342 -52.75 4.63 -4.96
C ARG B 342 -52.94 4.56 -6.47
N SER B 343 -54.05 5.12 -6.99
CA SER B 343 -54.33 5.12 -8.44
C SER B 343 -53.40 6.08 -9.19
N PHE B 344 -53.03 7.19 -8.55
CA PHE B 344 -52.15 8.20 -9.15
C PHE B 344 -50.80 7.61 -9.48
N VAL B 345 -50.15 6.95 -8.52
CA VAL B 345 -48.83 6.34 -8.78
C VAL B 345 -48.89 5.09 -9.66
N GLU B 346 -50.07 4.47 -9.79
CA GLU B 346 -50.23 3.28 -10.63
C GLU B 346 -50.59 3.66 -12.08
N HIS B 347 -51.19 4.84 -12.30
CA HIS B 347 -51.55 5.28 -13.65
C HIS B 347 -50.42 5.99 -14.39
N CYS B 348 -49.27 6.26 -13.73
CA CYS B 348 -48.13 6.95 -14.33
C CYS B 348 -47.41 6.02 -15.29
N SER B 349 -47.05 6.53 -16.48
CA SER B 349 -46.34 5.71 -17.46
C SER B 349 -44.90 6.19 -17.66
N LEU B 350 -44.72 7.50 -17.87
CA LEU B 350 -43.40 8.11 -18.03
C LEU B 350 -42.74 8.19 -16.67
N VAL B 351 -43.47 8.64 -15.65
CA VAL B 351 -42.93 8.73 -14.30
C VAL B 351 -42.92 7.32 -13.71
N VAL B 352 -41.75 6.85 -13.26
CA VAL B 352 -41.60 5.50 -12.76
C VAL B 352 -41.84 5.40 -11.25
N HIS B 353 -42.68 4.44 -10.83
CA HIS B 353 -43.06 4.19 -9.45
C HIS B 353 -42.02 3.32 -8.75
N ALA B 354 -41.18 3.93 -7.91
CA ALA B 354 -40.13 3.24 -7.17
C ALA B 354 -39.76 4.01 -5.88
N VAL B 355 -39.15 3.32 -4.91
CA VAL B 355 -38.76 3.96 -3.64
C VAL B 355 -37.33 4.48 -3.65
N SER B 356 -37.11 5.67 -4.22
CA SER B 356 -35.80 6.32 -4.26
C SER B 356 -35.90 7.77 -4.79
N LEU B 357 -34.78 8.52 -4.83
CA LEU B 357 -34.78 9.90 -5.31
C LEU B 357 -33.42 10.28 -5.96
N GLY B 358 -33.40 11.43 -6.64
CA GLY B 358 -32.19 11.95 -7.26
C GLY B 358 -31.66 11.22 -8.48
N GLY B 359 -32.51 10.42 -9.11
CA GLY B 359 -32.11 9.70 -10.31
C GLY B 359 -32.20 10.56 -11.57
N ALA B 360 -31.89 9.96 -12.73
CA ALA B 360 -31.98 10.70 -13.99
C ALA B 360 -33.43 10.91 -14.39
N ASP B 361 -34.30 9.93 -14.10
CA ASP B 361 -35.71 10.03 -14.40
C ASP B 361 -36.55 10.43 -13.17
N THR B 362 -37.77 10.92 -13.41
CA THR B 362 -38.68 11.32 -12.34
C THR B 362 -39.26 10.09 -11.66
N LEU B 363 -39.18 10.03 -10.32
CA LEU B 363 -39.69 8.90 -9.55
C LEU B 363 -40.88 9.28 -8.69
N ILE B 364 -41.84 8.37 -8.51
CA ILE B 364 -43.02 8.62 -7.69
C ILE B 364 -43.19 7.52 -6.64
N GLN B 365 -43.68 7.87 -5.44
CA GLN B 365 -43.88 6.89 -4.38
C GLN B 365 -45.00 7.28 -3.44
N HIS B 366 -45.59 6.29 -2.78
CA HIS B 366 -46.64 6.52 -1.79
C HIS B 366 -46.04 6.17 -0.45
N PRO B 367 -45.64 7.17 0.35
CA PRO B 367 -45.02 6.86 1.65
C PRO B 367 -45.96 6.18 2.63
N ALA B 368 -47.25 6.50 2.58
CA ALA B 368 -48.25 5.89 3.47
C ALA B 368 -48.45 4.40 3.22
N SER B 369 -48.13 3.93 2.00
CA SER B 369 -48.28 2.53 1.61
C SER B 369 -47.27 1.59 2.25
N LEU B 370 -46.14 2.11 2.73
CA LEU B 370 -45.12 1.27 3.35
C LEU B 370 -45.58 0.71 4.70
N THR B 371 -46.43 1.44 5.42
CA THR B 371 -46.95 1.01 6.71
C THR B 371 -48.39 0.51 6.61
N HIS B 372 -49.21 1.15 5.78
CA HIS B 372 -50.61 0.77 5.58
C HIS B 372 -50.86 0.05 4.27
N ARG B 373 -51.63 -1.05 4.33
CA ARG B 373 -52.09 -1.76 3.14
C ARG B 373 -53.59 -2.02 3.27
N PRO B 374 -54.44 -0.97 3.14
CA PRO B 374 -55.88 -1.16 3.39
C PRO B 374 -56.73 -1.76 2.28
N VAL B 375 -57.88 -2.31 2.67
CA VAL B 375 -58.87 -2.85 1.75
C VAL B 375 -60.21 -2.05 1.87
N ALA B 376 -60.10 -0.73 2.14
CA ALA B 376 -61.24 0.16 2.30
C ALA B 376 -60.90 1.63 1.90
N ALA B 377 -61.93 2.48 1.70
CA ALA B 377 -61.73 3.87 1.34
C ALA B 377 -61.25 4.66 2.56
N THR B 378 -59.93 4.84 2.70
CA THR B 378 -59.38 5.55 3.85
C THR B 378 -58.84 6.95 3.51
N ALA B 379 -59.17 7.95 4.33
CA ALA B 379 -58.69 9.31 4.15
C ALA B 379 -58.00 9.75 5.45
N LYS B 380 -56.80 9.21 5.70
CA LYS B 380 -56.04 9.53 6.91
C LYS B 380 -54.99 10.61 6.65
N PRO B 381 -54.62 11.42 7.66
CA PRO B 381 -53.57 12.44 7.44
C PRO B 381 -52.25 11.76 7.11
N GLY B 382 -51.83 11.89 5.86
CA GLY B 382 -50.62 11.25 5.37
C GLY B 382 -50.90 10.30 4.22
N ASP B 383 -52.13 9.75 4.16
CA ASP B 383 -52.56 8.85 3.09
C ASP B 383 -52.61 9.52 1.73
N GLY B 384 -52.96 10.80 1.71
CA GLY B 384 -53.03 11.57 0.47
C GLY B 384 -51.70 12.10 0.00
N LEU B 385 -50.64 12.02 0.85
CA LEU B 385 -49.32 12.54 0.47
C LEU B 385 -48.57 11.65 -0.50
N ILE B 386 -48.04 12.25 -1.57
CA ILE B 386 -47.26 11.55 -2.59
C ILE B 386 -45.91 12.25 -2.76
N ARG B 387 -44.81 11.50 -2.63
CA ARG B 387 -43.49 12.07 -2.84
C ARG B 387 -43.12 11.96 -4.31
N LEU B 388 -42.44 12.99 -4.83
CA LEU B 388 -42.08 13.05 -6.24
C LEU B 388 -40.66 13.61 -6.40
N SER B 389 -39.76 12.84 -7.02
CA SER B 389 -38.37 13.29 -7.23
C SER B 389 -38.19 13.71 -8.68
N VAL B 390 -38.15 15.02 -8.94
CA VAL B 390 -38.01 15.55 -10.30
C VAL B 390 -36.68 15.17 -10.97
N GLY B 391 -36.78 14.60 -12.17
CA GLY B 391 -35.61 14.18 -12.95
C GLY B 391 -35.12 15.21 -13.93
N LEU B 392 -34.49 14.76 -15.01
CA LEU B 392 -33.92 15.64 -16.02
C LEU B 392 -34.78 15.74 -17.29
N GLU B 393 -36.10 15.61 -17.14
CA GLU B 393 -37.00 15.68 -18.29
C GLU B 393 -37.62 17.08 -18.47
N HIS B 394 -38.37 17.28 -19.57
CA HIS B 394 -39.05 18.53 -19.86
C HIS B 394 -40.27 18.67 -18.95
N VAL B 395 -40.55 19.89 -18.52
CA VAL B 395 -41.67 20.21 -17.64
C VAL B 395 -43.03 19.94 -18.31
N ASP B 396 -43.12 20.05 -19.64
CA ASP B 396 -44.37 19.80 -20.35
C ASP B 396 -44.70 18.32 -20.36
N ASP B 397 -43.68 17.46 -20.55
CA ASP B 397 -43.87 16.01 -20.58
C ASP B 397 -44.21 15.44 -19.22
N LEU B 398 -43.65 16.02 -18.16
CA LEU B 398 -43.93 15.56 -16.80
C LEU B 398 -45.31 16.03 -16.36
N GLU B 399 -45.70 17.26 -16.74
CA GLU B 399 -47.02 17.79 -16.40
C GLU B 399 -48.10 17.00 -17.13
N ASP B 400 -47.89 16.68 -18.42
CA ASP B 400 -48.86 15.94 -19.21
C ASP B 400 -49.07 14.50 -18.71
N ASP B 401 -48.01 13.87 -18.20
CA ASP B 401 -48.11 12.51 -17.69
C ASP B 401 -48.81 12.45 -16.34
N LEU B 402 -48.44 13.35 -15.41
CA LEU B 402 -49.05 13.40 -14.09
C LEU B 402 -50.50 13.87 -14.15
N ILE B 403 -50.80 14.79 -15.07
CA ILE B 403 -52.17 15.28 -15.24
C ILE B 403 -53.08 14.15 -15.78
N ALA B 404 -52.52 13.22 -16.59
CA ALA B 404 -53.26 12.09 -17.13
C ALA B 404 -53.53 11.05 -16.03
N ALA B 405 -52.53 10.81 -15.17
CA ALA B 405 -52.66 9.87 -14.06
C ALA B 405 -53.66 10.36 -13.02
N LEU B 406 -53.73 11.68 -12.80
CA LEU B 406 -54.68 12.27 -11.86
C LEU B 406 -56.09 12.14 -12.40
N ASP B 407 -56.28 12.37 -13.71
CA ASP B 407 -57.60 12.24 -14.35
C ASP B 407 -58.14 10.81 -14.28
N ALA B 408 -57.25 9.80 -14.20
CA ALA B 408 -57.66 8.41 -14.08
C ALA B 408 -58.11 8.13 -12.64
N SER B 409 -59.39 8.38 -12.34
CA SER B 409 -59.92 8.16 -11.00
C SER B 409 -61.41 7.81 -11.02
N ASN C 22 -41.96 9.64 -30.49
CA ASN C 22 -43.05 10.04 -29.61
C ASN C 22 -43.13 11.57 -29.45
N SER C 23 -44.27 12.07 -28.90
CA SER C 23 -44.51 13.50 -28.65
C SER C 23 -43.66 14.08 -27.50
N MET C 24 -42.55 13.42 -27.16
CA MET C 24 -41.66 13.86 -26.11
C MET C 24 -40.68 14.91 -26.59
N HIS C 25 -40.32 15.84 -25.70
CA HIS C 25 -39.31 16.84 -25.96
C HIS C 25 -37.94 16.16 -25.94
N PRO C 26 -36.94 16.73 -26.63
CA PRO C 26 -35.62 16.10 -26.65
C PRO C 26 -35.00 15.85 -25.28
N GLU C 27 -35.29 16.74 -24.30
CA GLU C 27 -34.77 16.61 -22.94
C GLU C 27 -35.31 15.36 -22.26
N THR C 28 -36.61 15.06 -22.46
CA THR C 28 -37.26 13.87 -21.90
C THR C 28 -36.81 12.62 -22.66
N LEU C 29 -36.67 12.74 -23.99
CA LEU C 29 -36.24 11.67 -24.88
C LEU C 29 -34.82 11.19 -24.59
N MET C 30 -33.96 12.08 -24.09
CA MET C 30 -32.58 11.73 -23.76
C MET C 30 -32.50 10.84 -22.52
N VAL C 31 -33.40 11.08 -21.56
CA VAL C 31 -33.47 10.34 -20.30
C VAL C 31 -34.14 8.97 -20.46
N HIS C 32 -35.29 8.93 -21.14
CA HIS C 32 -36.04 7.69 -21.29
C HIS C 32 -35.78 6.92 -22.58
N GLY C 33 -35.00 7.49 -23.50
CA GLY C 33 -34.67 6.84 -24.76
C GLY C 33 -33.80 5.63 -24.58
N GLY C 34 -34.18 4.54 -25.24
CA GLY C 34 -33.46 3.27 -25.12
C GLY C 34 -33.76 2.49 -23.84
N MET C 35 -34.62 3.05 -22.97
CA MET C 35 -35.00 2.43 -21.70
C MET C 35 -36.36 1.73 -21.84
N ASP C 36 -36.61 1.12 -22.99
CA ASP C 36 -37.89 0.45 -23.26
C ASP C 36 -37.96 -0.90 -22.57
N GLY C 37 -39.03 -1.12 -21.82
CA GLY C 37 -39.25 -2.38 -21.13
C GLY C 37 -38.53 -2.55 -19.81
N LEU C 38 -37.69 -1.59 -19.41
CA LEU C 38 -36.96 -1.69 -18.15
C LEU C 38 -37.88 -1.53 -16.95
N THR C 39 -38.80 -0.55 -17.02
CA THR C 39 -39.79 -0.32 -15.96
C THR C 39 -40.64 -1.58 -15.74
N GLU C 40 -40.99 -2.27 -16.84
CA GLU C 40 -41.79 -3.48 -16.84
C GLU C 40 -41.00 -4.67 -16.28
N ALA C 41 -39.69 -4.72 -16.52
CA ALA C 41 -38.84 -5.80 -16.03
C ALA C 41 -38.53 -5.72 -14.52
N GLY C 42 -38.76 -4.56 -13.91
CA GLY C 42 -38.51 -4.37 -12.48
C GLY C 42 -37.12 -3.84 -12.17
N VAL C 43 -36.47 -3.19 -13.16
CA VAL C 43 -35.14 -2.60 -13.00
C VAL C 43 -35.14 -1.09 -13.29
N HIS C 44 -34.14 -0.36 -12.77
CA HIS C 44 -34.05 1.09 -12.95
C HIS C 44 -33.11 1.47 -14.10
N VAL C 45 -32.04 0.69 -14.29
CA VAL C 45 -31.05 0.93 -15.34
C VAL C 45 -30.88 -0.34 -16.21
N PRO C 46 -30.43 -0.22 -17.47
CA PRO C 46 -30.24 -1.43 -18.29
C PRO C 46 -29.14 -2.32 -17.73
N ALA C 47 -29.37 -3.64 -17.69
CA ALA C 47 -28.39 -4.58 -17.16
C ALA C 47 -27.18 -4.70 -18.07
N ILE C 48 -26.01 -4.91 -17.48
CA ILE C 48 -24.79 -5.07 -18.26
C ILE C 48 -24.55 -6.56 -18.53
N ASP C 49 -24.96 -7.02 -19.72
CA ASP C 49 -24.81 -8.41 -20.07
C ASP C 49 -23.50 -8.60 -20.81
N LEU C 50 -22.48 -9.13 -20.12
CA LEU C 50 -21.16 -9.36 -20.72
C LEU C 50 -21.08 -10.62 -21.59
N SER C 51 -22.14 -11.46 -21.62
CA SER C 51 -22.22 -12.72 -22.37
C SER C 51 -21.67 -12.66 -23.78
N THR C 52 -20.62 -13.43 -24.05
CA THR C 52 -20.04 -13.50 -25.39
C THR C 52 -20.94 -14.34 -26.29
N THR C 53 -21.44 -15.47 -25.76
CA THR C 53 -22.33 -16.35 -26.51
C THR C 53 -23.73 -16.39 -25.86
N ASN C 54 -24.75 -16.66 -26.66
CA ASN C 54 -26.13 -16.70 -26.16
C ASN C 54 -26.77 -18.04 -26.50
N PRO C 55 -27.22 -18.78 -25.47
CA PRO C 55 -27.86 -20.08 -25.73
C PRO C 55 -29.15 -19.96 -26.54
N VAL C 56 -29.48 -21.02 -27.27
CA VAL C 56 -30.68 -21.00 -28.10
C VAL C 56 -31.75 -21.97 -27.61
N ASN C 57 -33.02 -21.61 -27.82
CA ASN C 57 -34.17 -22.38 -27.40
C ASN C 57 -34.27 -23.63 -28.26
N ASP C 58 -34.31 -23.44 -29.58
CA ASP C 58 -34.37 -24.55 -30.52
C ASP C 58 -33.25 -24.42 -31.55
N VAL C 59 -32.90 -25.54 -32.19
CA VAL C 59 -31.91 -25.57 -33.25
C VAL C 59 -32.46 -24.80 -34.46
N ALA C 60 -33.76 -25.02 -34.79
CA ALA C 60 -34.43 -24.35 -35.90
C ALA C 60 -34.57 -22.85 -35.65
N THR C 61 -35.00 -22.45 -34.44
CA THR C 61 -35.16 -21.03 -34.10
C THR C 61 -33.83 -20.29 -33.98
N GLY C 62 -32.81 -20.99 -33.47
CA GLY C 62 -31.48 -20.43 -33.33
C GLY C 62 -30.77 -20.24 -34.65
N GLY C 63 -31.02 -21.14 -35.59
CA GLY C 63 -30.45 -21.07 -36.92
C GLY C 63 -31.04 -19.92 -37.71
N ASP C 64 -32.34 -19.66 -37.55
CA ASP C 64 -33.02 -18.56 -38.21
C ASP C 64 -32.55 -17.23 -37.65
N SER C 65 -32.36 -17.15 -36.33
CA SER C 65 -31.87 -15.95 -35.67
C SER C 65 -30.44 -15.63 -36.10
N TYR C 66 -29.63 -16.67 -36.38
CA TYR C 66 -28.25 -16.52 -36.85
C TYR C 66 -28.24 -15.90 -38.25
N GLU C 67 -29.07 -16.43 -39.17
CA GLU C 67 -29.15 -15.97 -40.56
C GLU C 67 -29.69 -14.53 -40.60
N TRP C 68 -30.70 -14.23 -39.76
CA TRP C 68 -31.32 -12.91 -39.64
C TRP C 68 -30.33 -11.85 -39.14
N LEU C 69 -29.51 -12.21 -38.14
CA LEU C 69 -28.53 -11.27 -37.59
C LEU C 69 -27.27 -11.15 -38.46
N ALA C 70 -26.90 -12.21 -39.17
CA ALA C 70 -25.75 -12.16 -40.06
C ALA C 70 -26.07 -11.34 -41.32
N THR C 71 -27.33 -11.37 -41.78
CA THR C 71 -27.75 -10.60 -42.95
C THR C 71 -27.90 -9.09 -42.68
N GLY C 72 -27.61 -8.63 -41.47
CA GLY C 72 -27.67 -7.22 -41.15
C GLY C 72 -28.97 -6.71 -40.57
N HIS C 73 -29.90 -7.62 -40.26
CA HIS C 73 -31.18 -7.21 -39.68
C HIS C 73 -31.10 -7.08 -38.16
N ALA C 74 -32.03 -6.31 -37.56
CA ALA C 74 -32.05 -6.14 -36.11
C ALA C 74 -32.65 -7.35 -35.40
N LEU C 75 -32.23 -7.61 -34.16
CA LEU C 75 -32.74 -8.76 -33.40
C LEU C 75 -34.23 -8.65 -33.10
N LYS C 76 -35.01 -9.62 -33.60
CA LYS C 76 -36.44 -9.65 -33.33
C LYS C 76 -36.70 -10.03 -31.89
N ASP C 77 -37.75 -9.47 -31.28
CA ASP C 77 -38.07 -9.72 -29.88
C ASP C 77 -38.45 -11.17 -29.63
N GLY C 78 -37.87 -11.74 -28.58
CA GLY C 78 -38.09 -13.13 -28.21
C GLY C 78 -37.18 -14.10 -28.92
N ASP C 79 -36.05 -13.61 -29.46
CA ASP C 79 -35.10 -14.45 -30.17
C ASP C 79 -33.73 -14.33 -29.53
N SER C 80 -32.96 -15.43 -29.51
CA SER C 80 -31.63 -15.42 -28.90
C SER C 80 -30.69 -14.53 -29.69
N ALA C 81 -29.84 -13.77 -28.98
CA ALA C 81 -28.86 -12.91 -29.65
C ALA C 81 -27.76 -13.70 -30.40
N VAL C 82 -27.68 -15.04 -30.16
CA VAL C 82 -26.79 -16.04 -30.75
C VAL C 82 -25.31 -15.85 -30.35
N TYR C 83 -24.72 -14.70 -30.69
CA TYR C 83 -23.34 -14.36 -30.41
C TYR C 83 -23.22 -12.83 -30.27
N GLN C 84 -22.21 -12.35 -29.51
CA GLN C 84 -22.04 -10.91 -29.29
C GLN C 84 -21.68 -10.17 -30.57
N ARG C 85 -20.93 -10.81 -31.47
CA ARG C 85 -20.57 -10.21 -32.75
C ARG C 85 -21.80 -10.01 -33.67
N LEU C 86 -22.86 -10.80 -33.45
CA LEU C 86 -24.11 -10.71 -34.20
C LEU C 86 -25.02 -9.70 -33.51
N TRP C 87 -25.13 -9.77 -32.17
CA TRP C 87 -25.98 -8.87 -31.40
C TRP C 87 -25.62 -8.78 -29.91
N GLN C 88 -25.67 -7.57 -29.36
CA GLN C 88 -25.42 -7.31 -27.94
C GLN C 88 -26.56 -6.44 -27.44
N PRO C 89 -27.31 -6.91 -26.42
CA PRO C 89 -28.46 -6.13 -25.93
C PRO C 89 -28.14 -4.75 -25.35
N GLY C 90 -26.97 -4.61 -24.74
CA GLY C 90 -26.56 -3.33 -24.17
C GLY C 90 -26.29 -2.31 -25.25
N VAL C 91 -25.58 -2.73 -26.30
CA VAL C 91 -25.28 -1.90 -27.47
C VAL C 91 -26.58 -1.49 -28.15
N ALA C 92 -27.50 -2.46 -28.32
CA ALA C 92 -28.81 -2.27 -28.92
C ALA C 92 -29.62 -1.13 -28.29
N ARG C 93 -29.62 -1.04 -26.95
CA ARG C 93 -30.35 0.02 -26.26
C ARG C 93 -29.77 1.39 -26.57
N PHE C 94 -28.43 1.49 -26.61
CA PHE C 94 -27.72 2.71 -26.93
C PHE C 94 -27.98 3.12 -28.39
N GLU C 95 -28.07 2.14 -29.30
CA GLU C 95 -28.37 2.39 -30.70
C GLU C 95 -29.74 3.03 -30.86
N THR C 96 -30.79 2.43 -30.26
CA THR C 96 -32.15 2.97 -30.35
C THR C 96 -32.28 4.33 -29.67
N ALA C 97 -31.51 4.58 -28.61
CA ALA C 97 -31.56 5.85 -27.90
C ALA C 97 -31.07 7.00 -28.80
N LEU C 98 -29.96 6.79 -29.54
CA LEU C 98 -29.43 7.82 -30.42
C LEU C 98 -30.24 7.97 -31.70
N ALA C 99 -30.79 6.86 -32.22
CA ALA C 99 -31.62 6.90 -33.42
C ALA C 99 -32.89 7.73 -33.17
N GLU C 100 -33.41 7.75 -31.93
CA GLU C 100 -34.59 8.54 -31.56
C GLU C 100 -34.26 10.03 -31.50
N LEU C 101 -33.08 10.37 -30.97
CA LEU C 101 -32.64 11.77 -30.88
C LEU C 101 -32.32 12.35 -32.26
N GLU C 102 -31.75 11.53 -33.14
CA GLU C 102 -31.40 11.93 -34.50
C GLU C 102 -32.55 11.77 -35.52
N HIS C 103 -33.66 11.14 -35.12
CA HIS C 103 -34.84 10.88 -35.96
C HIS C 103 -34.53 9.99 -37.17
N ALA C 104 -33.55 9.09 -37.03
CA ALA C 104 -33.17 8.17 -38.08
C ALA C 104 -33.80 6.79 -37.83
N ASP C 105 -34.00 6.01 -38.90
CA ASP C 105 -34.62 4.68 -38.82
C ASP C 105 -33.93 3.75 -37.81
N GLU C 106 -32.62 3.57 -37.93
CA GLU C 106 -31.85 2.70 -37.03
C GLU C 106 -30.46 3.33 -36.73
N ALA C 107 -29.66 2.70 -35.87
CA ALA C 107 -28.31 3.15 -35.58
C ALA C 107 -27.38 1.95 -35.36
N VAL C 108 -26.09 2.07 -35.72
CA VAL C 108 -25.14 0.96 -35.56
C VAL C 108 -23.95 1.41 -34.72
N ALA C 109 -23.69 0.73 -33.58
CA ALA C 109 -22.58 1.12 -32.70
C ALA C 109 -21.32 0.28 -32.87
N PHE C 110 -20.17 0.96 -32.86
CA PHE C 110 -18.83 0.41 -33.04
C PHE C 110 -17.88 0.83 -31.90
N ALA C 111 -16.71 0.17 -31.81
CA ALA C 111 -15.70 0.43 -30.79
C ALA C 111 -15.30 1.91 -30.69
N THR C 112 -15.06 2.57 -31.84
CA THR C 112 -14.67 3.98 -31.88
C THR C 112 -15.39 4.71 -33.06
N GLY C 113 -15.25 6.03 -33.14
CA GLY C 113 -15.81 6.82 -34.23
C GLY C 113 -15.16 6.44 -35.55
N MET C 114 -13.87 6.08 -35.52
CA MET C 114 -13.10 5.64 -36.68
C MET C 114 -13.54 4.26 -37.15
N ALA C 115 -13.99 3.39 -36.23
CA ALA C 115 -14.51 2.06 -36.57
C ALA C 115 -15.85 2.16 -37.30
N ALA C 116 -16.66 3.18 -36.96
CA ALA C 116 -17.94 3.43 -37.62
C ALA C 116 -17.69 3.98 -39.02
N MET C 117 -16.73 4.90 -39.16
CA MET C 117 -16.34 5.48 -40.44
C MET C 117 -15.74 4.39 -41.34
N THR C 118 -14.93 3.48 -40.76
CA THR C 118 -14.32 2.37 -41.49
C THR C 118 -15.38 1.45 -42.07
N ALA C 119 -16.39 1.11 -41.28
CA ALA C 119 -17.48 0.25 -41.72
C ALA C 119 -18.33 0.93 -42.80
N ALA C 120 -18.52 2.25 -42.70
CA ALA C 120 -19.28 3.01 -43.69
C ALA C 120 -18.55 3.02 -45.03
N LEU C 121 -17.21 3.12 -45.01
CA LEU C 121 -16.40 3.11 -46.22
C LEU C 121 -16.34 1.71 -46.81
N LEU C 122 -16.18 0.68 -45.96
CA LEU C 122 -16.12 -0.71 -46.42
C LEU C 122 -17.42 -1.16 -47.07
N ALA C 123 -18.56 -0.68 -46.56
CA ALA C 123 -19.87 -1.02 -47.12
C ALA C 123 -20.04 -0.41 -48.50
N ALA C 124 -19.54 0.82 -48.69
CA ALA C 124 -19.63 1.53 -49.95
C ALA C 124 -18.79 0.84 -51.02
N VAL C 125 -17.59 0.34 -50.64
CA VAL C 125 -16.70 -0.35 -51.56
C VAL C 125 -17.33 -1.65 -52.05
N ASN C 126 -17.89 -2.45 -51.13
CA ASN C 126 -18.52 -3.72 -51.49
C ASN C 126 -19.81 -3.54 -52.29
N ALA C 127 -20.49 -2.39 -52.16
CA ALA C 127 -21.67 -2.11 -52.97
C ALA C 127 -21.31 -1.62 -54.40
N GLY C 128 -20.03 -1.64 -54.76
CA GLY C 128 -19.59 -1.19 -56.07
C GLY C 128 -19.37 0.30 -56.19
N THR C 129 -19.34 1.01 -55.05
CA THR C 129 -19.13 2.46 -55.05
C THR C 129 -17.92 2.84 -54.20
N PRO C 130 -16.70 2.55 -54.65
CA PRO C 130 -15.51 2.90 -53.84
C PRO C 130 -15.16 4.38 -53.81
N HIS C 131 -15.73 5.19 -54.72
CA HIS C 131 -15.43 6.61 -54.77
C HIS C 131 -16.16 7.41 -53.70
N ILE C 132 -15.44 8.32 -53.04
CA ILE C 132 -16.02 9.19 -52.02
C ILE C 132 -15.70 10.64 -52.34
N VAL C 133 -16.72 11.51 -52.41
CA VAL C 133 -16.51 12.93 -52.63
C VAL C 133 -16.52 13.57 -51.24
N ALA C 134 -15.35 13.71 -50.62
CA ALA C 134 -15.26 14.26 -49.27
C ALA C 134 -14.90 15.73 -49.32
N VAL C 135 -15.71 16.58 -48.66
CA VAL C 135 -15.43 18.02 -48.69
C VAL C 135 -14.59 18.44 -47.48
N ARG C 136 -13.54 19.21 -47.74
CA ARG C 136 -12.63 19.68 -46.69
C ARG C 136 -13.11 21.00 -46.07
N PRO C 137 -12.78 21.30 -44.80
CA PRO C 137 -11.93 20.52 -43.87
C PRO C 137 -12.63 19.34 -43.22
N LEU C 138 -11.87 18.29 -42.93
CA LEU C 138 -12.39 17.11 -42.25
C LEU C 138 -11.52 16.77 -41.02
N TYR C 139 -12.04 15.91 -40.13
CA TYR C 139 -11.31 15.47 -38.94
C TYR C 139 -10.06 14.70 -39.37
N GLY C 140 -8.95 14.91 -38.66
CA GLY C 140 -7.66 14.31 -38.93
C GLY C 140 -7.66 12.85 -39.37
N GLY C 141 -8.33 12.01 -38.59
CA GLY C 141 -8.44 10.59 -38.86
C GLY C 141 -9.26 10.25 -40.09
N SER C 142 -10.40 10.95 -40.27
CA SER C 142 -11.26 10.75 -41.44
C SER C 142 -10.54 11.17 -42.72
N ASP C 143 -9.80 12.28 -42.65
CA ASP C 143 -9.04 12.82 -43.76
C ASP C 143 -7.89 11.88 -44.13
N HIS C 144 -7.20 11.33 -43.12
CA HIS C 144 -6.07 10.43 -43.36
C HIS C 144 -6.51 9.06 -43.87
N LEU C 145 -7.72 8.61 -43.50
CA LEU C 145 -8.23 7.31 -43.96
C LEU C 145 -8.60 7.35 -45.45
N LEU C 146 -9.11 8.48 -45.91
CA LEU C 146 -9.49 8.65 -47.32
C LEU C 146 -8.26 8.87 -48.19
N GLU C 147 -7.24 9.57 -47.67
CA GLU C 147 -6.00 9.84 -48.39
C GLU C 147 -5.18 8.57 -48.57
N THR C 148 -5.14 7.72 -47.54
CA THR C 148 -4.38 6.47 -47.61
C THR C 148 -5.04 5.44 -48.52
N GLY C 149 -6.38 5.44 -48.56
CA GLY C 149 -7.14 4.49 -49.35
C GLY C 149 -6.92 3.06 -48.89
N LEU C 150 -6.79 2.87 -47.57
CA LEU C 150 -6.54 1.59 -46.91
C LEU C 150 -7.67 0.59 -47.16
N LEU C 151 -8.91 1.09 -47.27
CA LEU C 151 -10.08 0.22 -47.49
C LEU C 151 -10.50 0.07 -48.95
N GLY C 152 -9.63 0.47 -49.88
CA GLY C 152 -9.91 0.40 -51.30
C GLY C 152 -10.84 1.50 -51.79
N THR C 153 -10.68 2.72 -51.25
CA THR C 153 -11.51 3.85 -51.62
C THR C 153 -10.74 4.90 -52.41
N THR C 154 -11.40 5.54 -53.36
CA THR C 154 -10.77 6.62 -54.13
C THR C 154 -11.44 7.93 -53.70
N VAL C 155 -10.67 8.90 -53.20
CA VAL C 155 -11.23 10.16 -52.73
C VAL C 155 -11.07 11.31 -53.74
N THR C 156 -12.01 12.24 -53.73
CA THR C 156 -12.00 13.43 -54.56
C THR C 156 -12.32 14.62 -53.64
N TRP C 157 -11.28 15.32 -53.19
CA TRP C 157 -11.46 16.45 -52.29
C TRP C 157 -12.02 17.65 -53.04
N ALA C 158 -13.29 17.99 -52.77
CA ALA C 158 -13.94 19.10 -53.44
C ALA C 158 -14.45 20.15 -52.45
N LYS C 159 -14.58 21.39 -52.89
CA LYS C 159 -15.11 22.47 -52.07
C LYS C 159 -16.66 22.37 -52.01
N GLU C 160 -17.33 23.20 -51.19
CA GLU C 160 -18.79 23.17 -51.09
C GLU C 160 -19.48 23.46 -52.44
N ALA C 161 -18.91 24.37 -53.24
CA ALA C 161 -19.48 24.70 -54.54
C ALA C 161 -19.07 23.72 -55.67
N GLU C 162 -18.13 22.80 -55.41
CA GLU C 162 -17.68 21.84 -56.42
C GLU C 162 -18.19 20.43 -56.15
N ILE C 163 -19.24 20.25 -55.33
CA ILE C 163 -19.75 18.93 -55.00
C ILE C 163 -20.39 18.22 -56.20
N ALA C 164 -21.40 18.83 -56.84
CA ALA C 164 -22.11 18.23 -57.99
C ALA C 164 -21.19 17.89 -59.17
N SER C 165 -20.10 18.64 -59.35
CA SER C 165 -19.17 18.39 -60.44
C SER C 165 -18.21 17.24 -60.10
N ALA C 166 -17.82 17.11 -58.82
CA ALA C 166 -16.91 16.04 -58.40
C ALA C 166 -17.55 14.65 -58.30
N ILE C 167 -18.87 14.56 -58.46
CA ILE C 167 -19.57 13.28 -58.38
C ILE C 167 -19.38 12.43 -59.63
N GLN C 168 -18.82 11.24 -59.43
CA GLN C 168 -18.58 10.28 -60.51
C GLN C 168 -19.64 9.18 -60.46
N ASP C 169 -19.83 8.46 -61.58
CA ASP C 169 -20.77 7.33 -61.64
C ASP C 169 -20.38 6.17 -60.67
N ASP C 170 -19.22 6.29 -60.00
CA ASP C 170 -18.68 5.33 -59.03
C ASP C 170 -18.77 5.83 -57.57
N THR C 171 -19.38 7.00 -57.33
CA THR C 171 -19.46 7.58 -55.99
C THR C 171 -20.51 6.91 -55.11
N GLY C 172 -20.12 6.53 -53.91
CA GLY C 172 -21.02 5.88 -52.96
C GLY C 172 -21.39 6.74 -51.76
N LEU C 173 -20.50 7.66 -51.36
CA LEU C 173 -20.76 8.51 -50.20
C LEU C 173 -20.22 9.92 -50.36
N VAL C 174 -20.85 10.89 -49.69
CA VAL C 174 -20.42 12.29 -49.66
C VAL C 174 -20.19 12.64 -48.21
N ILE C 175 -18.93 12.63 -47.76
CA ILE C 175 -18.60 12.90 -46.37
C ILE C 175 -18.37 14.38 -46.09
N VAL C 176 -19.22 14.98 -45.25
CA VAL C 176 -19.14 16.40 -44.86
C VAL C 176 -19.12 16.52 -43.32
N GLU C 177 -18.52 17.60 -42.80
CA GLU C 177 -18.41 17.81 -41.36
C GLU C 177 -18.70 19.27 -41.00
N THR C 178 -19.69 19.52 -40.14
CA THR C 178 -20.03 20.88 -39.74
C THR C 178 -20.41 20.97 -38.25
N PRO C 179 -19.73 21.83 -37.48
CA PRO C 179 -18.64 22.73 -37.89
C PRO C 179 -17.34 21.98 -38.16
N ALA C 180 -16.47 22.59 -38.99
CA ALA C 180 -15.19 22.02 -39.36
C ALA C 180 -14.22 21.92 -38.17
N ASN C 181 -13.22 21.04 -38.27
CA ASN C 181 -12.24 20.87 -37.22
C ASN C 181 -10.84 21.21 -37.75
N PRO C 182 -10.14 22.19 -37.13
CA PRO C 182 -10.51 22.94 -35.92
C PRO C 182 -11.05 24.37 -36.13
N SER C 183 -11.18 24.80 -37.38
CA SER C 183 -11.60 26.14 -37.76
C SER C 183 -13.03 26.53 -37.35
N LEU C 184 -13.90 25.54 -37.15
CA LEU C 184 -15.31 25.70 -36.80
C LEU C 184 -16.11 26.41 -37.90
N ASP C 185 -15.72 26.18 -39.16
CA ASP C 185 -16.40 26.76 -40.30
C ASP C 185 -17.66 25.94 -40.58
N LEU C 186 -18.81 26.61 -40.77
CA LEU C 186 -20.07 25.92 -41.00
C LEU C 186 -20.29 25.58 -42.47
N VAL C 187 -20.92 24.43 -42.73
CA VAL C 187 -21.24 23.98 -44.08
C VAL C 187 -22.76 23.89 -44.20
N ASP C 188 -23.35 24.50 -45.26
CA ASP C 188 -24.80 24.45 -45.45
C ASP C 188 -25.24 23.06 -45.91
N LEU C 189 -25.84 22.28 -45.00
CA LEU C 189 -26.29 20.92 -45.29
C LEU C 189 -27.41 20.85 -46.33
N ASP C 190 -28.21 21.90 -46.45
CA ASP C 190 -29.27 21.95 -47.46
C ASP C 190 -28.69 22.00 -48.88
N SER C 191 -27.54 22.68 -49.04
CA SER C 191 -26.86 22.79 -50.33
C SER C 191 -26.11 21.51 -50.67
N VAL C 192 -25.52 20.83 -49.66
CA VAL C 192 -24.77 19.60 -49.86
C VAL C 192 -25.66 18.47 -50.37
N VAL C 193 -26.80 18.24 -49.71
CA VAL C 193 -27.75 17.20 -50.09
C VAL C 193 -28.36 17.47 -51.47
N ALA C 194 -28.58 18.74 -51.82
CA ALA C 194 -29.12 19.11 -53.13
C ALA C 194 -28.08 18.85 -54.22
N ALA C 195 -26.79 19.10 -53.92
CA ALA C 195 -25.71 18.86 -54.88
C ALA C 195 -25.39 17.38 -55.03
N ALA C 196 -25.56 16.58 -53.96
CA ALA C 196 -25.30 15.15 -54.03
C ALA C 196 -26.37 14.40 -54.82
N GLY C 197 -27.62 14.83 -54.68
CA GLY C 197 -28.74 14.21 -55.38
C GLY C 197 -28.97 12.77 -54.96
N THR C 198 -28.70 11.85 -55.89
CA THR C 198 -28.88 10.41 -55.66
C THR C 198 -27.83 9.77 -54.74
N VAL C 199 -26.73 10.49 -54.45
CA VAL C 199 -25.66 9.96 -53.60
C VAL C 199 -25.94 10.25 -52.12
N PRO C 200 -25.89 9.21 -51.25
CA PRO C 200 -26.14 9.43 -49.82
C PRO C 200 -25.10 10.34 -49.16
N VAL C 201 -25.52 11.16 -48.18
CA VAL C 201 -24.63 12.10 -47.50
C VAL C 201 -24.33 11.70 -46.05
N LEU C 202 -23.05 11.55 -45.70
CA LEU C 202 -22.64 11.24 -44.33
C LEU C 202 -22.19 12.53 -43.66
N VAL C 203 -22.85 12.90 -42.55
CA VAL C 203 -22.50 14.13 -41.85
C VAL C 203 -21.97 13.84 -40.46
N ASP C 204 -20.73 14.26 -40.19
CA ASP C 204 -20.14 14.07 -38.87
C ASP C 204 -20.80 15.08 -37.93
N ASN C 205 -21.72 14.61 -37.09
CA ASN C 205 -22.41 15.48 -36.15
C ASN C 205 -21.85 15.32 -34.74
N THR C 206 -20.53 15.14 -34.62
CA THR C 206 -19.88 14.96 -33.32
C THR C 206 -19.85 16.26 -32.53
N PHE C 207 -19.41 17.34 -33.20
CA PHE C 207 -19.27 18.67 -32.57
C PHE C 207 -20.60 19.30 -32.14
N CYS C 208 -21.67 19.04 -32.90
CA CYS C 208 -22.98 19.63 -32.66
C CYS C 208 -23.88 18.83 -31.75
N THR C 209 -23.85 17.48 -31.88
CA THR C 209 -24.71 16.51 -31.16
C THR C 209 -26.19 16.66 -31.58
N PRO C 210 -27.07 15.67 -31.27
CA PRO C 210 -28.49 15.82 -31.66
C PRO C 210 -29.24 16.96 -30.97
N VAL C 211 -28.60 17.63 -30.00
CA VAL C 211 -29.19 18.74 -29.26
C VAL C 211 -29.24 20.00 -30.14
N LEU C 212 -28.14 20.31 -30.84
CA LEU C 212 -28.08 21.52 -31.66
C LEU C 212 -28.25 21.30 -33.16
N GLN C 213 -27.95 20.09 -33.68
CA GLN C 213 -28.08 19.84 -35.12
C GLN C 213 -28.62 18.42 -35.39
N GLN C 214 -29.40 18.25 -36.47
CA GLN C 214 -29.93 16.96 -36.89
C GLN C 214 -29.85 16.86 -38.40
N PRO C 215 -28.78 16.22 -38.93
CA PRO C 215 -28.60 16.14 -40.39
C PRO C 215 -29.69 15.37 -41.14
N ILE C 216 -30.41 14.46 -40.46
CA ILE C 216 -31.51 13.71 -41.09
C ILE C 216 -32.60 14.67 -41.58
N ARG C 217 -32.90 15.71 -40.78
CA ARG C 217 -33.89 16.75 -41.09
C ARG C 217 -33.54 17.54 -42.36
N HIS C 218 -32.25 17.69 -42.66
CA HIS C 218 -31.81 18.41 -43.85
C HIS C 218 -31.71 17.52 -45.10
N GLY C 219 -31.62 16.20 -44.93
CA GLY C 219 -31.56 15.29 -46.05
C GLY C 219 -30.41 14.31 -46.05
N ALA C 220 -29.55 14.36 -45.03
CA ALA C 220 -28.41 13.44 -44.96
C ALA C 220 -28.89 12.01 -44.74
N ALA C 221 -28.18 11.03 -45.33
CA ALA C 221 -28.56 9.63 -45.20
C ALA C 221 -27.93 8.97 -43.99
N LEU C 222 -26.69 9.35 -43.67
CA LEU C 222 -25.96 8.77 -42.54
C LEU C 222 -25.51 9.89 -41.60
N VAL C 223 -25.59 9.68 -40.28
CA VAL C 223 -25.13 10.69 -39.32
C VAL C 223 -24.06 10.09 -38.40
N LEU C 224 -22.78 10.36 -38.65
CA LEU C 224 -21.68 9.82 -37.86
C LEU C 224 -21.50 10.58 -36.57
N HIS C 225 -21.28 9.85 -35.46
CA HIS C 225 -21.04 10.43 -34.15
C HIS C 225 -19.87 9.71 -33.48
N SER C 226 -18.92 10.46 -32.93
CA SER C 226 -17.85 9.88 -32.15
C SER C 226 -18.33 9.97 -30.73
N ALA C 227 -18.96 8.91 -30.21
CA ALA C 227 -19.53 8.85 -28.86
C ALA C 227 -18.55 9.16 -27.72
N THR C 228 -17.25 9.14 -28.01
CA THR C 228 -16.19 9.48 -27.06
C THR C 228 -16.41 10.94 -26.58
N TYR C 230 -18.81 14.21 -26.00
CA TYR C 230 -20.18 14.64 -25.68
C TYR C 230 -21.17 13.51 -25.34
N LEU C 231 -21.29 12.46 -26.18
CA LEU C 231 -22.22 11.36 -25.91
C LEU C 231 -21.85 10.64 -24.60
N GLY C 232 -20.55 10.46 -24.38
CA GLY C 232 -20.04 9.90 -23.13
C GLY C 232 -20.12 11.00 -22.09
N GLY C 233 -19.46 12.11 -22.42
CA GLY C 233 -19.49 13.33 -21.63
C GLY C 233 -18.58 13.40 -20.42
N HIS C 234 -17.85 12.31 -20.14
CA HIS C 234 -16.96 12.28 -18.99
C HIS C 234 -15.50 11.89 -19.33
N GLY C 235 -15.24 11.51 -20.59
CA GLY C 235 -13.91 11.15 -21.05
C GLY C 235 -13.45 9.80 -20.56
N ASP C 236 -14.36 8.83 -20.50
CA ASP C 236 -14.03 7.49 -20.02
C ASP C 236 -14.52 6.38 -20.95
N ALA C 237 -15.56 6.63 -21.74
CA ALA C 237 -16.09 5.62 -22.65
C ALA C 237 -15.77 5.91 -24.11
N MET C 238 -15.11 4.97 -24.79
CA MET C 238 -14.75 5.10 -26.21
C MET C 238 -15.91 4.55 -27.04
N GLY C 239 -16.29 5.27 -28.09
CA GLY C 239 -17.39 4.83 -28.93
C GLY C 239 -17.56 5.54 -30.25
N GLY C 240 -18.42 4.99 -31.09
CA GLY C 240 -18.75 5.52 -32.41
C GLY C 240 -20.05 4.94 -32.89
N ILE C 241 -20.95 5.79 -33.41
CA ILE C 241 -22.28 5.33 -33.83
C ILE C 241 -22.81 6.11 -35.03
N ILE C 242 -23.47 5.43 -35.98
CA ILE C 242 -24.05 6.09 -37.14
C ILE C 242 -25.57 5.93 -37.15
N ALA C 243 -26.31 7.04 -37.11
CA ALA C 243 -27.77 7.01 -37.17
C ALA C 243 -28.15 7.12 -38.66
N THR C 244 -28.66 6.02 -39.25
CA THR C 244 -28.99 6.00 -40.67
C THR C 244 -30.25 5.19 -41.00
N ASN C 245 -30.76 5.28 -42.26
CA ASN C 245 -31.93 4.52 -42.70
C ASN C 245 -31.66 3.01 -42.66
N SER C 246 -32.73 2.20 -42.59
CA SER C 246 -32.67 0.75 -42.49
C SER C 246 -31.75 0.07 -43.51
N ASP C 247 -31.71 0.57 -44.75
CA ASP C 247 -30.85 0.00 -45.78
C ASP C 247 -29.37 0.16 -45.43
N TRP C 248 -28.95 1.38 -45.06
CA TRP C 248 -27.56 1.59 -44.67
C TRP C 248 -27.21 0.96 -43.34
N ALA C 249 -28.19 0.85 -42.42
CA ALA C 249 -27.99 0.20 -41.12
C ALA C 249 -27.76 -1.31 -41.31
N MET C 250 -28.38 -1.91 -42.35
CA MET C 250 -28.22 -3.32 -42.69
C MET C 250 -26.84 -3.56 -43.26
N ARG C 251 -26.37 -2.66 -44.14
CA ARG C 251 -25.04 -2.76 -44.73
C ARG C 251 -23.98 -2.62 -43.62
N LEU C 252 -24.16 -1.63 -42.74
CA LEU C 252 -23.26 -1.39 -41.63
C LEU C 252 -23.23 -2.57 -40.67
N ARG C 253 -24.40 -3.14 -40.38
CA ARG C 253 -24.51 -4.29 -39.48
C ARG C 253 -23.84 -5.56 -40.05
N GLN C 254 -23.80 -5.68 -41.38
CA GLN C 254 -23.14 -6.81 -42.03
C GLN C 254 -21.63 -6.70 -41.89
N VAL C 255 -21.08 -5.48 -42.02
CA VAL C 255 -19.65 -5.23 -41.88
C VAL C 255 -19.22 -5.48 -40.44
N ARG C 256 -20.03 -5.06 -39.46
CA ARG C 256 -19.73 -5.25 -38.04
C ARG C 256 -19.70 -6.73 -37.65
N ALA C 257 -20.51 -7.56 -38.32
CA ALA C 257 -20.56 -8.99 -38.03
C ALA C 257 -19.30 -9.74 -38.48
N ILE C 258 -18.64 -9.28 -39.57
CA ILE C 258 -17.43 -9.96 -40.05
C ILE C 258 -16.14 -9.24 -39.65
N THR C 259 -16.14 -7.90 -39.58
CA THR C 259 -14.95 -7.15 -39.18
C THR C 259 -14.79 -7.08 -37.65
N GLY C 260 -15.88 -7.25 -36.91
CA GLY C 260 -15.90 -7.30 -35.45
C GLY C 260 -15.37 -6.14 -34.63
N ALA C 261 -15.65 -4.89 -35.04
CA ALA C 261 -15.22 -3.72 -34.24
C ALA C 261 -16.35 -3.38 -33.26
N LEU C 262 -16.70 -4.32 -32.39
CA LEU C 262 -17.80 -4.21 -31.44
C LEU C 262 -17.60 -3.21 -30.31
N LEU C 263 -18.71 -2.73 -29.75
CA LEU C 263 -18.72 -1.83 -28.60
C LEU C 263 -18.93 -2.73 -27.36
N HIS C 264 -17.99 -2.70 -26.41
CA HIS C 264 -18.03 -3.53 -25.21
C HIS C 264 -19.26 -3.19 -24.38
N PRO C 265 -19.92 -4.19 -23.75
CA PRO C 265 -21.11 -3.87 -22.93
C PRO C 265 -20.94 -2.73 -21.92
N MET C 266 -19.74 -2.60 -21.31
CA MET C 266 -19.46 -1.53 -20.34
C MET C 266 -19.41 -0.18 -21.03
N GLY C 267 -18.80 -0.13 -22.21
CA GLY C 267 -18.70 1.09 -22.99
C GLY C 267 -20.07 1.53 -23.45
N ALA C 268 -20.88 0.58 -23.91
CA ALA C 268 -22.24 0.82 -24.37
C ALA C 268 -23.15 1.31 -23.26
N TYR C 269 -22.94 0.82 -22.03
CA TYR C 269 -23.74 1.24 -20.89
C TYR C 269 -23.39 2.67 -20.51
N LEU C 270 -22.09 3.03 -20.50
CA LEU C 270 -21.66 4.37 -20.13
C LEU C 270 -22.03 5.40 -21.19
N LEU C 271 -22.03 5.00 -22.47
CA LEU C 271 -22.41 5.92 -23.54
C LEU C 271 -23.92 6.18 -23.52
N HIS C 272 -24.71 5.16 -23.19
CA HIS C 272 -26.15 5.27 -23.09
C HIS C 272 -26.51 6.09 -21.86
N ARG C 273 -25.82 5.84 -20.72
CA ARG C 273 -26.00 6.57 -19.47
C ARG C 273 -25.71 8.06 -19.68
N GLY C 274 -24.69 8.36 -20.48
CA GLY C 274 -24.29 9.73 -20.81
C GLY C 274 -25.29 10.50 -21.64
N LEU C 275 -26.16 9.80 -22.37
CA LEU C 275 -27.18 10.45 -23.17
C LEU C 275 -28.24 11.13 -22.29
N ARG C 276 -28.49 10.60 -21.08
CA ARG C 276 -29.47 11.13 -20.14
C ARG C 276 -29.09 12.53 -19.66
N THR C 277 -27.81 12.76 -19.42
CA THR C 277 -27.34 14.08 -18.97
C THR C 277 -26.84 14.97 -20.12
N LEU C 278 -27.09 14.60 -21.38
CA LEU C 278 -26.62 15.35 -22.54
C LEU C 278 -27.28 16.71 -22.72
N ALA C 279 -28.60 16.80 -22.58
CA ALA C 279 -29.30 18.06 -22.76
C ALA C 279 -28.84 19.12 -21.76
N VAL C 280 -28.71 18.75 -20.48
CA VAL C 280 -28.28 19.68 -19.44
C VAL C 280 -26.80 20.03 -19.55
N ARG C 281 -25.97 19.09 -20.04
CA ARG C 281 -24.54 19.35 -20.19
C ARG C 281 -24.28 20.28 -21.35
N MET C 282 -24.95 20.04 -22.48
CA MET C 282 -24.76 20.86 -23.68
C MET C 282 -25.28 22.26 -23.51
N ARG C 283 -26.43 22.44 -22.85
CA ARG C 283 -26.98 23.77 -22.63
C ARG C 283 -26.05 24.60 -21.74
N ALA C 284 -25.44 23.95 -20.71
CA ALA C 284 -24.51 24.63 -19.80
C ALA C 284 -23.15 24.92 -20.44
N ALA C 285 -22.59 23.96 -21.18
CA ALA C 285 -21.29 24.15 -21.81
C ALA C 285 -21.39 25.21 -22.91
N GLN C 286 -22.50 25.24 -23.67
CA GLN C 286 -22.71 26.22 -24.73
C GLN C 286 -22.85 27.62 -24.14
N THR C 287 -23.54 27.74 -23.00
CA THR C 287 -23.72 29.03 -22.33
C THR C 287 -22.37 29.57 -21.87
N THR C 288 -21.55 28.69 -21.28
CA THR C 288 -20.21 29.06 -20.82
C THR C 288 -19.34 29.46 -21.99
N ALA C 289 -19.40 28.71 -23.11
CA ALA C 289 -18.64 28.98 -24.33
C ALA C 289 -19.01 30.32 -24.99
N GLY C 290 -20.30 30.63 -25.02
CA GLY C 290 -20.79 31.87 -25.61
C GLY C 290 -20.31 33.11 -24.90
N GLU C 291 -20.15 33.01 -23.56
CA GLU C 291 -19.65 34.12 -22.76
C GLU C 291 -18.12 34.15 -22.79
N LEU C 292 -17.48 32.95 -22.75
CA LEU C 292 -16.04 32.78 -22.78
C LEU C 292 -15.43 33.36 -24.06
N ALA C 293 -16.05 33.10 -25.23
CA ALA C 293 -15.56 33.63 -26.50
C ALA C 293 -15.71 35.15 -26.58
N GLU C 294 -16.77 35.70 -25.97
CA GLU C 294 -17.02 37.14 -25.95
C GLU C 294 -16.01 37.84 -25.03
N ARG C 295 -15.66 37.21 -23.90
CA ARG C 295 -14.69 37.77 -22.96
C ARG C 295 -13.26 37.64 -23.51
N LEU C 296 -12.96 36.55 -24.23
CA LEU C 296 -11.65 36.35 -24.84
C LEU C 296 -11.41 37.27 -26.03
N ALA C 297 -12.47 37.75 -26.69
CA ALA C 297 -12.37 38.70 -27.80
C ALA C 297 -11.76 40.03 -27.34
N ALA C 298 -12.05 40.44 -26.10
CA ALA C 298 -11.51 41.66 -25.53
C ALA C 298 -10.15 41.37 -24.88
N HIS C 299 -9.19 40.89 -25.67
CA HIS C 299 -7.86 40.58 -25.19
C HIS C 299 -6.83 40.98 -26.25
N PRO C 300 -5.75 41.64 -25.85
CA PRO C 300 -4.75 42.09 -26.83
C PRO C 300 -4.03 40.98 -27.58
N ALA C 301 -3.81 39.84 -26.91
CA ALA C 301 -3.08 38.71 -27.50
C ALA C 301 -3.83 38.01 -28.63
N ILE C 302 -5.16 37.97 -28.57
CA ILE C 302 -5.93 37.29 -29.62
C ILE C 302 -6.40 38.29 -30.69
N THR C 303 -6.20 37.94 -31.96
CA THR C 303 -6.58 38.78 -33.10
C THR C 303 -8.01 38.50 -33.55
N ALA C 304 -8.43 37.23 -33.52
CA ALA C 304 -9.79 36.85 -33.93
C ALA C 304 -10.28 35.61 -33.20
N VAL C 305 -11.58 35.59 -32.85
CA VAL C 305 -12.17 34.46 -32.15
C VAL C 305 -13.11 33.70 -33.10
N HIS C 306 -13.01 32.38 -33.08
CA HIS C 306 -13.85 31.55 -33.92
C HIS C 306 -14.93 30.86 -33.09
N TYR C 307 -16.16 31.33 -33.21
CA TYR C 307 -17.29 30.77 -32.48
C TYR C 307 -18.54 30.98 -33.34
N PRO C 308 -19.28 29.91 -33.64
CA PRO C 308 -20.48 30.04 -34.49
C PRO C 308 -21.51 31.08 -34.04
N GLY C 309 -21.73 31.16 -32.73
CA GLY C 309 -22.67 32.12 -32.15
C GLY C 309 -22.21 33.56 -32.22
N LEU C 310 -20.88 33.78 -32.35
CA LEU C 310 -20.31 35.12 -32.44
C LEU C 310 -20.64 35.77 -33.78
N ASN C 311 -20.70 37.10 -33.76
CA ASN C 311 -21.01 37.92 -34.93
C ASN C 311 -19.87 37.86 -35.94
N GLY C 312 -20.21 37.52 -37.19
CA GLY C 312 -19.22 37.39 -38.25
C GLY C 312 -18.91 35.95 -38.65
N GLN C 313 -19.33 34.99 -37.80
CA GLN C 313 -19.11 33.56 -38.04
C GLN C 313 -20.38 32.82 -38.52
N ASP C 314 -21.39 33.56 -38.98
CA ASP C 314 -22.63 32.99 -39.50
C ASP C 314 -22.92 33.69 -40.83
N PRO C 315 -22.38 33.15 -41.94
CA PRO C 315 -22.56 33.83 -43.23
C PRO C 315 -23.87 33.58 -43.98
N ARG C 316 -24.40 32.35 -43.97
CA ARG C 316 -25.63 32.05 -44.72
C ARG C 316 -26.91 32.02 -43.88
N GLY C 317 -26.80 32.32 -42.58
CA GLY C 317 -27.94 32.31 -41.67
C GLY C 317 -28.24 30.91 -41.17
N LEU C 318 -27.18 30.14 -40.89
CA LEU C 318 -27.27 28.77 -40.41
C LEU C 318 -27.71 28.67 -38.94
N LEU C 319 -27.61 29.77 -38.17
CA LEU C 319 -28.00 29.76 -36.76
C LEU C 319 -29.53 29.88 -36.66
N GLY C 320 -30.18 28.75 -36.42
CA GLY C 320 -31.63 28.69 -36.33
C GLY C 320 -32.20 27.73 -37.35
N ARG C 321 -31.64 27.76 -38.56
CA ARG C 321 -32.06 26.90 -39.67
C ARG C 321 -31.42 25.50 -39.55
N GLN C 322 -30.16 25.46 -39.13
CA GLN C 322 -29.42 24.20 -39.01
C GLN C 322 -28.94 23.96 -37.57
N MET C 323 -28.45 25.02 -36.90
CA MET C 323 -27.93 24.91 -35.54
C MET C 323 -28.71 25.76 -34.55
N SER C 324 -29.29 25.15 -33.50
CA SER C 324 -30.03 25.90 -32.49
C SER C 324 -29.12 26.33 -31.32
N GLY C 325 -27.88 26.66 -31.62
CA GLY C 325 -26.89 27.09 -30.64
C GLY C 325 -25.50 27.21 -31.23
N GLY C 326 -24.61 27.87 -30.52
CA GLY C 326 -23.24 28.06 -30.98
C GLY C 326 -22.26 26.95 -30.67
N GLY C 327 -22.69 25.98 -29.88
CA GLY C 327 -21.85 24.85 -29.50
C GLY C 327 -20.95 25.12 -28.31
N ALA C 328 -20.12 24.14 -27.96
CA ALA C 328 -19.20 24.29 -26.82
C ALA C 328 -17.74 24.23 -27.23
N MET C 329 -17.43 24.58 -28.48
CA MET C 329 -16.06 24.60 -28.98
C MET C 329 -15.68 26.02 -29.38
N ILE C 330 -14.45 26.45 -29.05
CA ILE C 330 -13.97 27.78 -29.42
C ILE C 330 -12.56 27.68 -30.02
N ALA C 331 -12.28 28.40 -31.11
CA ALA C 331 -10.95 28.39 -31.70
C ALA C 331 -10.37 29.79 -31.54
N LEU C 332 -9.11 29.89 -31.09
CA LEU C 332 -8.49 31.20 -30.85
C LEU C 332 -7.32 31.49 -31.79
N GLU C 333 -7.34 32.64 -32.47
CA GLU C 333 -6.24 33.03 -33.34
C GLU C 333 -5.29 33.97 -32.59
N LEU C 334 -4.09 33.47 -32.26
CA LEU C 334 -3.11 34.24 -31.50
C LEU C 334 -2.16 35.07 -32.37
N ALA C 335 -1.83 36.27 -31.91
CA ALA C 335 -0.95 37.18 -32.64
C ALA C 335 0.50 36.70 -32.69
N GLY C 336 0.93 35.98 -31.66
CA GLY C 336 2.29 35.47 -31.58
C GLY C 336 2.58 34.25 -32.46
N GLY C 337 1.54 33.68 -33.05
CA GLY C 337 1.70 32.52 -33.92
C GLY C 337 1.76 31.22 -33.14
N PHE C 338 2.64 30.32 -33.57
CA PHE C 338 2.80 29.00 -32.94
C PHE C 338 3.42 29.07 -31.56
N ASP C 339 4.39 29.97 -31.34
CA ASP C 339 5.05 30.07 -30.04
C ASP C 339 4.14 30.61 -28.97
N ALA C 340 3.32 31.61 -29.29
CA ALA C 340 2.35 32.13 -28.33
C ALA C 340 1.30 31.06 -28.00
N ALA C 341 0.94 30.23 -29.00
CA ALA C 341 -0.01 29.15 -28.85
C ALA C 341 0.57 28.03 -27.96
N ARG C 342 1.85 27.68 -28.16
CA ARG C 342 2.55 26.65 -27.39
C ARG C 342 2.74 27.09 -25.93
N SER C 343 3.06 28.38 -25.71
CA SER C 343 3.22 28.94 -24.37
C SER C 343 1.89 29.00 -23.64
N PHE C 344 0.80 29.29 -24.37
CA PHE C 344 -0.55 29.39 -23.84
C PHE C 344 -1.05 28.02 -23.37
N VAL C 345 -0.73 26.97 -24.12
CA VAL C 345 -1.15 25.61 -23.78
C VAL C 345 -0.40 25.09 -22.53
N GLU C 346 0.91 25.35 -22.47
CA GLU C 346 1.72 24.91 -21.35
C GLU C 346 1.55 25.76 -20.09
N HIS C 347 0.99 26.98 -20.21
CA HIS C 347 0.74 27.83 -19.04
C HIS C 347 -0.65 27.66 -18.43
N CYS C 348 -1.44 26.68 -18.89
CA CYS C 348 -2.76 26.44 -18.35
C CYS C 348 -2.63 25.45 -17.19
N SER C 349 -3.32 25.72 -16.08
CA SER C 349 -3.27 24.83 -14.92
C SER C 349 -4.62 24.13 -14.70
N LEU C 350 -5.72 24.90 -14.68
CA LEU C 350 -7.06 24.35 -14.52
C LEU C 350 -7.48 23.69 -15.83
N VAL C 351 -7.25 24.36 -16.96
CA VAL C 351 -7.58 23.80 -18.26
C VAL C 351 -6.51 22.75 -18.62
N VAL C 352 -6.95 21.52 -18.89
CA VAL C 352 -6.06 20.40 -19.18
C VAL C 352 -5.62 20.34 -20.65
N HIS C 353 -4.31 20.18 -20.91
CA HIS C 353 -3.83 20.05 -22.28
C HIS C 353 -3.88 18.60 -22.74
N ALA C 354 -4.87 18.27 -23.58
CA ALA C 354 -5.04 16.92 -24.12
C ALA C 354 -5.76 16.95 -25.48
N VAL C 355 -5.60 15.90 -26.29
CA VAL C 355 -6.23 15.83 -27.60
C VAL C 355 -7.59 15.14 -27.59
N SER C 356 -8.64 15.86 -27.21
CA SER C 356 -10.02 15.35 -27.21
C SER C 356 -11.04 16.49 -26.93
N LEU C 357 -12.34 16.17 -26.95
CA LEU C 357 -13.38 17.18 -26.70
C LEU C 357 -14.62 16.56 -26.03
N GLY C 358 -15.52 17.42 -25.54
CA GLY C 358 -16.77 17.00 -24.92
C GLY C 358 -16.68 16.33 -23.58
N GLY C 359 -15.56 16.49 -22.89
CA GLY C 359 -15.38 15.92 -21.57
C GLY C 359 -16.02 16.75 -20.47
N ALA C 360 -15.88 16.32 -19.22
CA ALA C 360 -16.44 17.06 -18.08
C ALA C 360 -15.64 18.34 -17.83
N ASP C 361 -14.32 18.28 -18.01
CA ASP C 361 -13.45 19.43 -17.83
C ASP C 361 -13.07 20.10 -19.16
N THR C 362 -12.61 21.35 -19.10
CA THR C 362 -12.22 22.12 -20.27
C THR C 362 -10.87 21.61 -20.79
N LEU C 363 -10.79 21.29 -22.08
CA LEU C 363 -9.57 20.79 -22.67
C LEU C 363 -8.99 21.78 -23.67
N ILE C 364 -7.67 21.84 -23.77
CA ILE C 364 -6.99 22.72 -24.71
C ILE C 364 -6.02 21.92 -25.57
N GLN C 365 -5.84 22.31 -26.84
CA GLN C 365 -4.93 21.61 -27.74
C GLN C 365 -4.36 22.54 -28.80
N HIS C 366 -3.20 22.19 -29.35
CA HIS C 366 -2.59 22.96 -30.42
C HIS C 366 -2.65 22.06 -31.65
N PRO C 367 -3.62 22.29 -32.56
CA PRO C 367 -3.75 21.41 -33.73
C PRO C 367 -2.56 21.44 -34.68
N ALA C 368 -1.90 22.59 -34.81
CA ALA C 368 -0.73 22.70 -35.68
C ALA C 368 0.45 21.86 -35.18
N SER C 369 0.53 21.62 -33.86
CA SER C 369 1.59 20.84 -33.21
C SER C 369 1.62 19.37 -33.60
N LEU C 370 0.51 18.82 -34.09
CA LEU C 370 0.46 17.41 -34.48
C LEU C 370 1.30 17.15 -35.74
N THR C 371 1.39 18.13 -36.63
CA THR C 371 2.17 17.99 -37.86
C THR C 371 3.51 18.74 -37.76
N HIS C 372 3.49 19.95 -37.20
CA HIS C 372 4.70 20.76 -37.00
C HIS C 372 5.09 20.58 -35.54
N ARG C 373 5.63 19.40 -35.20
CA ARG C 373 5.93 19.06 -33.80
C ARG C 373 7.32 19.56 -33.31
N PRO C 374 8.46 19.22 -33.95
CA PRO C 374 9.76 19.66 -33.40
C PRO C 374 10.18 21.10 -33.72
N VAL C 375 9.31 22.08 -33.43
CA VAL C 375 9.65 23.49 -33.63
C VAL C 375 10.39 23.92 -32.35
N ALA C 376 11.73 24.00 -32.39
CA ALA C 376 12.50 24.32 -31.20
C ALA C 376 12.87 25.79 -31.04
N ALA C 377 12.12 26.53 -30.19
CA ALA C 377 12.31 27.94 -29.84
C ALA C 377 12.41 28.88 -31.05
N THR C 378 11.50 28.70 -32.03
CA THR C 378 11.47 29.50 -33.25
C THR C 378 10.37 30.59 -33.19
N ALA C 379 10.39 31.57 -34.11
CA ALA C 379 9.39 32.64 -34.13
C ALA C 379 8.57 32.60 -35.43
N LYS C 380 7.91 31.46 -35.70
CA LYS C 380 7.13 31.31 -36.92
C LYS C 380 5.86 32.18 -36.94
N PRO C 381 5.62 32.87 -38.07
CA PRO C 381 4.46 33.76 -38.14
C PRO C 381 3.09 33.10 -38.12
N GLY C 382 2.95 31.98 -38.80
CA GLY C 382 1.67 31.28 -38.88
C GLY C 382 1.41 30.26 -37.80
N ASP C 383 0.29 29.52 -37.95
CA ASP C 383 -0.15 28.44 -37.07
C ASP C 383 -0.44 28.87 -35.63
N GLY C 384 -1.26 29.90 -35.47
CA GLY C 384 -1.60 30.41 -34.15
C GLY C 384 -2.97 30.01 -33.62
N LEU C 385 -3.59 29.01 -34.25
CA LEU C 385 -4.92 28.55 -33.83
C LEU C 385 -4.86 27.57 -32.65
N ILE C 386 -5.75 27.77 -31.67
CA ILE C 386 -5.84 26.92 -30.49
C ILE C 386 -7.27 26.44 -30.35
N ARG C 387 -7.48 25.10 -30.28
CA ARG C 387 -8.83 24.57 -30.09
C ARG C 387 -9.12 24.46 -28.60
N LEU C 388 -10.35 24.73 -28.20
CA LEU C 388 -10.74 24.72 -26.81
C LEU C 388 -12.12 24.09 -26.65
N SER C 389 -12.23 23.03 -25.84
CA SER C 389 -13.51 22.37 -25.62
C SER C 389 -14.03 22.76 -24.24
N VAL C 390 -15.03 23.64 -24.19
CA VAL C 390 -15.60 24.12 -22.93
C VAL C 390 -16.29 23.01 -22.12
N GLY C 391 -15.89 22.89 -20.86
CA GLY C 391 -16.42 21.89 -19.94
C GLY C 391 -17.59 22.38 -19.11
N LEU C 392 -17.77 21.79 -17.93
CA LEU C 392 -18.88 22.13 -17.04
C LEU C 392 -18.45 23.02 -15.87
N GLU C 393 -17.44 23.87 -16.07
CA GLU C 393 -16.97 24.76 -15.02
C GLU C 393 -17.58 26.18 -15.11
N HIS C 394 -17.30 27.02 -14.12
CA HIS C 394 -17.77 28.40 -14.08
C HIS C 394 -16.97 29.23 -15.08
N VAL C 395 -17.64 30.20 -15.72
CA VAL C 395 -17.04 31.08 -16.72
C VAL C 395 -15.96 32.00 -16.12
N ASP C 396 -16.09 32.35 -14.83
CA ASP C 396 -15.10 33.21 -14.18
C ASP C 396 -13.80 32.45 -13.95
N ASP C 397 -13.88 31.18 -13.56
CA ASP C 397 -12.69 30.35 -13.31
C ASP C 397 -11.95 30.00 -14.60
N LEU C 398 -12.68 29.80 -15.69
CA LEU C 398 -12.07 29.50 -16.97
C LEU C 398 -11.45 30.74 -17.60
N GLU C 399 -12.10 31.91 -17.42
CA GLU C 399 -11.57 33.17 -17.94
C GLU C 399 -10.31 33.54 -17.18
N ASP C 400 -10.31 33.39 -15.84
CA ASP C 400 -9.15 33.72 -15.02
C ASP C 400 -7.93 32.85 -15.32
N ASP C 401 -8.16 31.57 -15.65
CA ASP C 401 -7.06 30.65 -15.94
C ASP C 401 -6.46 30.92 -17.32
N LEU C 402 -7.30 31.10 -18.35
CA LEU C 402 -6.83 31.36 -19.70
C LEU C 402 -6.21 32.75 -19.82
N ILE C 403 -6.74 33.73 -19.08
CA ILE C 403 -6.18 35.08 -19.08
C ILE C 403 -4.77 35.07 -18.43
N ALA C 404 -4.52 34.17 -17.45
CA ALA C 404 -3.24 34.04 -16.79
C ALA C 404 -2.22 33.37 -17.73
N ALA C 405 -2.66 32.36 -18.48
CA ALA C 405 -1.82 31.65 -19.42
C ALA C 405 -1.41 32.55 -20.59
N LEU C 406 -2.31 33.46 -21.01
CA LEU C 406 -2.04 34.41 -22.09
C LEU C 406 -1.00 35.43 -21.62
N ASP C 407 -1.13 35.92 -20.37
CA ASP C 407 -0.19 36.87 -19.80
C ASP C 407 1.22 36.30 -19.66
N ALA C 408 1.35 34.98 -19.54
CA ALA C 408 2.65 34.34 -19.46
C ALA C 408 3.28 34.27 -20.86
N SER C 409 4.00 35.32 -21.26
CA SER C 409 4.63 35.38 -22.58
C SER C 409 5.89 36.26 -22.57
N MET D 21 10.78 -13.39 -15.99
CA MET D 21 9.91 -13.66 -17.14
C MET D 21 10.61 -14.46 -18.26
N ASN D 22 11.81 -15.00 -17.99
CA ASN D 22 12.58 -15.74 -18.98
C ASN D 22 12.75 -17.21 -18.56
N SER D 23 13.37 -17.46 -17.39
CA SER D 23 13.60 -18.81 -16.85
C SER D 23 12.36 -19.42 -16.16
N MET D 24 11.20 -18.76 -16.26
CA MET D 24 9.98 -19.22 -15.62
C MET D 24 9.26 -20.29 -16.41
N HIS D 25 8.58 -21.19 -15.70
CA HIS D 25 7.73 -22.21 -16.31
C HIS D 25 6.46 -21.52 -16.83
N PRO D 26 5.81 -22.10 -17.85
CA PRO D 26 4.59 -21.46 -18.39
C PRO D 26 3.49 -21.20 -17.36
N GLU D 27 3.37 -22.07 -16.35
CA GLU D 27 2.37 -21.93 -15.29
C GLU D 27 2.63 -20.67 -14.45
N THR D 28 3.90 -20.38 -14.15
CA THR D 28 4.29 -19.19 -13.39
C THR D 28 4.19 -17.94 -14.27
N LEU D 29 4.57 -18.07 -15.54
CA LEU D 29 4.54 -17.00 -16.54
C LEU D 29 3.12 -16.52 -16.83
N MET D 30 2.12 -17.41 -16.70
CA MET D 30 0.72 -17.04 -16.92
C MET D 30 0.18 -16.14 -15.80
N VAL D 31 0.64 -16.37 -14.57
CA VAL D 31 0.22 -15.62 -13.40
C VAL D 31 0.93 -14.25 -13.30
N HIS D 32 2.24 -14.23 -13.47
CA HIS D 32 3.00 -12.98 -13.36
C HIS D 32 3.25 -12.22 -14.67
N GLY D 33 2.86 -12.81 -15.80
CA GLY D 33 3.05 -12.18 -17.10
C GLY D 33 2.18 -10.95 -17.28
N GLY D 34 2.79 -9.88 -17.77
CA GLY D 34 2.10 -8.60 -17.95
C GLY D 34 1.92 -7.80 -16.66
N MET D 35 2.34 -8.36 -15.50
CA MET D 35 2.22 -7.72 -14.20
C MET D 35 3.52 -7.02 -13.80
N ASP D 36 4.23 -6.45 -14.78
CA ASP D 36 5.50 -5.79 -14.52
C ASP D 36 5.31 -4.41 -13.90
N GLY D 37 6.00 -4.15 -12.80
CA GLY D 37 5.93 -2.87 -12.13
C GLY D 37 4.76 -2.68 -11.17
N LEU D 38 3.84 -3.64 -11.11
CA LEU D 38 2.68 -3.54 -10.23
C LEU D 38 3.08 -3.68 -8.77
N THR D 39 3.96 -4.66 -8.46
CA THR D 39 4.46 -4.88 -7.11
C THR D 39 5.17 -3.61 -6.58
N GLU D 40 5.91 -2.93 -7.48
CA GLU D 40 6.65 -1.72 -7.19
C GLU D 40 5.72 -0.52 -6.99
N ALA D 41 4.59 -0.47 -7.71
CA ALA D 41 3.61 0.61 -7.59
C ALA D 41 2.76 0.53 -6.31
N GLY D 42 2.74 -0.61 -5.65
CA GLY D 42 1.95 -0.80 -4.44
C GLY D 42 0.55 -1.33 -4.67
N VAL D 43 0.33 -1.98 -5.83
CA VAL D 43 -0.97 -2.57 -6.18
C VAL D 43 -0.85 -4.07 -6.44
N HIS D 44 -1.98 -4.81 -6.33
CA HIS D 44 -1.99 -6.26 -6.52
C HIS D 44 -2.43 -6.65 -7.92
N VAL D 45 -3.35 -5.88 -8.52
CA VAL D 45 -3.85 -6.13 -9.87
C VAL D 45 -3.69 -4.86 -10.74
N PRO D 46 -3.61 -4.99 -12.08
CA PRO D 46 -3.46 -3.79 -12.92
C PRO D 46 -4.70 -2.89 -12.85
N ALA D 47 -4.48 -1.58 -12.73
CA ALA D 47 -5.59 -0.63 -12.63
C ALA D 47 -6.34 -0.52 -13.95
N ILE D 48 -7.66 -0.30 -13.87
CA ILE D 48 -8.48 -0.15 -15.06
C ILE D 48 -8.59 1.33 -15.40
N ASP D 49 -7.79 1.78 -16.35
CA ASP D 49 -7.78 3.18 -16.76
C ASP D 49 -8.71 3.34 -17.95
N LEU D 50 -9.91 3.89 -17.69
CA LEU D 50 -10.90 4.09 -18.75
C LEU D 50 -10.65 5.35 -19.60
N SER D 51 -9.67 6.19 -19.23
CA SER D 51 -9.31 7.44 -19.90
C SER D 51 -9.28 7.37 -21.43
N THR D 52 -10.16 8.12 -22.09
CA THR D 52 -10.19 8.17 -23.54
C THR D 52 -9.01 9.01 -24.05
N THR D 53 -8.75 10.14 -23.39
CA THR D 53 -7.64 11.02 -23.75
C THR D 53 -6.60 11.06 -22.63
N ASN D 54 -5.34 11.35 -22.99
CA ASN D 54 -4.26 11.41 -22.00
C ASN D 54 -3.54 12.74 -22.08
N PRO D 55 -3.52 13.50 -20.97
CA PRO D 55 -2.82 14.79 -20.98
C PRO D 55 -1.33 14.67 -21.23
N VAL D 56 -0.71 15.72 -21.78
CA VAL D 56 0.71 15.69 -22.10
C VAL D 56 1.53 16.64 -21.23
N ASN D 57 2.81 16.31 -21.00
CA ASN D 57 3.70 17.15 -20.19
C ASN D 57 4.06 18.40 -20.99
N ASP D 58 4.59 18.20 -22.20
CA ASP D 58 4.95 19.32 -23.07
C ASP D 58 4.27 19.16 -24.44
N VAL D 59 4.13 20.27 -25.17
CA VAL D 59 3.58 20.26 -26.51
C VAL D 59 4.55 19.51 -27.43
N ALA D 60 5.87 19.77 -27.28
CA ALA D 60 6.90 19.11 -28.07
C ALA D 60 6.99 17.62 -27.78
N THR D 61 6.97 17.23 -26.48
CA THR D 61 7.03 15.82 -26.10
C THR D 61 5.77 15.04 -26.46
N GLY D 62 4.62 15.71 -26.36
CA GLY D 62 3.33 15.13 -26.69
C GLY D 62 3.15 14.92 -28.18
N GLY D 63 3.72 15.82 -28.98
CA GLY D 63 3.66 15.72 -30.43
C GLY D 63 4.52 14.59 -30.94
N ASP D 64 5.68 14.37 -30.31
CA ASP D 64 6.59 13.28 -30.67
C ASP D 64 5.96 11.93 -30.30
N SER D 65 5.30 11.86 -29.14
CA SER D 65 4.63 10.65 -28.68
C SER D 65 3.45 10.29 -29.60
N TYR D 66 2.78 11.31 -30.18
CA TYR D 66 1.68 11.13 -31.11
C TYR D 66 2.19 10.49 -32.41
N GLU D 67 3.31 11.00 -32.96
CA GLU D 67 3.90 10.47 -34.19
C GLU D 67 4.45 9.06 -33.99
N TRP D 68 5.03 8.80 -32.81
CA TRP D 68 5.59 7.49 -32.46
C TRP D 68 4.48 6.43 -32.39
N LEU D 69 3.35 6.78 -31.76
CA LEU D 69 2.24 5.85 -31.63
C LEU D 69 1.40 5.71 -32.90
N ALA D 70 1.34 6.78 -33.72
CA ALA D 70 0.60 6.71 -34.98
C ALA D 70 1.37 5.87 -36.01
N THR D 71 2.71 5.90 -35.97
CA THR D 71 3.52 5.10 -36.89
C THR D 71 3.57 3.60 -36.54
N GLY D 72 2.84 3.18 -35.52
CA GLY D 72 2.77 1.78 -35.14
C GLY D 72 3.76 1.31 -34.10
N HIS D 73 4.51 2.24 -33.50
CA HIS D 73 5.48 1.86 -32.47
C HIS D 73 4.82 1.74 -31.10
N ALA D 74 5.43 0.97 -30.20
CA ALA D 74 4.90 0.80 -28.86
C ALA D 74 5.25 2.00 -27.97
N LEU D 75 4.42 2.31 -26.97
CA LEU D 75 4.67 3.45 -26.10
C LEU D 75 5.97 3.36 -25.33
N LYS D 76 6.83 4.37 -25.49
CA LYS D 76 8.09 4.43 -24.74
C LYS D 76 7.79 4.84 -23.30
N ASP D 77 8.54 4.29 -22.34
CA ASP D 77 8.31 4.57 -20.93
C ASP D 77 8.55 6.03 -20.58
N GLY D 78 7.63 6.60 -19.81
CA GLY D 78 7.68 8.00 -19.41
C GLY D 78 7.09 8.95 -20.44
N ASP D 79 6.25 8.43 -21.33
CA ASP D 79 5.60 9.24 -22.37
C ASP D 79 4.10 9.10 -22.26
N SER D 80 3.36 10.17 -22.54
CA SER D 80 1.90 10.14 -22.47
C SER D 80 1.32 9.23 -23.53
N ALA D 81 0.27 8.48 -23.18
CA ALA D 81 -0.39 7.60 -24.15
C ALA D 81 -1.13 8.37 -25.26
N VAL D 82 -1.30 9.71 -25.10
CA VAL D 82 -1.92 10.70 -25.98
C VAL D 82 -3.44 10.49 -26.17
N TYR D 83 -3.84 9.32 -26.69
CA TYR D 83 -5.23 8.96 -26.94
C TYR D 83 -5.39 7.44 -26.83
N GLN D 84 -6.58 6.94 -26.48
CA GLN D 84 -6.80 5.50 -26.33
C GLN D 84 -6.66 4.75 -27.65
N ARG D 85 -7.03 5.38 -28.78
CA ARG D 85 -6.87 4.76 -30.10
C ARG D 85 -5.39 4.57 -30.48
N LEU D 86 -4.49 5.38 -29.88
CA LEU D 86 -3.05 5.29 -30.11
C LEU D 86 -2.45 4.30 -29.11
N TRP D 87 -2.86 4.39 -27.83
CA TRP D 87 -2.35 3.51 -26.78
C TRP D 87 -3.26 3.43 -25.54
N GLN D 88 -3.42 2.22 -25.00
CA GLN D 88 -4.19 1.98 -23.78
C GLN D 88 -3.33 1.12 -22.85
N PRO D 89 -3.04 1.60 -21.63
CA PRO D 89 -2.17 0.83 -20.72
C PRO D 89 -2.69 -0.53 -20.29
N GLY D 90 -4.00 -0.68 -20.18
CA GLY D 90 -4.61 -1.95 -19.80
C GLY D 90 -4.43 -3.00 -20.88
N VAL D 91 -4.68 -2.59 -22.13
CA VAL D 91 -4.51 -3.44 -23.31
C VAL D 91 -3.03 -3.85 -23.42
N ALA D 92 -2.12 -2.88 -23.24
CA ALA D 92 -0.68 -3.06 -23.29
C ALA D 92 -0.18 -4.18 -22.36
N ARG D 93 -0.69 -4.25 -21.12
CA ARG D 93 -0.27 -5.29 -20.17
C ARG D 93 -0.72 -6.68 -20.62
N PHE D 94 -1.89 -6.77 -21.27
CA PHE D 94 -2.41 -8.02 -21.79
C PHE D 94 -1.60 -8.47 -23.00
N GLU D 95 -1.15 -7.52 -23.84
CA GLU D 95 -0.35 -7.83 -25.02
C GLU D 95 1.02 -8.38 -24.58
N THR D 96 1.62 -7.77 -23.55
CA THR D 96 2.91 -8.21 -23.02
C THR D 96 2.79 -9.65 -22.49
N ALA D 97 1.72 -9.92 -21.73
CA ALA D 97 1.45 -11.23 -21.13
C ALA D 97 1.30 -12.37 -22.14
N LEU D 98 0.51 -12.19 -23.21
CA LEU D 98 0.33 -13.25 -24.20
C LEU D 98 1.57 -13.48 -25.02
N ALA D 99 2.24 -12.40 -25.45
CA ALA D 99 3.46 -12.51 -26.24
C ALA D 99 4.55 -13.29 -25.52
N GLU D 100 4.62 -13.20 -24.17
CA GLU D 100 5.59 -13.95 -23.38
C GLU D 100 5.29 -15.45 -23.44
N LEU D 101 4.00 -15.81 -23.38
CA LEU D 101 3.56 -17.20 -23.45
C LEU D 101 3.82 -17.80 -24.83
N GLU D 102 3.64 -16.99 -25.88
CA GLU D 102 3.83 -17.39 -27.27
C GLU D 102 5.27 -17.27 -27.76
N HIS D 103 6.15 -16.62 -26.99
CA HIS D 103 7.56 -16.36 -27.31
C HIS D 103 7.72 -15.49 -28.57
N ALA D 104 6.75 -14.61 -28.82
CA ALA D 104 6.79 -13.68 -29.95
C ALA D 104 7.26 -12.31 -29.49
N ASP D 105 7.87 -11.54 -30.40
CA ASP D 105 8.41 -10.21 -30.09
C ASP D 105 7.39 -9.26 -29.44
N GLU D 106 6.22 -9.10 -30.06
CA GLU D 106 5.17 -8.20 -29.57
C GLU D 106 3.77 -8.81 -29.83
N ALA D 107 2.72 -8.18 -29.31
CA ALA D 107 1.35 -8.61 -29.56
C ALA D 107 0.42 -7.41 -29.75
N VAL D 108 -0.63 -7.56 -30.58
CA VAL D 108 -1.56 -6.45 -30.81
C VAL D 108 -2.99 -6.88 -30.48
N ALA D 109 -3.66 -6.19 -29.55
CA ALA D 109 -5.02 -6.56 -29.15
C ALA D 109 -6.13 -5.72 -29.79
N PHE D 110 -7.19 -6.41 -30.21
CA PHE D 110 -8.35 -5.86 -30.89
C PHE D 110 -9.67 -6.26 -30.20
N ALA D 111 -10.78 -5.61 -30.58
CA ALA D 111 -12.10 -5.85 -30.01
C ALA D 111 -12.50 -7.31 -30.04
N THR D 112 -12.31 -7.99 -31.18
CA THR D 112 -12.66 -9.41 -31.37
C THR D 112 -11.55 -10.15 -32.17
N GLY D 113 -11.66 -11.48 -32.28
CA GLY D 113 -10.73 -12.27 -33.07
C GLY D 113 -10.81 -11.92 -34.54
N MET D 114 -12.02 -11.56 -35.01
CA MET D 114 -12.30 -11.12 -36.37
C MET D 114 -11.70 -9.75 -36.67
N ALA D 115 -11.62 -8.88 -35.65
CA ALA D 115 -11.01 -7.56 -35.79
C ALA D 115 -9.49 -7.67 -35.95
N ALA D 116 -8.87 -8.69 -35.31
CA ALA D 116 -7.44 -8.94 -35.42
C ALA D 116 -7.14 -9.51 -36.82
N MET D 117 -7.98 -10.44 -37.29
CA MET D 117 -7.84 -11.03 -38.61
C MET D 117 -8.05 -9.96 -39.69
N THR D 118 -9.01 -9.05 -39.48
CA THR D 118 -9.31 -7.94 -40.39
C THR D 118 -8.10 -7.02 -40.54
N ALA D 119 -7.44 -6.69 -39.42
CA ALA D 119 -6.27 -5.83 -39.44
C ALA D 119 -5.08 -6.52 -40.10
N ALA D 120 -4.95 -7.84 -39.91
CA ALA D 120 -3.87 -8.62 -40.53
C ALA D 120 -4.04 -8.65 -42.06
N LEU D 121 -5.29 -8.75 -42.54
CA LEU D 121 -5.57 -8.76 -43.96
C LEU D 121 -5.41 -7.36 -44.56
N LEU D 122 -5.86 -6.32 -43.85
CA LEU D 122 -5.74 -4.94 -44.31
C LEU D 122 -4.29 -4.50 -44.43
N ALA D 123 -3.43 -4.97 -43.51
CA ALA D 123 -2.01 -4.65 -43.53
C ALA D 123 -1.32 -5.28 -44.74
N ALA D 124 -1.72 -6.52 -45.08
CA ALA D 124 -1.16 -7.24 -46.22
C ALA D 124 -1.53 -6.56 -47.53
N VAL D 125 -2.78 -6.07 -47.65
CA VAL D 125 -3.25 -5.38 -48.85
C VAL D 125 -2.47 -4.09 -49.08
N ASN D 126 -2.30 -3.29 -48.03
CA ASN D 126 -1.57 -2.03 -48.13
C ASN D 126 -0.08 -2.21 -48.39
N ALA D 127 0.48 -3.35 -47.99
CA ALA D 127 1.89 -3.65 -48.29
C ALA D 127 2.11 -4.17 -49.73
N GLY D 128 1.06 -4.15 -50.55
CA GLY D 128 1.14 -4.62 -51.93
C GLY D 128 0.98 -6.12 -52.09
N THR D 129 0.50 -6.80 -51.05
CA THR D 129 0.30 -8.25 -51.11
C THR D 129 -1.13 -8.62 -50.77
N PRO D 130 -2.10 -8.34 -51.66
CA PRO D 130 -3.50 -8.67 -51.35
C PRO D 130 -3.85 -10.15 -51.44
N HIS D 131 -2.98 -10.97 -52.03
CA HIS D 131 -3.25 -12.39 -52.17
C HIS D 131 -2.99 -13.18 -50.90
N ILE D 132 -3.91 -14.07 -50.54
CA ILE D 132 -3.77 -14.92 -49.36
C ILE D 132 -3.96 -16.39 -49.76
N VAL D 133 -2.99 -17.23 -49.42
CA VAL D 133 -3.09 -18.66 -49.69
C VAL D 133 -3.62 -19.29 -48.41
N ALA D 134 -4.93 -19.50 -48.37
CA ALA D 134 -5.57 -20.10 -47.21
C ALA D 134 -5.66 -21.61 -47.36
N VAL D 135 -5.60 -22.33 -46.24
CA VAL D 135 -5.68 -23.78 -46.25
C VAL D 135 -6.95 -24.25 -45.53
N ARG D 136 -7.88 -24.85 -46.29
CA ARG D 136 -9.14 -25.36 -45.76
C ARG D 136 -8.91 -26.65 -44.93
N PRO D 137 -9.62 -26.88 -43.82
CA PRO D 137 -10.74 -26.08 -43.29
C PRO D 137 -10.33 -24.89 -42.42
N LEU D 138 -11.12 -23.82 -42.49
CA LEU D 138 -10.88 -22.63 -41.67
C LEU D 138 -12.15 -22.25 -40.87
N TYR D 139 -12.00 -21.42 -39.81
CA TYR D 139 -13.12 -20.96 -38.99
C TYR D 139 -14.13 -20.21 -39.87
N GLY D 140 -15.42 -20.42 -39.64
CA GLY D 140 -16.51 -19.81 -40.40
C GLY D 140 -16.34 -18.37 -40.82
N GLY D 141 -16.01 -17.51 -39.86
CA GLY D 141 -15.80 -16.09 -40.08
C GLY D 141 -14.58 -15.78 -40.92
N SER D 142 -13.47 -16.48 -40.65
CA SER D 142 -12.21 -16.29 -41.40
C SER D 142 -12.40 -16.74 -42.85
N ASP D 143 -13.12 -17.85 -43.05
CA ASP D 143 -13.41 -18.42 -44.36
C ASP D 143 -14.32 -17.48 -45.15
N HIS D 144 -15.34 -16.90 -44.48
CA HIS D 144 -16.29 -16.00 -45.15
C HIS D 144 -15.68 -14.64 -45.47
N LEU D 145 -14.70 -14.19 -44.69
CA LEU D 145 -14.04 -12.90 -44.93
C LEU D 145 -13.14 -12.96 -46.16
N LEU D 146 -12.48 -14.11 -46.39
CA LEU D 146 -11.62 -14.31 -47.54
C LEU D 146 -12.43 -14.53 -48.81
N GLU D 147 -13.57 -15.22 -48.70
CA GLU D 147 -14.44 -15.49 -49.84
C GLU D 147 -15.12 -14.22 -50.34
N THR D 148 -15.55 -13.37 -49.41
CA THR D 148 -16.22 -12.11 -49.77
C THR D 148 -15.25 -11.09 -50.36
N GLY D 149 -14.01 -11.09 -49.89
CA GLY D 149 -12.99 -10.15 -50.35
C GLY D 149 -13.32 -8.72 -50.03
N LEU D 150 -13.95 -8.51 -48.86
CA LEU D 150 -14.40 -7.21 -48.36
C LEU D 150 -13.25 -6.22 -48.19
N LEU D 151 -12.08 -6.72 -47.81
CA LEU D 151 -10.90 -5.87 -47.59
C LEU D 151 -9.96 -5.76 -48.79
N GLY D 152 -10.43 -6.16 -49.97
CA GLY D 152 -9.62 -6.12 -51.20
C GLY D 152 -8.59 -7.22 -51.27
N THR D 153 -8.96 -8.43 -50.82
CA THR D 153 -8.06 -9.58 -50.83
C THR D 153 -8.49 -10.62 -51.84
N THR D 154 -7.52 -11.31 -52.45
CA THR D 154 -7.81 -12.40 -53.38
C THR D 154 -7.35 -13.69 -52.71
N VAL D 155 -8.27 -14.65 -52.53
CA VAL D 155 -7.93 -15.89 -51.85
C VAL D 155 -7.71 -17.06 -52.82
N THR D 156 -6.84 -18.00 -52.42
CA THR D 156 -6.55 -19.21 -53.18
C THR D 156 -6.61 -20.37 -52.18
N TRP D 157 -7.74 -21.07 -52.15
CA TRP D 157 -7.94 -22.19 -51.24
C TRP D 157 -7.15 -23.41 -51.70
N ALA D 158 -6.10 -23.76 -50.95
CA ALA D 158 -5.26 -24.90 -51.33
C ALA D 158 -5.10 -25.88 -50.18
N LYS D 159 -4.89 -27.15 -50.52
CA LYS D 159 -4.68 -28.22 -49.54
C LYS D 159 -3.29 -28.07 -48.86
N GLU D 160 -2.96 -28.93 -47.89
CA GLU D 160 -1.67 -28.87 -47.22
C GLU D 160 -0.51 -29.19 -48.18
N ALA D 161 -0.73 -30.12 -49.13
CA ALA D 161 0.30 -30.49 -50.09
C ALA D 161 0.37 -29.53 -51.31
N GLU D 162 -0.58 -28.60 -51.44
CA GLU D 162 -0.61 -27.67 -52.56
C GLU D 162 -0.26 -26.23 -52.14
N ILE D 163 0.43 -26.05 -51.01
CA ILE D 163 0.78 -24.71 -50.53
C ILE D 163 1.82 -24.02 -51.42
N ALA D 164 3.00 -24.64 -51.61
CA ALA D 164 4.09 -24.07 -52.41
C ALA D 164 3.69 -23.75 -53.85
N SER D 165 2.75 -24.50 -54.41
CA SER D 165 2.30 -24.27 -55.78
C SER D 165 1.30 -23.13 -55.86
N ALA D 166 0.45 -22.96 -54.83
CA ALA D 166 -0.55 -21.89 -54.81
C ALA D 166 0.01 -20.50 -54.50
N ILE D 167 1.30 -20.41 -54.14
CA ILE D 167 1.92 -19.12 -53.83
C ILE D 167 2.23 -18.30 -55.07
N GLN D 168 1.64 -17.10 -55.12
CA GLN D 168 1.83 -16.17 -56.22
C GLN D 168 2.79 -15.05 -55.80
N ASP D 169 3.40 -14.36 -56.77
CA ASP D 169 4.30 -13.22 -56.47
C ASP D 169 3.58 -12.05 -55.73
N ASP D 170 2.25 -12.16 -55.57
CA ASP D 170 1.38 -11.18 -54.91
C ASP D 170 0.90 -11.66 -53.52
N THR D 171 1.37 -12.83 -53.04
CA THR D 171 0.95 -13.39 -51.75
C THR D 171 1.59 -12.70 -50.55
N GLY D 172 0.77 -12.29 -49.59
CA GLY D 172 1.26 -11.64 -48.39
C GLY D 172 1.13 -12.46 -47.12
N LEU D 173 0.15 -13.38 -47.08
CA LEU D 173 -0.06 -14.21 -45.89
C LEU D 173 -0.52 -15.62 -46.22
N VAL D 174 -0.20 -16.58 -45.34
CA VAL D 174 -0.61 -17.97 -45.47
C VAL D 174 -1.38 -18.31 -44.20
N ILE D 175 -2.71 -18.30 -44.28
CA ILE D 175 -3.55 -18.54 -43.10
C ILE D 175 -3.89 -20.02 -42.91
N VAL D 176 -3.44 -20.61 -41.80
CA VAL D 176 -3.66 -22.01 -41.45
C VAL D 176 -4.28 -22.13 -40.04
N GLU D 177 -5.03 -23.20 -39.77
CA GLU D 177 -5.67 -23.41 -38.47
C GLU D 177 -5.56 -24.87 -38.02
N THR D 178 -4.96 -25.12 -36.85
CA THR D 178 -4.80 -26.48 -36.31
C THR D 178 -5.07 -26.54 -34.79
N PRO D 179 -6.01 -27.38 -34.33
CA PRO D 179 -6.88 -28.29 -35.10
C PRO D 179 -8.01 -27.55 -35.85
N ALA D 180 -8.44 -28.12 -36.98
CA ALA D 180 -9.47 -27.55 -37.83
C ALA D 180 -10.83 -27.42 -37.11
N ASN D 181 -11.70 -26.54 -37.60
CA ASN D 181 -13.02 -26.34 -37.01
C ASN D 181 -14.10 -26.67 -38.03
N PRO D 182 -14.99 -27.62 -37.73
CA PRO D 182 -15.14 -28.36 -36.47
C PRO D 182 -14.59 -29.80 -36.43
N SER D 183 -13.98 -30.25 -37.54
CA SER D 183 -13.46 -31.61 -37.71
C SER D 183 -12.31 -32.00 -36.77
N LEU D 184 -11.57 -31.00 -36.26
CA LEU D 184 -10.39 -31.16 -35.39
C LEU D 184 -9.24 -31.88 -36.08
N ASP D 185 -9.11 -31.70 -37.40
CA ASP D 185 -8.04 -32.30 -38.19
C ASP D 185 -6.76 -31.49 -37.96
N LEU D 186 -5.64 -32.17 -37.69
CA LEU D 186 -4.39 -31.48 -37.42
C LEU D 186 -3.61 -31.15 -38.68
N VAL D 187 -2.91 -30.01 -38.68
CA VAL D 187 -2.09 -29.58 -39.81
C VAL D 187 -0.62 -29.49 -39.35
N ASP D 188 0.31 -30.11 -40.10
CA ASP D 188 1.72 -30.07 -39.74
C ASP D 188 2.32 -28.70 -40.02
N LEU D 189 2.55 -27.91 -38.96
CA LEU D 189 3.08 -26.55 -39.06
C LEU D 189 4.50 -26.50 -39.59
N ASP D 190 5.28 -27.57 -39.40
CA ASP D 190 6.66 -27.63 -39.91
C ASP D 190 6.65 -27.69 -41.45
N SER D 191 5.64 -28.37 -42.05
CA SER D 191 5.51 -28.49 -43.49
C SER D 191 4.96 -27.21 -44.10
N VAL D 192 4.04 -26.52 -43.41
CA VAL D 192 3.42 -25.28 -43.88
C VAL D 192 4.46 -24.17 -44.02
N VAL D 193 5.27 -23.94 -42.99
CA VAL D 193 6.30 -22.90 -42.98
C VAL D 193 7.39 -23.19 -44.02
N ALA D 194 7.71 -24.47 -44.23
CA ALA D 194 8.70 -24.86 -45.24
C ALA D 194 8.17 -24.61 -46.65
N ALA D 195 6.87 -24.85 -46.87
CA ALA D 195 6.24 -24.64 -48.17
C ALA D 195 6.02 -23.15 -48.45
N ALA D 196 5.78 -22.34 -47.41
CA ALA D 196 5.57 -20.91 -47.59
C ALA D 196 6.86 -20.17 -47.93
N GLY D 197 7.96 -20.58 -47.30
CA GLY D 197 9.26 -19.99 -47.52
C GLY D 197 9.32 -18.54 -47.09
N THR D 198 9.42 -17.63 -48.06
CA THR D 198 9.52 -16.18 -47.81
C THR D 198 8.20 -15.54 -47.36
N VAL D 199 7.07 -16.24 -47.50
CA VAL D 199 5.76 -15.71 -47.13
C VAL D 199 5.45 -15.98 -45.65
N PRO D 200 5.08 -14.93 -44.89
CA PRO D 200 4.76 -15.13 -43.46
C PRO D 200 3.54 -16.02 -43.24
N VAL D 201 3.55 -16.82 -42.16
CA VAL D 201 2.46 -17.76 -41.86
C VAL D 201 1.64 -17.35 -40.63
N LEU D 202 0.32 -17.19 -40.80
CA LEU D 202 -0.59 -16.86 -39.71
C LEU D 202 -1.27 -18.14 -39.23
N VAL D 203 -1.11 -18.49 -37.96
CA VAL D 203 -1.71 -19.70 -37.41
C VAL D 203 -2.80 -19.35 -36.40
N ASP D 204 -4.02 -19.87 -36.59
CA ASP D 204 -5.11 -19.61 -35.64
C ASP D 204 -4.94 -20.58 -34.47
N ASN D 205 -4.33 -20.12 -33.38
CA ASN D 205 -4.07 -20.92 -32.19
C ASN D 205 -5.15 -20.74 -31.13
N THR D 206 -6.41 -20.56 -31.54
CA THR D 206 -7.50 -20.37 -30.59
C THR D 206 -7.78 -21.61 -29.74
N PHE D 207 -8.00 -22.76 -30.39
CA PHE D 207 -8.31 -24.04 -29.75
C PHE D 207 -7.16 -24.58 -28.91
N CYS D 208 -5.93 -24.46 -29.42
CA CYS D 208 -4.75 -25.01 -28.76
C CYS D 208 -4.23 -24.20 -27.61
N THR D 209 -4.27 -22.84 -27.71
CA THR D 209 -3.74 -21.88 -26.73
C THR D 209 -2.20 -22.04 -26.55
N PRO D 210 -1.50 -21.06 -25.92
CA PRO D 210 -0.04 -21.23 -25.74
C PRO D 210 0.37 -22.36 -24.80
N VAL D 211 -0.60 -23.01 -24.14
CA VAL D 211 -0.37 -24.13 -23.23
C VAL D 211 0.01 -25.39 -24.01
N LEU D 212 -0.74 -25.70 -25.08
CA LEU D 212 -0.49 -26.92 -25.84
C LEU D 212 0.22 -26.74 -27.18
N GLN D 213 0.11 -25.56 -27.81
CA GLN D 213 0.75 -25.35 -29.12
C GLN D 213 1.47 -24.02 -29.21
N GLN D 214 2.66 -24.00 -29.85
CA GLN D 214 3.45 -22.79 -30.01
C GLN D 214 3.84 -22.62 -31.47
N PRO D 215 3.06 -21.88 -32.27
CA PRO D 215 3.40 -21.73 -33.70
C PRO D 215 4.71 -20.99 -33.98
N ILE D 216 5.11 -20.04 -33.11
CA ILE D 216 6.36 -19.29 -33.27
C ILE D 216 7.55 -20.25 -33.31
N ARG D 217 7.54 -21.29 -32.45
CA ARG D 217 8.60 -22.30 -32.39
C ARG D 217 8.74 -23.08 -33.69
N HIS D 218 7.63 -23.31 -34.40
CA HIS D 218 7.67 -24.04 -35.67
C HIS D 218 8.06 -23.16 -36.87
N GLY D 219 7.93 -21.85 -36.75
CA GLY D 219 8.31 -20.94 -37.82
C GLY D 219 7.24 -19.96 -38.28
N ALA D 220 6.05 -19.99 -37.66
CA ALA D 220 4.97 -19.07 -38.04
C ALA D 220 5.33 -17.64 -37.67
N ALA D 221 4.92 -16.68 -38.49
CA ALA D 221 5.23 -15.27 -38.24
C ALA D 221 4.18 -14.59 -37.39
N LEU D 222 2.91 -14.96 -37.56
CA LEU D 222 1.81 -14.37 -36.81
C LEU D 222 1.02 -15.47 -36.11
N VAL D 223 0.59 -15.24 -34.85
CA VAL D 223 -0.21 -16.24 -34.13
C VAL D 223 -1.54 -15.62 -33.70
N LEU D 224 -2.62 -15.90 -34.42
CA LEU D 224 -3.94 -15.34 -34.12
C LEU D 224 -4.62 -16.08 -32.98
N HIS D 225 -5.24 -15.33 -32.07
CA HIS D 225 -5.97 -15.89 -30.93
C HIS D 225 -7.28 -15.16 -30.77
N SER D 226 -8.38 -15.91 -30.62
CA SER D 226 -9.67 -15.31 -30.32
C SER D 226 -9.77 -15.40 -28.80
N ALA D 227 -9.37 -14.31 -28.10
CA ALA D 227 -9.36 -14.22 -26.64
C ALA D 227 -10.70 -14.52 -25.96
N THR D 228 -11.79 -14.49 -26.72
CA THR D 228 -13.14 -14.83 -26.25
C THR D 228 -13.14 -16.27 -25.69
N TYR D 230 -11.15 -19.54 -24.21
CA TYR D 230 -9.99 -19.96 -23.40
C TYR D 230 -9.22 -18.83 -22.71
N LEU D 231 -8.77 -17.79 -23.45
CA LEU D 231 -8.03 -16.68 -22.85
C LEU D 231 -8.87 -15.95 -21.81
N GLY D 232 -10.15 -15.76 -22.10
CA GLY D 232 -11.08 -15.19 -21.14
C GLY D 232 -11.43 -16.27 -20.15
N GLY D 233 -11.92 -17.39 -20.68
CA GLY D 233 -12.21 -18.60 -19.93
C GLY D 233 -13.52 -18.65 -19.17
N HIS D 234 -14.28 -17.56 -19.21
CA HIS D 234 -15.55 -17.52 -18.49
C HIS D 234 -16.76 -17.13 -19.36
N GLY D 235 -16.52 -16.77 -20.62
CA GLY D 235 -17.58 -16.41 -21.56
C GLY D 235 -18.17 -15.04 -21.30
N ASP D 236 -17.33 -14.09 -20.90
CA ASP D 236 -17.81 -12.74 -20.60
C ASP D 236 -16.99 -11.64 -21.28
N ALA D 237 -15.73 -11.91 -21.61
CA ALA D 237 -14.89 -10.91 -22.26
C ALA D 237 -14.63 -11.22 -23.73
N MET D 238 -14.98 -10.29 -24.62
CA MET D 238 -14.76 -10.44 -26.07
C MET D 238 -13.38 -9.91 -26.40
N GLY D 239 -12.62 -10.64 -27.22
CA GLY D 239 -11.28 -10.21 -27.59
C GLY D 239 -10.63 -10.94 -28.74
N GLY D 240 -9.51 -10.40 -29.19
CA GLY D 240 -8.71 -10.96 -30.27
C GLY D 240 -7.31 -10.39 -30.23
N ILE D 241 -6.28 -11.24 -30.35
CA ILE D 241 -4.90 -10.79 -30.23
C ILE D 241 -3.95 -11.59 -31.13
N ILE D 242 -2.97 -10.93 -31.75
CA ILE D 242 -1.98 -11.60 -32.60
C ILE D 242 -0.59 -11.44 -32.02
N ALA D 243 0.08 -12.56 -31.69
CA ALA D 243 1.45 -12.51 -31.19
C ALA D 243 2.36 -12.64 -32.40
N THR D 244 3.05 -11.56 -32.77
CA THR D 244 3.91 -11.55 -33.96
C THR D 244 5.21 -10.74 -33.78
N ASN D 245 6.15 -10.84 -34.74
CA ASN D 245 7.40 -10.08 -34.71
C ASN D 245 7.15 -8.56 -34.78
N SER D 246 8.11 -7.77 -34.31
CA SER D 246 8.03 -6.30 -34.25
C SER D 246 7.60 -5.63 -35.55
N ASP D 247 8.05 -6.16 -36.70
CA ASP D 247 7.69 -5.58 -37.99
C ASP D 247 6.20 -5.75 -38.27
N TRP D 248 5.65 -6.96 -38.09
CA TRP D 248 4.22 -7.20 -38.30
C TRP D 248 3.36 -6.56 -37.21
N ALA D 249 3.90 -6.40 -35.99
CA ALA D 249 3.22 -5.75 -34.87
C ALA D 249 3.09 -4.24 -35.09
N MET D 250 4.00 -3.64 -35.86
CA MET D 250 3.97 -2.23 -36.19
C MET D 250 2.91 -1.98 -37.25
N ARG D 251 2.85 -2.84 -38.28
CA ARG D 251 1.86 -2.74 -39.36
C ARG D 251 0.44 -2.94 -38.82
N LEU D 252 0.28 -3.83 -37.84
CA LEU D 252 -1.01 -4.12 -37.19
C LEU D 252 -1.43 -2.96 -36.31
N ARG D 253 -0.47 -2.34 -35.60
CA ARG D 253 -0.72 -1.19 -34.73
C ARG D 253 -1.10 0.05 -35.55
N GLN D 254 -0.58 0.16 -36.79
CA GLN D 254 -0.91 1.27 -37.69
C GLN D 254 -2.36 1.15 -38.13
N VAL D 255 -2.82 -0.08 -38.42
CA VAL D 255 -4.21 -0.34 -38.83
C VAL D 255 -5.16 -0.06 -37.67
N ARG D 256 -4.78 -0.48 -36.45
CA ARG D 256 -5.59 -0.26 -35.25
C ARG D 256 -5.79 1.22 -34.94
N ALA D 257 -4.79 2.05 -35.24
CA ALA D 257 -4.87 3.47 -34.97
C ALA D 257 -5.85 4.20 -35.89
N ILE D 258 -6.04 3.74 -37.13
CA ILE D 258 -6.96 4.40 -38.05
C ILE D 258 -8.31 3.67 -38.18
N THR D 259 -8.32 2.33 -38.10
CA THR D 259 -9.58 1.58 -38.17
C THR D 259 -10.32 1.53 -36.81
N GLY D 260 -9.60 1.71 -35.71
CA GLY D 260 -10.14 1.79 -34.36
C GLY D 260 -10.94 0.64 -33.79
N ALA D 261 -10.52 -0.61 -34.03
CA ALA D 261 -11.21 -1.76 -33.45
C ALA D 261 -10.54 -2.09 -32.11
N LEU D 262 -10.55 -1.12 -31.18
CA LEU D 262 -9.90 -1.22 -29.88
C LEU D 262 -10.53 -2.20 -28.90
N LEU D 263 -9.72 -2.67 -27.94
CA LEU D 263 -10.13 -3.55 -26.86
C LEU D 263 -10.42 -2.64 -25.66
N HIS D 264 -11.66 -2.65 -25.15
CA HIS D 264 -12.07 -1.81 -24.02
C HIS D 264 -11.25 -2.13 -22.78
N PRO D 265 -10.88 -1.13 -21.96
CA PRO D 265 -10.10 -1.43 -20.75
C PRO D 265 -10.65 -2.55 -19.86
N MET D 266 -11.99 -2.68 -19.76
CA MET D 266 -12.62 -3.73 -18.96
C MET D 266 -12.40 -5.10 -19.59
N GLY D 267 -12.52 -5.16 -20.92
CA GLY D 267 -12.31 -6.39 -21.66
C GLY D 267 -10.87 -6.84 -21.55
N ALA D 268 -9.94 -5.88 -21.68
CA ALA D 268 -8.50 -6.13 -21.58
C ALA D 268 -8.10 -6.61 -20.20
N TYR D 269 -8.76 -6.09 -19.15
CA TYR D 269 -8.46 -6.50 -17.79
C TYR D 269 -8.93 -7.93 -17.55
N LEU D 270 -10.13 -8.27 -18.03
CA LEU D 270 -10.68 -9.61 -17.84
C LEU D 270 -9.94 -10.66 -18.66
N LEU D 271 -9.44 -10.29 -19.84
CA LEU D 271 -8.68 -11.22 -20.67
C LEU D 271 -7.31 -11.48 -20.07
N HIS D 272 -6.69 -10.45 -19.48
CA HIS D 272 -5.39 -10.56 -18.82
C HIS D 272 -5.57 -11.37 -17.53
N ARG D 273 -6.63 -11.10 -16.76
CA ARG D 273 -6.95 -11.81 -15.52
C ARG D 273 -7.16 -13.31 -15.81
N GLY D 274 -7.78 -13.61 -16.94
CA GLY D 274 -8.05 -14.98 -17.39
C GLY D 274 -6.81 -15.77 -17.76
N LEU D 275 -5.72 -15.08 -18.10
CA LEU D 275 -4.47 -15.74 -18.44
C LEU D 275 -3.84 -16.42 -17.21
N ARG D 276 -4.07 -15.87 -16.00
CA ARG D 276 -3.54 -16.40 -14.76
C ARG D 276 -4.08 -17.79 -14.44
N THR D 277 -5.37 -18.02 -14.71
CA THR D 277 -5.98 -19.32 -14.46
C THR D 277 -6.02 -20.22 -15.71
N LEU D 278 -5.29 -19.86 -16.79
CA LEU D 278 -5.29 -20.63 -18.03
C LEU D 278 -4.63 -21.99 -17.94
N ALA D 279 -3.45 -22.08 -17.30
CA ALA D 279 -2.76 -23.35 -17.17
C ALA D 279 -3.59 -24.39 -16.41
N VAL D 280 -4.19 -24.01 -15.28
CA VAL D 280 -4.99 -24.92 -14.48
C VAL D 280 -6.31 -25.28 -15.16
N ARG D 281 -6.88 -24.34 -15.93
CA ARG D 281 -8.15 -24.60 -16.61
C ARG D 281 -7.96 -25.55 -17.78
N MET D 282 -6.92 -25.36 -18.59
CA MET D 282 -6.70 -26.22 -19.74
C MET D 282 -6.19 -27.60 -19.38
N ARG D 283 -5.44 -27.73 -18.26
CA ARG D 283 -4.99 -29.04 -17.81
C ARG D 283 -6.19 -29.86 -17.33
N ALA D 284 -7.18 -29.21 -16.70
CA ALA D 284 -8.38 -29.88 -16.20
C ALA D 284 -9.38 -30.17 -17.32
N ALA D 285 -9.60 -29.21 -18.22
CA ALA D 285 -10.55 -29.41 -19.33
C ALA D 285 -10.04 -30.47 -20.29
N GLN D 286 -8.72 -30.51 -20.56
CA GLN D 286 -8.13 -31.51 -21.45
C GLN D 286 -8.24 -32.90 -20.84
N THR D 287 -8.05 -33.02 -19.52
CA THR D 287 -8.14 -34.29 -18.81
C THR D 287 -9.58 -34.81 -18.90
N THR D 288 -10.56 -33.93 -18.69
CA THR D 288 -11.97 -34.30 -18.76
C THR D 288 -12.32 -34.71 -20.19
N ALA D 289 -11.81 -33.97 -21.19
CA ALA D 289 -12.05 -34.25 -22.62
C ALA D 289 -11.47 -35.59 -23.06
N GLY D 290 -10.27 -35.92 -22.59
CA GLY D 290 -9.59 -37.16 -22.93
C GLY D 290 -10.32 -38.40 -22.44
N GLU D 291 -11.00 -38.28 -21.30
CA GLU D 291 -11.77 -39.38 -20.74
C GLU D 291 -13.16 -39.42 -21.36
N LEU D 292 -13.77 -38.24 -21.56
CA LEU D 292 -15.09 -38.10 -22.15
C LEU D 292 -15.15 -38.67 -23.56
N ALA D 293 -14.13 -38.41 -24.38
CA ALA D 293 -14.10 -38.93 -25.75
C ALA D 293 -13.92 -40.46 -25.77
N GLU D 294 -13.19 -41.00 -24.80
CA GLU D 294 -12.96 -42.43 -24.68
C GLU D 294 -14.24 -43.14 -24.21
N ARG D 295 -14.99 -42.50 -23.31
CA ARG D 295 -16.25 -43.06 -22.80
C ARG D 295 -17.35 -42.95 -23.84
N LEU D 296 -17.36 -41.86 -24.61
CA LEU D 296 -18.34 -41.66 -25.65
C LEU D 296 -18.12 -42.61 -26.83
N ALA D 297 -16.88 -43.06 -27.07
CA ALA D 297 -16.57 -44.01 -28.14
C ALA D 297 -17.32 -45.32 -27.96
N ALA D 298 -17.53 -45.73 -26.71
CA ALA D 298 -18.27 -46.95 -26.38
C ALA D 298 -19.78 -46.65 -26.31
N HIS D 299 -20.35 -46.18 -27.42
CA HIS D 299 -21.78 -45.88 -27.48
C HIS D 299 -22.33 -46.29 -28.84
N PRO D 300 -23.51 -46.95 -28.86
CA PRO D 300 -24.07 -47.41 -30.15
C PRO D 300 -24.45 -46.30 -31.13
N ALA D 301 -24.90 -45.15 -30.62
CA ALA D 301 -25.34 -44.04 -31.46
C ALA D 301 -24.21 -43.36 -32.22
N ILE D 302 -22.99 -43.39 -31.67
CA ILE D 302 -21.87 -42.74 -32.31
C ILE D 302 -21.01 -43.71 -33.14
N THR D 303 -20.74 -43.34 -34.40
CA THR D 303 -19.95 -44.16 -35.31
C THR D 303 -18.46 -43.88 -35.15
N ALA D 304 -18.08 -42.61 -34.93
CA ALA D 304 -16.68 -42.23 -34.77
C ALA D 304 -16.52 -40.97 -33.89
N VAL D 305 -15.46 -40.93 -33.08
CA VAL D 305 -15.18 -39.79 -32.22
C VAL D 305 -13.94 -39.05 -32.72
N HIS D 306 -14.01 -37.72 -32.80
CA HIS D 306 -12.86 -36.92 -33.24
C HIS D 306 -12.16 -36.29 -32.05
N TYR D 307 -10.97 -36.78 -31.72
CA TYR D 307 -10.17 -36.24 -30.63
C TYR D 307 -8.69 -36.49 -30.90
N PRO D 308 -7.86 -35.44 -30.86
CA PRO D 308 -6.43 -35.62 -31.15
C PRO D 308 -5.70 -36.70 -30.34
N GLY D 309 -6.08 -36.86 -29.08
CA GLY D 309 -5.48 -37.87 -28.21
C GLY D 309 -6.26 -39.16 -28.14
N LEU D 310 -6.63 -39.72 -29.31
CA LEU D 310 -7.37 -40.98 -29.39
C LEU D 310 -6.62 -41.98 -30.25
N ASP D 314 -3.59 -40.27 -34.02
CA ASP D 314 -2.43 -39.46 -34.36
C ASP D 314 -1.49 -40.21 -35.31
N PRO D 315 -1.77 -40.16 -36.62
CA PRO D 315 -0.92 -40.91 -37.57
C PRO D 315 0.37 -40.20 -37.99
N ARG D 316 0.33 -38.87 -38.01
CA ARG D 316 1.47 -38.06 -38.39
C ARG D 316 2.49 -37.83 -37.25
N GLY D 317 2.08 -38.08 -36.01
CA GLY D 317 2.95 -37.88 -34.86
C GLY D 317 3.06 -36.44 -34.41
N LEU D 318 2.00 -35.66 -34.65
CA LEU D 318 1.96 -34.26 -34.28
C LEU D 318 1.84 -34.01 -32.77
N LEU D 319 1.45 -35.03 -32.00
CA LEU D 319 1.34 -34.89 -30.55
C LEU D 319 2.71 -35.19 -29.96
N GLY D 320 3.22 -34.24 -29.18
CA GLY D 320 4.55 -34.33 -28.61
C GLY D 320 5.50 -33.40 -29.33
N ARG D 321 5.38 -33.35 -30.66
CA ARG D 321 6.19 -32.52 -31.54
C ARG D 321 5.59 -31.11 -31.68
N GLN D 322 4.27 -31.04 -31.84
CA GLN D 322 3.56 -29.78 -32.03
C GLN D 322 2.57 -29.51 -30.91
N MET D 323 1.81 -30.55 -30.51
CA MET D 323 0.82 -30.40 -29.44
C MET D 323 1.13 -31.23 -28.22
N SER D 324 1.30 -30.59 -27.06
CA SER D 324 1.60 -31.33 -25.81
C SER D 324 0.32 -31.74 -25.07
N GLY D 325 -0.72 -32.06 -25.82
CA GLY D 325 -2.01 -32.47 -25.29
C GLY D 325 -3.07 -32.60 -26.36
N GLY D 326 -4.17 -33.27 -26.03
CA GLY D 326 -5.26 -33.47 -26.98
C GLY D 326 -6.26 -32.34 -27.09
N GLY D 327 -6.17 -31.35 -26.20
CA GLY D 327 -7.07 -30.21 -26.20
C GLY D 327 -8.35 -30.46 -25.44
N ALA D 328 -9.26 -29.48 -25.45
CA ALA D 328 -10.54 -29.60 -24.75
C ALA D 328 -11.74 -29.56 -25.70
N MET D 329 -11.55 -29.93 -26.96
CA MET D 329 -12.62 -29.96 -27.95
C MET D 329 -12.81 -31.39 -28.45
N ILE D 330 -14.07 -31.82 -28.65
CA ILE D 330 -14.36 -33.16 -29.14
C ILE D 330 -15.45 -33.07 -30.21
N ALA D 331 -15.27 -33.75 -31.35
CA ALA D 331 -16.29 -33.78 -32.39
C ALA D 331 -16.95 -35.16 -32.40
N LEU D 332 -18.28 -35.21 -32.61
CA LEU D 332 -19.00 -36.48 -32.57
C LEU D 332 -19.72 -36.81 -33.86
N GLU D 333 -19.46 -37.99 -34.43
CA GLU D 333 -20.16 -38.40 -35.65
C GLU D 333 -21.31 -39.34 -35.31
N LEU D 334 -22.55 -38.85 -35.42
CA LEU D 334 -23.71 -39.64 -35.09
C LEU D 334 -24.23 -40.45 -36.26
N ALA D 335 -24.81 -41.61 -35.96
CA ALA D 335 -25.34 -42.50 -36.99
C ALA D 335 -26.68 -42.03 -37.57
N GLY D 336 -27.46 -41.30 -36.78
CA GLY D 336 -28.77 -40.83 -37.20
C GLY D 336 -28.78 -39.68 -38.19
N GLY D 337 -27.64 -39.06 -38.41
CA GLY D 337 -27.54 -37.95 -39.36
C GLY D 337 -27.90 -36.61 -38.75
N PHE D 338 -28.70 -35.81 -39.47
CA PHE D 338 -29.11 -34.48 -39.00
C PHE D 338 -30.16 -34.61 -37.90
N ASP D 339 -31.11 -35.53 -38.08
CA ASP D 339 -32.21 -35.78 -37.14
C ASP D 339 -31.67 -36.09 -35.74
N ALA D 340 -30.66 -36.96 -35.65
CA ALA D 340 -30.06 -37.37 -34.38
C ALA D 340 -29.21 -36.27 -33.75
N ALA D 341 -28.55 -35.47 -34.57
CA ALA D 341 -27.71 -34.39 -34.08
C ALA D 341 -28.56 -33.27 -33.48
N ARG D 342 -29.68 -32.93 -34.12
CA ARG D 342 -30.59 -31.89 -33.64
C ARG D 342 -31.27 -32.31 -32.34
N SER D 343 -31.65 -33.59 -32.25
CA SER D 343 -32.30 -34.14 -31.06
C SER D 343 -31.31 -34.21 -29.88
N PHE D 344 -30.04 -34.51 -30.16
CA PHE D 344 -28.99 -34.61 -29.15
C PHE D 344 -28.70 -33.24 -28.53
N VAL D 345 -28.71 -32.19 -29.35
CA VAL D 345 -28.44 -30.83 -28.88
C VAL D 345 -29.60 -30.30 -28.02
N GLU D 346 -30.84 -30.56 -28.45
CA GLU D 346 -32.00 -30.10 -27.71
C GLU D 346 -32.32 -30.95 -26.47
N HIS D 347 -31.77 -32.17 -26.38
CA HIS D 347 -31.99 -33.01 -25.20
C HIS D 347 -30.93 -32.86 -24.10
N CYS D 348 -30.03 -31.89 -24.24
CA CYS D 348 -29.01 -31.65 -23.23
C CYS D 348 -29.55 -30.64 -22.21
N SER D 349 -29.35 -30.90 -20.92
CA SER D 349 -29.84 -29.99 -19.88
C SER D 349 -28.67 -29.30 -19.17
N LEU D 350 -27.67 -30.07 -18.73
CA LEU D 350 -26.48 -29.54 -18.08
C LEU D 350 -25.60 -28.88 -19.13
N VAL D 351 -25.38 -29.57 -20.26
CA VAL D 351 -24.56 -29.01 -21.34
C VAL D 351 -25.40 -27.97 -22.08
N VAL D 352 -24.88 -26.73 -22.17
CA VAL D 352 -25.58 -25.61 -22.79
C VAL D 352 -25.42 -25.55 -24.31
N HIS D 353 -26.52 -25.39 -25.05
CA HIS D 353 -26.46 -25.29 -26.50
C HIS D 353 -26.24 -23.84 -26.92
N ALA D 354 -25.00 -23.51 -27.31
CA ALA D 354 -24.60 -22.18 -27.76
C ALA D 354 -23.42 -22.22 -28.74
N VAL D 355 -23.25 -21.16 -29.55
CA VAL D 355 -22.17 -21.12 -30.53
C VAL D 355 -20.90 -20.44 -30.01
N SER D 356 -20.08 -21.18 -29.26
CA SER D 356 -18.81 -20.68 -28.73
C SER D 356 -17.99 -21.81 -28.08
N LEU D 357 -16.77 -21.50 -27.59
CA LEU D 357 -15.92 -22.50 -26.95
C LEU D 357 -15.02 -21.89 -25.86
N GLY D 358 -14.39 -22.73 -25.06
CA GLY D 358 -13.46 -22.31 -24.01
C GLY D 358 -14.05 -21.62 -22.80
N GLY D 359 -15.35 -21.78 -22.60
CA GLY D 359 -16.03 -21.19 -21.44
C GLY D 359 -15.87 -22.01 -20.18
N ALA D 360 -16.48 -21.56 -19.07
CA ALA D 360 -16.40 -22.29 -17.82
C ALA D 360 -17.25 -23.57 -17.88
N ASP D 361 -18.40 -23.50 -18.56
CA ASP D 361 -19.28 -24.65 -18.72
C ASP D 361 -19.12 -25.33 -20.10
N THR D 362 -19.58 -26.58 -20.20
CA THR D 362 -19.50 -27.35 -21.44
C THR D 362 -20.53 -26.85 -22.43
N LEU D 363 -20.11 -26.55 -23.66
CA LEU D 363 -21.02 -26.06 -24.68
C LEU D 363 -21.17 -27.05 -25.82
N ILE D 364 -22.36 -27.11 -26.42
CA ILE D 364 -22.64 -27.99 -27.54
C ILE D 364 -23.22 -27.19 -28.71
N GLN D 365 -22.89 -27.59 -29.95
CA GLN D 365 -23.40 -26.91 -31.14
C GLN D 365 -23.51 -27.87 -32.32
N HIS D 366 -24.39 -27.52 -33.27
CA HIS D 366 -24.54 -28.31 -34.49
C HIS D 366 -24.06 -27.43 -35.63
N PRO D 367 -22.84 -27.67 -36.12
CA PRO D 367 -22.27 -26.80 -37.16
C PRO D 367 -23.01 -26.86 -38.49
N ALA D 368 -23.57 -28.02 -38.84
CA ALA D 368 -24.32 -28.17 -40.10
C ALA D 368 -25.62 -27.36 -40.12
N SER D 369 -26.17 -27.04 -38.95
CA SER D 369 -27.41 -26.29 -38.81
C SER D 369 -27.29 -24.81 -39.16
N LEU D 370 -26.08 -24.26 -39.14
CA LEU D 370 -25.88 -22.85 -39.47
C LEU D 370 -26.12 -22.55 -40.95
N THR D 371 -25.86 -23.53 -41.82
CA THR D 371 -26.07 -23.36 -43.26
C THR D 371 -27.34 -24.08 -43.72
N HIS D 372 -27.63 -25.27 -43.16
CA HIS D 372 -28.82 -26.04 -43.52
C HIS D 372 -29.91 -25.91 -42.48
N ARG D 373 -31.11 -25.47 -42.91
CA ARG D 373 -32.31 -25.36 -42.08
C ARG D 373 -33.38 -26.19 -42.80
N PRO D 374 -33.39 -27.54 -42.62
CA PRO D 374 -34.28 -28.38 -43.43
C PRO D 374 -35.62 -28.83 -42.83
N VAL D 375 -36.49 -29.39 -43.69
CA VAL D 375 -37.78 -29.93 -43.31
C VAL D 375 -37.66 -31.47 -43.16
N ALA D 376 -37.01 -32.11 -44.14
CA ALA D 376 -36.76 -33.55 -44.17
C ALA D 376 -35.63 -33.97 -43.17
N ALA D 377 -35.40 -35.30 -42.97
CA ALA D 377 -34.35 -35.79 -42.09
C ALA D 377 -32.95 -35.31 -42.54
N THR D 378 -32.68 -35.39 -43.86
CA THR D 378 -31.44 -34.96 -44.55
C THR D 378 -30.15 -35.60 -44.02
N ALA D 379 -29.83 -36.82 -44.47
CA ALA D 379 -28.60 -37.48 -44.08
C ALA D 379 -27.49 -37.03 -45.05
N LYS D 380 -26.77 -35.94 -44.70
CA LYS D 380 -25.73 -35.38 -45.57
C LYS D 380 -24.34 -35.45 -44.91
N PRO D 381 -23.23 -35.43 -45.69
CA PRO D 381 -21.90 -35.47 -45.07
C PRO D 381 -21.64 -34.25 -44.20
N GLY D 382 -21.46 -34.49 -42.91
CA GLY D 382 -21.24 -33.42 -41.96
C GLY D 382 -22.46 -33.12 -41.10
N ASP D 383 -23.65 -33.58 -41.53
CA ASP D 383 -24.89 -33.38 -40.78
C ASP D 383 -24.92 -34.13 -39.44
N GLY D 384 -24.16 -35.22 -39.35
CA GLY D 384 -24.07 -35.99 -38.12
C GLY D 384 -23.00 -35.48 -37.16
N LEU D 385 -22.24 -34.44 -37.53
CA LEU D 385 -21.18 -33.92 -36.67
C LEU D 385 -21.67 -32.92 -35.64
N ILE D 386 -21.25 -33.12 -34.39
CA ILE D 386 -21.60 -32.27 -33.26
C ILE D 386 -20.32 -31.80 -32.57
N ARG D 387 -20.16 -30.47 -32.42
CA ARG D 387 -18.99 -29.92 -31.76
C ARG D 387 -19.25 -29.78 -30.26
N LEU D 388 -18.24 -30.07 -29.45
CA LEU D 388 -18.39 -30.04 -27.99
C LEU D 388 -17.15 -29.40 -27.33
N SER D 389 -17.35 -28.33 -26.56
CA SER D 389 -16.25 -27.67 -25.86
C SER D 389 -16.30 -28.04 -24.38
N VAL D 390 -15.40 -28.92 -23.94
CA VAL D 390 -15.37 -29.39 -22.56
C VAL D 390 -15.05 -28.27 -21.55
N GLY D 391 -15.89 -28.13 -20.53
CA GLY D 391 -15.74 -27.12 -19.50
C GLY D 391 -14.99 -27.61 -18.27
N LEU D 392 -15.28 -27.01 -17.11
CA LEU D 392 -14.62 -27.35 -15.85
C LEU D 392 -15.47 -28.23 -14.95
N GLU D 393 -16.32 -29.09 -15.53
CA GLU D 393 -17.17 -29.98 -14.74
C GLU D 393 -16.59 -31.38 -14.57
N HIS D 394 -17.24 -32.22 -13.75
CA HIS D 394 -16.82 -33.59 -13.54
C HIS D 394 -17.18 -34.44 -14.76
N VAL D 395 -16.32 -35.41 -15.08
CA VAL D 395 -16.50 -36.31 -16.23
C VAL D 395 -17.73 -37.21 -16.08
N ASP D 396 -18.11 -37.55 -14.84
CA ASP D 396 -19.28 -38.39 -14.60
C ASP D 396 -20.56 -37.63 -14.90
N ASP D 397 -20.64 -36.36 -14.52
CA ASP D 397 -21.81 -35.53 -14.76
C ASP D 397 -22.01 -35.20 -16.22
N LEU D 398 -20.90 -35.01 -16.96
CA LEU D 398 -20.97 -34.71 -18.38
C LEU D 398 -21.33 -35.98 -19.18
N GLU D 399 -20.79 -37.14 -18.77
CA GLU D 399 -21.09 -38.40 -19.43
C GLU D 399 -22.55 -38.77 -19.21
N ASP D 400 -23.06 -38.60 -17.98
CA ASP D 400 -24.46 -38.92 -17.67
C ASP D 400 -25.45 -38.04 -18.42
N ASP D 401 -25.12 -36.77 -18.64
CA ASP D 401 -26.01 -35.84 -19.34
C ASP D 401 -26.03 -36.12 -20.85
N LEU D 402 -24.86 -36.31 -21.47
CA LEU D 402 -24.77 -36.59 -22.89
C LEU D 402 -25.32 -37.97 -23.24
N ILE D 403 -25.12 -38.96 -22.35
CA ILE D 403 -25.65 -40.30 -22.55
C ILE D 403 -27.19 -40.28 -22.50
N ALA D 404 -27.78 -39.37 -21.69
CA ALA D 404 -29.23 -39.23 -21.57
C ALA D 404 -29.80 -38.57 -22.83
N ALA D 405 -29.10 -37.56 -23.36
CA ALA D 405 -29.51 -36.85 -24.57
C ALA D 405 -29.45 -37.76 -25.79
N LEU D 406 -28.46 -38.68 -25.83
CA LEU D 406 -28.31 -39.63 -26.92
C LEU D 406 -29.45 -40.65 -26.88
N ASP D 407 -29.81 -41.12 -25.68
CA ASP D 407 -30.91 -42.08 -25.50
C ASP D 407 -32.26 -41.48 -25.88
N ALA D 408 -32.42 -40.16 -25.70
CA ALA D 408 -33.63 -39.43 -26.07
C ALA D 408 -33.78 -39.30 -27.62
N SER D 409 -32.69 -39.52 -28.38
CA SER D 409 -32.67 -39.45 -29.83
C SER D 409 -33.00 -40.81 -30.44
N ASN E 22 22.91 -7.88 13.63
CA ASN E 22 22.43 -9.24 13.83
C ASN E 22 23.61 -10.22 14.02
N SER E 23 24.51 -10.33 13.02
CA SER E 23 25.66 -11.23 13.09
C SER E 23 26.82 -10.73 13.97
N MET E 24 26.65 -9.57 14.64
CA MET E 24 27.71 -9.01 15.47
C MET E 24 27.75 -9.61 16.86
N HIS E 25 28.95 -9.73 17.42
CA HIS E 25 29.14 -10.17 18.79
C HIS E 25 28.73 -9.02 19.72
N PRO E 26 28.33 -9.34 20.96
CA PRO E 26 27.90 -8.27 21.87
C PRO E 26 28.92 -7.16 22.11
N GLU E 27 30.22 -7.51 22.08
CA GLU E 27 31.31 -6.54 22.27
C GLU E 27 31.33 -5.51 21.14
N THR E 28 31.11 -5.97 19.89
CA THR E 28 31.07 -5.09 18.71
C THR E 28 29.77 -4.29 18.70
N LEU E 29 28.66 -4.94 19.08
CA LEU E 29 27.33 -4.34 19.14
C LEU E 29 27.26 -3.21 20.19
N MET E 30 28.07 -3.29 21.24
CA MET E 30 28.12 -2.26 22.29
C MET E 30 28.76 -0.96 21.81
N VAL E 31 29.75 -1.08 20.91
CA VAL E 31 30.47 0.05 20.34
C VAL E 31 29.70 0.71 19.19
N HIS E 32 29.19 -0.08 18.25
CA HIS E 32 28.49 0.46 17.10
C HIS E 32 26.96 0.57 17.22
N GLY E 33 26.40 0.06 18.32
CA GLY E 33 24.96 0.12 18.56
C GLY E 33 24.46 1.52 18.78
N GLY E 34 23.39 1.89 18.10
CA GLY E 34 22.83 3.24 18.18
C GLY E 34 23.58 4.27 17.36
N MET E 35 24.67 3.87 16.69
CA MET E 35 25.49 4.76 15.86
C MET E 35 25.13 4.61 14.39
N ASP E 36 23.86 4.42 14.09
CA ASP E 36 23.39 4.23 12.72
C ASP E 36 23.33 5.54 11.96
N GLY E 37 23.95 5.57 10.78
CA GLY E 37 23.94 6.76 9.94
C GLY E 37 24.96 7.83 10.28
N LEU E 38 25.73 7.66 11.37
CA LEU E 38 26.72 8.65 11.76
C LEU E 38 27.92 8.65 10.81
N THR E 39 28.39 7.46 10.41
CA THR E 39 29.50 7.33 9.45
C THR E 39 29.13 8.00 8.12
N GLU E 40 27.86 7.86 7.71
CA GLU E 40 27.32 8.44 6.48
C GLU E 40 27.18 9.95 6.57
N ALA E 41 26.86 10.48 7.77
CA ALA E 41 26.71 11.91 7.98
C ALA E 41 28.04 12.68 8.03
N GLY E 42 29.15 11.97 8.21
CA GLY E 42 30.47 12.59 8.29
C GLY E 42 30.90 12.95 9.69
N VAL E 43 30.31 12.30 10.71
CA VAL E 43 30.64 12.53 12.13
C VAL E 43 31.11 11.24 12.82
N HIS E 44 31.85 11.37 13.92
CA HIS E 44 32.38 10.21 14.64
C HIS E 44 31.52 9.83 15.85
N VAL E 45 30.91 10.83 16.50
CA VAL E 45 30.05 10.61 17.65
C VAL E 45 28.67 11.27 17.42
N PRO E 46 27.59 10.80 18.08
CA PRO E 46 26.28 11.43 17.88
C PRO E 46 26.25 12.86 18.40
N ALA E 47 25.66 13.76 17.63
CA ALA E 47 25.60 15.17 18.01
C ALA E 47 24.67 15.39 19.19
N ILE E 48 25.00 16.36 20.05
CA ILE E 48 24.17 16.67 21.20
C ILE E 48 23.22 17.79 20.81
N ASP E 49 21.98 17.43 20.46
CA ASP E 49 20.97 18.41 20.05
C ASP E 49 20.16 18.80 21.27
N LEU E 50 20.43 19.98 21.84
CA LEU E 50 19.72 20.48 23.02
C LEU E 50 18.35 21.09 22.72
N SER E 51 18.00 21.25 21.42
CA SER E 51 16.74 21.84 20.95
C SER E 51 15.48 21.38 21.70
N THR E 52 14.81 22.33 22.36
CA THR E 52 13.58 22.03 23.07
C THR E 52 12.44 21.87 22.07
N THR E 53 12.39 22.74 21.05
CA THR E 53 11.37 22.67 20.02
C THR E 53 11.99 22.36 18.65
N ASN E 54 11.22 21.75 17.75
CA ASN E 54 11.71 21.40 16.43
C ASN E 54 10.81 21.97 15.35
N PRO E 55 11.36 22.81 14.46
CA PRO E 55 10.54 23.40 13.40
C PRO E 55 9.97 22.35 12.43
N VAL E 56 8.83 22.66 11.80
CA VAL E 56 8.18 21.72 10.89
C VAL E 56 8.21 22.19 9.44
N ASN E 57 8.24 21.24 8.49
CA ASN E 57 8.27 21.56 7.07
C ASN E 57 6.91 22.10 6.63
N ASP E 58 5.85 21.33 6.91
CA ASP E 58 4.49 21.75 6.58
C ASP E 58 3.61 21.68 7.81
N VAL E 59 2.49 22.42 7.77
CA VAL E 59 1.51 22.40 8.85
C VAL E 59 0.85 21.00 8.90
N ALA E 60 0.51 20.45 7.71
CA ALA E 60 -0.10 19.13 7.59
C ALA E 60 0.86 18.03 8.04
N THR E 61 2.13 18.08 7.60
CA THR E 61 3.13 17.06 7.97
C THR E 61 3.53 17.14 9.44
N GLY E 62 3.57 18.37 9.97
CA GLY E 62 3.91 18.60 11.38
C GLY E 62 2.81 18.17 12.32
N GLY E 63 1.57 18.32 11.88
CA GLY E 63 0.42 17.91 12.66
C GLY E 63 0.31 16.39 12.76
N ASP E 64 0.65 15.70 11.67
CA ASP E 64 0.65 14.24 11.64
C ASP E 64 1.76 13.69 12.53
N SER E 65 2.94 14.32 12.49
CA SER E 65 4.08 13.91 13.31
C SER E 65 3.79 14.12 14.80
N TYR E 66 3.00 15.15 15.13
CA TYR E 66 2.59 15.45 16.50
C TYR E 66 1.66 14.35 17.03
N GLU E 67 0.64 13.97 16.25
CA GLU E 67 -0.32 12.94 16.60
C GLU E 67 0.37 11.58 16.74
N TRP E 68 1.27 11.27 15.81
CA TRP E 68 2.03 10.02 15.77
C TRP E 68 2.94 9.89 17.01
N LEU E 69 3.60 10.97 17.42
CA LEU E 69 4.47 10.94 18.58
C LEU E 69 3.70 11.00 19.90
N ALA E 70 2.57 11.72 19.94
CA ALA E 70 1.74 11.80 21.14
C ALA E 70 1.07 10.46 21.42
N THR E 71 0.73 9.69 20.37
CA THR E 71 0.11 8.39 20.55
C THR E 71 1.10 7.29 20.99
N GLY E 72 2.36 7.63 21.23
CA GLY E 72 3.36 6.68 21.71
C GLY E 72 4.17 5.96 20.66
N HIS E 73 4.04 6.36 19.38
CA HIS E 73 4.79 5.73 18.31
C HIS E 73 6.19 6.34 18.16
N ALA E 74 7.12 5.61 17.54
CA ALA E 74 8.48 6.11 17.33
C ALA E 74 8.54 7.07 16.15
N LEU E 75 9.49 8.01 16.19
CA LEU E 75 9.65 9.02 15.15
C LEU E 75 10.01 8.44 13.78
N LYS E 76 9.15 8.68 12.78
CA LYS E 76 9.38 8.24 11.41
C LYS E 76 10.59 8.98 10.85
N ASP E 77 11.35 8.34 9.96
CA ASP E 77 12.50 9.00 9.36
C ASP E 77 12.03 10.05 8.35
N GLY E 78 12.65 11.22 8.44
CA GLY E 78 12.31 12.35 7.59
C GLY E 78 11.16 13.20 8.11
N ASP E 79 10.87 13.08 9.42
CA ASP E 79 9.79 13.83 10.06
C ASP E 79 10.34 14.62 11.22
N SER E 80 9.79 15.82 11.46
CA SER E 80 10.25 16.67 12.54
C SER E 80 9.95 16.05 13.88
N ALA E 81 10.88 16.19 14.84
CA ALA E 81 10.67 15.67 16.18
C ALA E 81 9.58 16.42 16.97
N VAL E 82 9.14 17.59 16.45
CA VAL E 82 8.09 18.50 16.92
C VAL E 82 8.44 19.19 18.25
N TYR E 83 8.67 18.41 19.31
CA TYR E 83 9.00 18.90 20.65
C TYR E 83 9.86 17.84 21.37
N GLN E 84 10.72 18.26 22.31
CA GLN E 84 11.58 17.31 23.03
C GLN E 84 10.80 16.33 23.90
N ARG E 85 9.66 16.76 24.45
CA ARG E 85 8.81 15.87 25.24
C ARG E 85 8.16 14.76 24.40
N LEU E 86 8.04 14.99 23.07
CA LEU E 86 7.50 14.02 22.13
C LEU E 86 8.64 13.15 21.60
N TRP E 87 9.79 13.77 21.25
CA TRP E 87 10.94 13.04 20.73
C TRP E 87 12.25 13.80 20.84
N GLN E 88 13.34 13.11 21.21
CA GLN E 88 14.68 13.66 21.30
C GLN E 88 15.62 12.72 20.57
N PRO E 89 16.33 13.21 19.53
CA PRO E 89 17.21 12.32 18.76
C PRO E 89 18.36 11.66 19.52
N GLY E 90 18.89 12.36 20.53
CA GLY E 90 19.97 11.83 21.35
C GLY E 90 19.51 10.66 22.19
N VAL E 91 18.33 10.82 22.82
CA VAL E 91 17.70 9.79 23.63
C VAL E 91 17.39 8.59 22.75
N ALA E 92 16.83 8.84 21.55
CA ALA E 92 16.47 7.81 20.57
C ALA E 92 17.63 6.88 20.23
N ARG E 93 18.84 7.42 20.03
CA ARG E 93 20.01 6.59 19.72
C ARG E 93 20.36 5.66 20.88
N PHE E 94 20.29 6.19 22.12
CA PHE E 94 20.57 5.42 23.32
C PHE E 94 19.51 4.32 23.52
N GLU E 95 18.24 4.62 23.17
CA GLU E 95 17.17 3.64 23.26
C GLU E 95 17.43 2.45 22.32
N THR E 96 17.74 2.71 21.03
CA THR E 96 18.02 1.64 20.08
C THR E 96 19.28 0.86 20.43
N ALA E 97 20.25 1.51 21.09
CA ALA E 97 21.49 0.87 21.50
C ALA E 97 21.24 -0.22 22.55
N LEU E 98 20.40 0.06 23.57
CA LEU E 98 20.10 -0.93 24.60
C LEU E 98 19.14 -1.99 24.09
N ALA E 99 18.18 -1.60 23.24
CA ALA E 99 17.21 -2.55 22.70
C ALA E 99 17.92 -3.64 21.88
N GLU E 100 19.05 -3.31 21.22
CA GLU E 100 19.83 -4.28 20.44
C GLU E 100 20.58 -5.25 21.35
N LEU E 101 21.14 -4.74 22.46
CA LEU E 101 21.87 -5.55 23.43
C LEU E 101 20.92 -6.48 24.19
N GLU E 102 19.72 -6.01 24.48
CA GLU E 102 18.70 -6.78 25.20
C GLU E 102 17.82 -7.66 24.30
N HIS E 103 17.93 -7.49 22.97
CA HIS E 103 17.15 -8.22 21.96
C HIS E 103 15.64 -7.95 22.07
N ALA E 104 15.27 -6.76 22.55
CA ALA E 104 13.86 -6.35 22.68
C ALA E 104 13.45 -5.47 21.49
N ASP E 105 12.15 -5.46 21.17
CA ASP E 105 11.61 -4.68 20.05
C ASP E 105 12.00 -3.19 20.10
N GLU E 106 11.71 -2.52 21.22
CA GLU E 106 12.00 -1.10 21.39
C GLU E 106 12.47 -0.80 22.84
N ALA E 107 12.90 0.43 23.10
CA ALA E 107 13.28 0.84 24.45
C ALA E 107 12.83 2.27 24.73
N VAL E 108 12.50 2.59 25.99
CA VAL E 108 12.05 3.94 26.34
C VAL E 108 12.92 4.52 27.46
N ALA E 109 13.55 5.67 27.21
CA ALA E 109 14.44 6.28 28.20
C ALA E 109 13.81 7.43 29.00
N PHE E 110 14.08 7.42 30.31
CA PHE E 110 13.57 8.36 31.31
C PHE E 110 14.71 8.99 32.13
N ALA E 111 14.39 10.06 32.88
CA ALA E 111 15.34 10.79 33.72
C ALA E 111 16.11 9.88 34.67
N THR E 112 15.42 8.95 35.34
CA THR E 112 16.08 8.01 36.26
C THR E 112 15.40 6.63 36.22
N GLY E 113 15.99 5.62 36.89
CA GLY E 113 15.44 4.28 36.92
C GLY E 113 14.07 4.24 37.55
N MET E 114 13.85 5.12 38.56
CA MET E 114 12.57 5.26 39.24
C MET E 114 11.53 5.91 38.34
N ALA E 115 11.93 6.79 37.42
CA ALA E 115 11.03 7.42 36.46
C ALA E 115 10.53 6.42 35.42
N ALA E 116 11.36 5.41 35.08
CA ALA E 116 10.99 4.36 34.15
C ALA E 116 10.01 3.39 34.84
N MET E 117 10.29 3.06 36.12
CA MET E 117 9.42 2.20 36.92
C MET E 117 8.08 2.90 37.15
N THR E 118 8.09 4.22 37.39
CA THR E 118 6.89 5.02 37.60
C THR E 118 5.99 4.99 36.37
N ALA E 119 6.59 5.14 35.18
CA ALA E 119 5.85 5.10 33.93
C ALA E 119 5.29 3.72 33.64
N ALA E 120 6.04 2.67 34.01
CA ALA E 120 5.59 1.28 33.83
C ALA E 120 4.38 0.98 34.71
N LEU E 121 4.36 1.53 35.94
CA LEU E 121 3.25 1.34 36.86
C LEU E 121 2.05 2.18 36.43
N LEU E 122 2.28 3.42 35.98
CA LEU E 122 1.21 4.30 35.53
C LEU E 122 0.51 3.77 34.30
N ALA E 123 1.26 3.12 33.39
CA ALA E 123 0.69 2.53 32.18
C ALA E 123 -0.20 1.34 32.52
N ALA E 124 0.20 0.54 33.52
CA ALA E 124 -0.56 -0.61 33.96
C ALA E 124 -1.88 -0.20 34.58
N VAL E 125 -1.87 0.89 35.37
CA VAL E 125 -3.07 1.42 36.04
C VAL E 125 -4.09 1.90 35.00
N ASN E 126 -3.63 2.67 34.01
CA ASN E 126 -4.51 3.19 32.97
C ASN E 126 -5.04 2.11 32.04
N ALA E 127 -4.32 0.99 31.90
CA ALA E 127 -4.82 -0.14 31.10
C ALA E 127 -5.86 -1.01 31.87
N GLY E 128 -6.26 -0.59 33.06
CA GLY E 128 -7.22 -1.32 33.88
C GLY E 128 -6.60 -2.42 34.73
N THR E 129 -5.27 -2.43 34.86
CA THR E 129 -4.58 -3.44 35.66
C THR E 129 -3.72 -2.79 36.75
N PRO E 130 -4.34 -2.23 37.81
CA PRO E 130 -3.53 -1.59 38.85
C PRO E 130 -2.80 -2.54 39.78
N HIS E 131 -3.16 -3.83 39.77
CA HIS E 131 -2.54 -4.81 40.65
C HIS E 131 -1.17 -5.27 40.16
N ILE E 132 -0.20 -5.34 41.06
CA ILE E 132 1.15 -5.80 40.74
C ILE E 132 1.56 -6.92 41.71
N VAL E 133 1.95 -8.07 41.16
CA VAL E 133 2.44 -9.17 41.99
C VAL E 133 3.96 -9.03 42.01
N ALA E 134 4.48 -8.34 43.02
CA ALA E 134 5.92 -8.11 43.13
C ALA E 134 6.55 -9.11 44.10
N VAL E 135 7.66 -9.72 43.68
CA VAL E 135 8.34 -10.70 44.53
C VAL E 135 9.48 -10.05 45.34
N ARG E 136 9.54 -10.37 46.62
CA ARG E 136 10.60 -9.85 47.50
C ARG E 136 11.81 -10.79 47.45
N PRO E 137 13.05 -10.27 47.56
CA PRO E 137 13.43 -8.87 47.79
C PRO E 137 13.48 -7.98 46.54
N LEU E 138 13.15 -6.71 46.71
CA LEU E 138 13.20 -5.72 45.63
C LEU E 138 14.07 -4.51 46.05
N TYR E 139 14.47 -3.68 45.08
CA TYR E 139 15.26 -2.48 45.34
C TYR E 139 14.43 -1.52 46.22
N GLY E 140 15.09 -0.87 47.17
CA GLY E 140 14.47 0.05 48.13
C GLY E 140 13.39 0.97 47.60
N GLY E 141 13.70 1.68 46.52
CA GLY E 141 12.78 2.60 45.87
C GLY E 141 11.60 1.93 45.21
N SER E 142 11.84 0.80 44.52
CA SER E 142 10.78 0.04 43.87
C SER E 142 9.83 -0.55 44.91
N ASP E 143 10.38 -1.05 46.02
CA ASP E 143 9.63 -1.63 47.12
C ASP E 143 8.79 -0.56 47.80
N HIS E 144 9.34 0.63 48.02
CA HIS E 144 8.62 1.73 48.68
C HIS E 144 7.54 2.35 47.81
N LEU E 145 7.72 2.32 46.48
CA LEU E 145 6.73 2.87 45.56
C LEU E 145 5.47 2.01 45.49
N LEU E 146 5.65 0.68 45.59
CA LEU E 146 4.54 -0.27 45.56
C LEU E 146 3.79 -0.28 46.90
N GLU E 147 4.54 -0.12 48.01
CA GLU E 147 3.94 -0.11 49.35
C GLU E 147 3.11 1.14 49.58
N THR E 148 3.60 2.29 49.09
CA THR E 148 2.87 3.56 49.24
C THR E 148 1.62 3.63 48.36
N GLY E 149 1.69 3.03 47.18
CA GLY E 149 0.58 3.03 46.23
C GLY E 149 0.27 4.43 45.73
N LEU E 150 1.32 5.23 45.54
CA LEU E 150 1.25 6.63 45.10
C LEU E 150 0.62 6.76 43.72
N LEU E 151 0.86 5.78 42.84
CA LEU E 151 0.33 5.81 41.48
C LEU E 151 -1.00 5.05 41.30
N GLY E 152 -1.68 4.74 42.40
CA GLY E 152 -2.96 4.01 42.36
C GLY E 152 -2.78 2.53 42.07
N THR E 153 -1.75 1.94 42.66
CA THR E 153 -1.38 0.55 42.45
C THR E 153 -1.60 -0.29 43.72
N THR E 154 -2.07 -1.53 43.56
CA THR E 154 -2.27 -2.43 44.70
C THR E 154 -1.22 -3.54 44.59
N VAL E 155 -0.36 -3.71 45.59
CA VAL E 155 0.70 -4.70 45.54
C VAL E 155 0.36 -5.97 46.34
N THR E 156 0.90 -7.10 45.89
CA THR E 156 0.76 -8.40 46.55
C THR E 156 2.16 -9.02 46.58
N TRP E 157 2.84 -8.89 47.72
CA TRP E 157 4.19 -9.40 47.89
C TRP E 157 4.17 -10.91 48.01
N ALA E 158 4.63 -11.61 46.96
CA ALA E 158 4.63 -13.07 46.97
C ALA E 158 6.02 -13.66 46.79
N LYS E 159 6.23 -14.87 47.30
CA LYS E 159 7.51 -15.57 47.13
C LYS E 159 7.59 -16.17 45.72
N GLU E 160 8.74 -16.75 45.33
CA GLU E 160 8.89 -17.35 44.01
C GLU E 160 7.90 -18.50 43.76
N ALA E 161 7.61 -19.30 44.80
CA ALA E 161 6.66 -20.41 44.67
C ALA E 161 5.19 -19.99 44.81
N GLU E 162 4.91 -18.73 45.20
CA GLU E 162 3.54 -18.24 45.37
C GLU E 162 3.12 -17.27 44.25
N ILE E 163 3.81 -17.26 43.10
CA ILE E 163 3.48 -16.33 42.03
C ILE E 163 2.12 -16.63 41.38
N ALA E 164 1.93 -17.84 40.84
CA ALA E 164 0.69 -18.22 40.17
C ALA E 164 -0.56 -18.08 41.03
N SER E 165 -0.41 -18.26 42.35
CA SER E 165 -1.54 -18.13 43.27
C SER E 165 -1.87 -16.67 43.57
N ALA E 166 -0.84 -15.80 43.65
CA ALA E 166 -1.05 -14.38 43.94
C ALA E 166 -1.60 -13.57 42.77
N ILE E 167 -1.71 -14.16 41.58
CA ILE E 167 -2.22 -13.46 40.41
C ILE E 167 -3.74 -13.29 40.44
N GLN E 168 -4.16 -12.03 40.40
CA GLN E 168 -5.58 -11.68 40.39
C GLN E 168 -6.02 -11.28 38.98
N ASP E 169 -7.34 -11.32 38.71
CA ASP E 169 -7.88 -10.90 37.41
C ASP E 169 -7.61 -9.41 37.09
N ASP E 170 -7.03 -8.66 38.05
CA ASP E 170 -6.69 -7.25 37.96
C ASP E 170 -5.17 -7.01 37.84
N THR E 171 -4.35 -8.07 37.76
CA THR E 171 -2.89 -7.94 37.69
C THR E 171 -2.40 -7.50 36.32
N GLY E 172 -1.54 -6.48 36.30
CA GLY E 172 -0.98 -5.97 35.06
C GLY E 172 0.49 -6.24 34.88
N LEU E 173 1.24 -6.36 36.00
CA LEU E 173 2.68 -6.60 35.92
C LEU E 173 3.20 -7.50 37.04
N VAL E 174 4.29 -8.21 36.77
CA VAL E 174 4.95 -9.09 37.74
C VAL E 174 6.38 -8.57 37.84
N ILE E 175 6.69 -7.81 38.88
CA ILE E 175 8.02 -7.22 39.05
C ILE E 175 8.97 -8.12 39.83
N VAL E 176 10.05 -8.57 39.18
CA VAL E 176 11.06 -9.45 39.78
C VAL E 176 12.46 -8.84 39.59
N GLU E 177 13.40 -9.14 40.50
CA GLU E 177 14.76 -8.60 40.43
C GLU E 177 15.78 -9.68 40.74
N THR E 178 16.73 -9.93 39.82
CA THR E 178 17.75 -10.95 40.04
C THR E 178 19.13 -10.53 39.49
N PRO E 179 20.18 -10.54 40.33
CA PRO E 179 20.21 -10.91 41.75
C PRO E 179 19.56 -9.86 42.66
N ALA E 180 19.00 -10.30 43.79
CA ALA E 180 18.32 -9.44 44.75
C ALA E 180 19.24 -8.39 45.37
N ASN E 181 18.65 -7.31 45.90
CA ASN E 181 19.43 -6.24 46.51
C ASN E 181 19.04 -6.10 47.99
N PRO E 182 19.99 -6.24 48.93
CA PRO E 182 21.44 -6.43 48.72
C PRO E 182 21.97 -7.86 48.89
N SER E 183 21.09 -8.83 49.16
CA SER E 183 21.45 -10.23 49.43
C SER E 183 22.08 -10.98 48.27
N LEU E 184 21.83 -10.52 47.03
CA LEU E 184 22.31 -11.12 45.78
C LEU E 184 21.74 -12.53 45.55
N ASP E 185 20.51 -12.77 46.04
CA ASP E 185 19.84 -14.06 45.87
C ASP E 185 19.27 -14.13 44.45
N LEU E 186 19.50 -15.25 43.76
CA LEU E 186 19.06 -15.40 42.38
C LEU E 186 17.63 -15.91 42.28
N VAL E 187 16.90 -15.44 41.26
CA VAL E 187 15.53 -15.86 41.01
C VAL E 187 15.47 -16.53 39.62
N ASP E 188 14.89 -17.74 39.53
CA ASP E 188 14.79 -18.44 38.25
C ASP E 188 13.74 -17.78 37.36
N LEU E 189 14.18 -17.03 36.34
CA LEU E 189 13.30 -16.32 35.42
C LEU E 189 12.44 -17.24 34.56
N ASP E 190 12.90 -18.47 34.31
CA ASP E 190 12.12 -19.44 33.55
C ASP E 190 10.88 -19.87 34.32
N SER E 191 10.98 -19.96 35.66
CA SER E 191 9.86 -20.34 36.52
C SER E 191 8.89 -19.17 36.71
N VAL E 192 9.40 -17.93 36.78
CA VAL E 192 8.58 -16.73 36.97
C VAL E 192 7.65 -16.50 35.78
N VAL E 193 8.19 -16.54 34.56
CA VAL E 193 7.41 -16.35 33.34
C VAL E 193 6.38 -17.45 33.14
N ALA E 194 6.72 -18.69 33.54
CA ALA E 194 5.79 -19.82 33.44
C ALA E 194 4.63 -19.66 34.44
N ALA E 195 4.93 -19.13 35.64
CA ALA E 195 3.91 -18.91 36.67
C ALA E 195 3.04 -17.70 36.35
N ALA E 196 3.59 -16.69 35.69
CA ALA E 196 2.83 -15.49 35.34
C ALA E 196 1.84 -15.76 34.20
N GLY E 197 2.25 -16.58 33.24
CA GLY E 197 1.41 -16.93 32.10
C GLY E 197 1.07 -15.75 31.22
N THR E 198 -0.20 -15.34 31.24
CA THR E 198 -0.68 -14.21 30.44
C THR E 198 -0.25 -12.83 30.95
N VAL E 199 0.29 -12.74 32.18
CA VAL E 199 0.72 -11.47 32.75
C VAL E 199 2.16 -11.14 32.38
N PRO E 200 2.41 -9.94 31.84
CA PRO E 200 3.79 -9.56 31.46
C PRO E 200 4.74 -9.48 32.65
N VAL E 201 6.03 -9.84 32.46
CA VAL E 201 7.02 -9.84 33.54
C VAL E 201 8.07 -8.75 33.39
N LEU E 202 8.23 -7.89 34.41
CA LEU E 202 9.23 -6.84 34.42
C LEU E 202 10.42 -7.32 35.23
N VAL E 203 11.61 -7.39 34.63
CA VAL E 203 12.80 -7.85 35.32
C VAL E 203 13.82 -6.73 35.46
N ASP E 204 14.16 -6.35 36.70
CA ASP E 204 15.14 -5.30 36.95
C ASP E 204 16.54 -5.88 36.75
N ASN E 205 17.07 -5.74 35.54
CA ASN E 205 18.37 -6.27 35.15
C ASN E 205 19.51 -5.26 35.34
N THR E 206 19.38 -4.34 36.30
CA THR E 206 20.40 -3.33 36.55
C THR E 206 21.74 -3.92 36.96
N PHE E 207 21.72 -4.91 37.86
CA PHE E 207 22.92 -5.54 38.41
C PHE E 207 23.75 -6.36 37.41
N CYS E 208 23.12 -7.12 36.51
CA CYS E 208 23.85 -7.98 35.58
C CYS E 208 24.06 -7.38 34.20
N THR E 209 23.20 -6.42 33.78
CA THR E 209 23.23 -5.74 32.47
C THR E 209 23.14 -6.72 31.28
N PRO E 210 22.97 -6.24 30.02
CA PRO E 210 22.89 -7.17 28.88
C PRO E 210 24.12 -8.03 28.62
N VAL E 211 25.22 -7.79 29.37
CA VAL E 211 26.45 -8.55 29.25
C VAL E 211 26.29 -9.92 29.88
N LEU E 212 25.68 -9.98 31.07
CA LEU E 212 25.54 -11.24 31.80
C LEU E 212 24.16 -11.87 31.72
N GLN E 213 23.10 -11.06 31.68
CA GLN E 213 21.74 -11.60 31.66
C GLN E 213 20.86 -10.89 30.64
N GLN E 214 19.92 -11.63 30.03
CA GLN E 214 18.97 -11.08 29.06
C GLN E 214 17.58 -11.66 29.35
N PRO E 215 16.75 -10.94 30.12
CA PRO E 215 15.43 -11.45 30.49
C PRO E 215 14.47 -11.71 29.33
N ILE E 216 14.68 -11.03 28.18
CA ILE E 216 13.83 -11.23 27.00
C ILE E 216 13.93 -12.69 26.52
N ARG E 217 15.16 -13.27 26.58
CA ARG E 217 15.47 -14.65 26.20
C ARG E 217 14.68 -15.67 27.03
N HIS E 218 14.43 -15.34 28.30
CA HIS E 218 13.70 -16.24 29.19
C HIS E 218 12.17 -16.09 29.10
N GLY E 219 11.69 -14.96 28.59
CA GLY E 219 10.26 -14.74 28.43
C GLY E 219 9.71 -13.48 29.06
N ALA E 220 10.58 -12.65 29.67
CA ALA E 220 10.12 -11.41 30.28
C ALA E 220 9.65 -10.42 29.22
N ALA E 221 8.63 -9.63 29.55
CA ALA E 221 8.08 -8.67 28.60
C ALA E 221 8.77 -7.32 28.68
N LEU E 222 9.15 -6.90 29.89
CA LEU E 222 9.81 -5.62 30.11
C LEU E 222 11.14 -5.84 30.83
N VAL E 223 12.19 -5.11 30.44
CA VAL E 223 13.50 -5.23 31.11
C VAL E 223 13.95 -3.87 31.64
N LEU E 224 13.77 -3.62 32.94
CA LEU E 224 14.13 -2.35 33.56
C LEU E 224 15.63 -2.25 33.81
N HIS E 225 16.20 -1.08 33.53
CA HIS E 225 17.61 -0.79 33.74
C HIS E 225 17.77 0.58 34.37
N SER E 226 18.56 0.69 35.44
CA SER E 226 18.88 1.97 36.03
C SER E 226 20.21 2.33 35.39
N ALA E 227 20.17 3.10 34.31
CA ALA E 227 21.36 3.52 33.53
C ALA E 227 22.43 4.24 34.34
N THR E 228 22.09 4.72 35.55
CA THR E 228 23.01 5.36 36.48
C THR E 228 24.15 4.37 36.82
N TYR E 230 26.39 1.04 35.96
CA TYR E 230 26.96 0.24 34.87
C TYR E 230 26.77 0.83 33.45
N LEU E 231 25.55 1.19 33.03
CA LEU E 231 25.32 1.76 31.70
C LEU E 231 26.08 3.07 31.52
N GLY E 232 26.10 3.89 32.56
CA GLY E 232 26.88 5.12 32.56
C GLY E 232 28.32 4.72 32.80
N GLY E 233 28.53 4.02 33.91
CA GLY E 233 29.81 3.44 34.29
C GLY E 233 30.82 4.36 34.92
N HIS E 234 30.49 5.64 35.06
CA HIS E 234 31.43 6.60 35.65
C HIS E 234 30.85 7.39 36.84
N GLY E 235 29.56 7.23 37.12
CA GLY E 235 28.89 7.90 38.23
C GLY E 235 28.64 9.37 37.98
N ASP E 236 28.28 9.72 36.74
CA ASP E 236 28.02 11.11 36.39
C ASP E 236 26.71 11.31 35.63
N ALA E 237 26.21 10.29 34.94
CA ALA E 237 24.96 10.41 34.21
C ALA E 237 23.82 9.65 34.85
N MET E 238 22.72 10.36 35.17
CA MET E 238 21.53 9.75 35.76
C MET E 238 20.61 9.27 34.65
N GLY E 239 20.07 8.06 34.79
CA GLY E 239 19.20 7.52 33.76
C GLY E 239 18.40 6.29 34.13
N GLY E 240 17.46 5.94 33.27
CA GLY E 240 16.59 4.77 33.43
C GLY E 240 15.98 4.40 32.10
N ILE E 241 15.99 3.12 31.74
CA ILE E 241 15.49 2.69 30.43
C ILE E 241 14.87 1.29 30.49
N ILE E 242 13.74 1.08 29.78
CA ILE E 242 13.08 -0.22 29.75
C ILE E 242 13.09 -0.79 28.34
N ALA E 243 13.72 -1.96 28.14
CA ALA E 243 13.74 -2.61 26.83
C ALA E 243 12.52 -3.55 26.79
N THR E 244 11.50 -3.21 25.99
CA THR E 244 10.27 -4.00 25.93
C THR E 244 9.67 -4.10 24.50
N ASN E 245 8.64 -4.96 24.31
CA ASN E 245 7.96 -5.11 23.03
C ASN E 245 7.25 -3.80 22.61
N SER E 246 7.00 -3.64 21.31
CA SER E 246 6.38 -2.45 20.73
C SER E 246 5.10 -1.98 21.41
N ASP E 247 4.25 -2.93 21.86
CA ASP E 247 3.01 -2.59 22.53
C ASP E 247 3.28 -1.89 23.86
N TRP E 248 4.15 -2.47 24.70
CA TRP E 248 4.49 -1.87 25.99
C TRP E 248 5.34 -0.61 25.86
N ALA E 249 6.15 -0.52 24.78
CA ALA E 249 6.95 0.67 24.53
C ALA E 249 6.07 1.86 24.15
N MET E 250 4.95 1.60 23.45
CA MET E 250 4.00 2.62 23.04
C MET E 250 3.29 3.20 24.26
N ARG E 251 2.91 2.32 25.22
CA ARG E 251 2.25 2.73 26.46
C ARG E 251 3.20 3.59 27.29
N LEU E 252 4.47 3.17 27.40
CA LEU E 252 5.50 3.89 28.14
C LEU E 252 5.79 5.25 27.51
N ARG E 253 5.81 5.31 26.18
CA ARG E 253 6.06 6.55 25.43
C ARG E 253 4.90 7.54 25.60
N GLN E 254 3.66 7.02 25.74
CA GLN E 254 2.48 7.86 25.97
C GLN E 254 2.56 8.52 27.35
N VAL E 255 3.03 7.78 28.36
CA VAL E 255 3.18 8.29 29.72
C VAL E 255 4.29 9.34 29.75
N ARG E 256 5.40 9.09 29.04
CA ARG E 256 6.52 10.02 28.98
C ARG E 256 6.14 11.35 28.34
N ALA E 257 5.22 11.33 27.38
CA ALA E 257 4.78 12.54 26.70
C ALA E 257 3.95 13.47 27.59
N ILE E 258 3.18 12.92 28.54
CA ILE E 258 2.36 13.76 29.42
C ILE E 258 2.98 13.96 30.81
N THR E 259 3.68 12.95 31.35
CA THR E 259 4.32 13.08 32.66
C THR E 259 5.68 13.81 32.58
N GLY E 260 6.31 13.79 31.41
CA GLY E 260 7.56 14.50 31.11
C GLY E 260 8.81 14.22 31.94
N ALA E 261 9.08 12.95 32.26
CA ALA E 261 10.29 12.59 32.99
C ALA E 261 11.38 12.27 31.96
N LEU E 262 11.71 13.25 31.10
CA LEU E 262 12.66 13.10 30.00
C LEU E 262 14.11 12.94 30.42
N LEU E 263 14.90 12.33 29.53
CA LEU E 263 16.35 12.16 29.70
C LEU E 263 17.00 13.32 28.92
N HIS E 264 17.77 14.17 29.61
CA HIS E 264 18.40 15.34 29.00
C HIS E 264 19.39 14.91 27.91
N PRO E 265 19.50 15.66 26.80
CA PRO E 265 20.44 15.26 25.74
C PRO E 265 21.86 14.94 26.21
N MET E 266 22.37 15.66 27.23
CA MET E 266 23.72 15.41 27.77
C MET E 266 23.77 14.08 28.49
N GLY E 267 22.72 13.78 29.25
CA GLY E 267 22.62 12.52 30.00
C GLY E 267 22.54 11.36 29.04
N ALA E 268 21.73 11.52 27.99
CA ALA E 268 21.54 10.50 26.96
C ALA E 268 22.82 10.23 26.18
N TYR E 269 23.62 11.27 25.95
CA TYR E 269 24.88 11.12 25.23
C TYR E 269 25.89 10.35 26.09
N LEU E 270 25.98 10.68 27.39
CA LEU E 270 26.91 10.02 28.28
C LEU E 270 26.53 8.57 28.57
N LEU E 271 25.22 8.28 28.61
CA LEU E 271 24.75 6.91 28.84
C LEU E 271 25.01 6.05 27.60
N HIS E 272 24.85 6.63 26.40
CA HIS E 272 25.11 5.94 25.14
C HIS E 272 26.61 5.73 24.98
N ARG E 273 27.41 6.75 25.30
CA ARG E 273 28.89 6.70 25.25
C ARG E 273 29.40 5.58 26.18
N GLY E 274 28.76 5.43 27.34
CA GLY E 274 29.11 4.42 28.32
C GLY E 274 28.83 3.00 27.90
N LEU E 275 27.91 2.81 26.94
CA LEU E 275 27.60 1.49 26.43
C LEU E 275 28.78 0.89 25.65
N ARG E 276 29.59 1.75 25.00
CA ARG E 276 30.74 1.32 24.21
C ARG E 276 31.81 0.64 25.05
N THR E 277 32.04 1.14 26.25
CA THR E 277 33.03 0.56 27.16
C THR E 277 32.42 -0.42 28.17
N LEU E 278 31.16 -0.83 27.99
CA LEU E 278 30.47 -1.72 28.93
C LEU E 278 31.02 -3.15 28.96
N ALA E 279 31.26 -3.75 27.79
CA ALA E 279 31.78 -5.11 27.73
C ALA E 279 33.12 -5.25 28.43
N VAL E 280 34.05 -4.32 28.17
CA VAL E 280 35.38 -4.37 28.77
C VAL E 280 35.35 -4.01 30.27
N ARG E 281 34.42 -3.15 30.69
CA ARG E 281 34.33 -2.76 32.09
C ARG E 281 33.74 -3.89 32.93
N MET E 282 32.69 -4.53 32.40
CA MET E 282 32.04 -5.61 33.13
C MET E 282 32.90 -6.86 33.24
N ARG E 283 33.66 -7.17 32.18
CA ARG E 283 34.54 -8.34 32.19
C ARG E 283 35.67 -8.13 33.21
N ALA E 284 36.16 -6.90 33.36
CA ALA E 284 37.23 -6.59 34.30
C ALA E 284 36.72 -6.52 35.74
N ALA E 285 35.56 -5.87 35.96
CA ALA E 285 35.01 -5.74 37.30
C ALA E 285 34.57 -7.09 37.85
N GLN E 286 34.01 -7.95 37.00
CA GLN E 286 33.58 -9.29 37.40
C GLN E 286 34.78 -10.16 37.76
N THR E 287 35.88 -10.03 37.01
CA THR E 287 37.10 -10.79 37.28
C THR E 287 37.68 -10.38 38.63
N THR E 288 37.71 -9.07 38.89
CA THR E 288 38.20 -8.55 40.16
C THR E 288 37.30 -9.00 41.31
N ALA E 289 35.98 -8.98 41.12
CA ALA E 289 34.99 -9.41 42.12
C ALA E 289 35.10 -10.89 42.45
N GLY E 290 35.31 -11.73 41.44
CA GLY E 290 35.42 -13.17 41.61
C GLY E 290 36.62 -13.57 42.45
N GLU E 291 37.71 -12.81 42.34
CA GLU E 291 38.91 -13.07 43.13
C GLU E 291 38.80 -12.43 44.50
N LEU E 292 38.24 -11.21 44.56
CA LEU E 292 38.06 -10.47 45.81
C LEU E 292 37.16 -11.21 46.78
N ALA E 293 36.06 -11.80 46.31
CA ALA E 293 35.16 -12.56 47.18
C ALA E 293 35.81 -13.83 47.71
N GLU E 294 36.68 -14.46 46.90
CA GLU E 294 37.41 -15.67 47.27
C GLU E 294 38.48 -15.35 48.32
N ARG E 295 39.15 -14.19 48.18
CA ARG E 295 40.17 -13.76 49.12
C ARG E 295 39.53 -13.27 50.43
N LEU E 296 38.36 -12.63 50.35
CA LEU E 296 37.65 -12.15 51.55
C LEU E 296 37.03 -13.31 52.36
N ALA E 297 36.77 -14.46 51.71
CA ALA E 297 36.23 -15.64 52.38
C ALA E 297 37.24 -16.18 53.41
N ALA E 298 38.54 -16.06 53.12
CA ALA E 298 39.60 -16.48 54.02
C ALA E 298 39.94 -15.34 55.01
N HIS E 299 38.95 -14.92 55.79
CA HIS E 299 39.13 -13.86 56.77
C HIS E 299 38.33 -14.20 58.03
N PRO E 300 38.93 -14.02 59.21
CA PRO E 300 38.24 -14.37 60.45
C PRO E 300 36.99 -13.55 60.76
N ALA E 301 36.98 -12.27 60.36
CA ALA E 301 35.87 -11.37 60.63
C ALA E 301 34.61 -11.70 59.85
N ILE E 302 34.75 -12.31 58.68
CA ILE E 302 33.61 -12.63 57.83
C ILE E 302 33.15 -14.07 58.01
N THR E 303 31.84 -14.27 58.30
CA THR E 303 31.27 -15.61 58.49
C THR E 303 30.86 -16.24 57.17
N ALA E 304 30.33 -15.44 56.23
CA ALA E 304 29.91 -15.93 54.92
C ALA E 304 29.97 -14.84 53.86
N VAL E 305 30.36 -15.20 52.63
CA VAL E 305 30.44 -14.26 51.53
C VAL E 305 29.33 -14.54 50.52
N HIS E 306 28.61 -13.50 50.09
CA HIS E 306 27.55 -13.66 49.10
C HIS E 306 28.02 -13.22 47.72
N TYR E 307 28.24 -14.18 46.82
CA TYR E 307 28.67 -13.92 45.46
C TYR E 307 28.12 -15.03 44.57
N PRO E 308 27.38 -14.69 43.50
CA PRO E 308 26.79 -15.73 42.64
C PRO E 308 27.76 -16.77 42.09
N GLY E 309 28.96 -16.34 41.72
CA GLY E 309 29.99 -17.24 41.19
C GLY E 309 30.58 -18.17 42.24
N LEU E 310 30.51 -17.80 43.52
CA LEU E 310 31.03 -18.60 44.61
C LEU E 310 30.17 -19.84 44.86
N ASN E 311 30.77 -20.92 45.33
CA ASN E 311 30.04 -22.15 45.61
C ASN E 311 29.09 -21.98 46.80
N GLY E 312 27.88 -22.48 46.64
CA GLY E 312 26.84 -22.34 47.65
C GLY E 312 25.77 -21.35 47.24
N GLN E 313 26.12 -20.38 46.36
CA GLN E 313 25.17 -19.37 45.89
C GLN E 313 24.49 -19.72 44.55
N ASP E 314 24.73 -20.92 43.99
CA ASP E 314 24.10 -21.32 42.75
C ASP E 314 23.36 -22.63 43.00
N PRO E 315 22.09 -22.56 43.42
CA PRO E 315 21.36 -23.79 43.76
C PRO E 315 20.70 -24.53 42.59
N ARG E 316 20.08 -23.80 41.66
CA ARG E 316 19.37 -24.40 40.54
C ARG E 316 20.15 -24.41 39.21
N GLY E 317 21.46 -24.22 39.27
CA GLY E 317 22.27 -24.18 38.06
C GLY E 317 21.94 -22.98 37.19
N LEU E 318 21.65 -21.85 37.84
CA LEU E 318 21.27 -20.59 37.22
C LEU E 318 22.43 -19.92 36.47
N LEU E 319 23.68 -20.25 36.84
CA LEU E 319 24.84 -19.70 36.13
C LEU E 319 25.08 -20.53 34.87
N GLY E 320 25.14 -19.84 33.74
CA GLY E 320 25.30 -20.48 32.44
C GLY E 320 23.98 -20.50 31.70
N ARG E 321 22.90 -20.80 32.42
CA ARG E 321 21.55 -20.84 31.88
C ARG E 321 20.96 -19.43 31.85
N GLN E 322 21.20 -18.63 32.91
CA GLN E 322 20.67 -17.27 32.98
C GLN E 322 21.77 -16.22 33.02
N MET E 323 22.82 -16.44 33.83
CA MET E 323 23.91 -15.48 33.94
C MET E 323 25.27 -16.05 33.48
N SER E 324 25.92 -15.40 32.50
CA SER E 324 27.23 -15.83 32.00
C SER E 324 28.38 -15.24 32.82
N GLY E 325 28.17 -15.12 34.12
CA GLY E 325 29.15 -14.56 35.03
C GLY E 325 28.59 -14.30 36.42
N GLY E 326 29.47 -14.08 37.38
CA GLY E 326 29.08 -13.84 38.76
C GLY E 326 28.73 -12.39 39.09
N GLY E 327 28.98 -11.48 38.16
CA GLY E 327 28.69 -10.06 38.37
C GLY E 327 29.80 -9.32 39.09
N ALA E 328 29.57 -8.04 39.37
CA ALA E 328 30.57 -7.21 40.05
C ALA E 328 30.08 -6.70 41.42
N MET E 329 29.14 -7.41 42.04
CA MET E 329 28.61 -7.04 43.36
C MET E 329 28.92 -8.16 44.35
N ILE E 330 29.31 -7.80 45.59
CA ILE E 330 29.59 -8.79 46.62
C ILE E 330 28.97 -8.33 47.95
N ALA E 331 28.33 -9.23 48.70
CA ALA E 331 27.75 -8.89 49.99
C ALA E 331 28.51 -9.64 51.09
N LEU E 332 28.86 -8.95 52.19
CA LEU E 332 29.64 -9.56 53.28
C LEU E 332 28.89 -9.71 54.59
N GLU E 333 28.85 -10.94 55.12
CA GLU E 333 28.22 -11.18 56.41
C GLU E 333 29.28 -11.12 57.50
N LEU E 334 29.29 -10.03 58.27
CA LEU E 334 30.28 -9.88 59.35
C LEU E 334 29.86 -10.59 60.61
N ALA E 335 30.83 -10.96 61.45
CA ALA E 335 30.54 -11.61 62.73
C ALA E 335 30.18 -10.58 63.81
N GLY E 336 30.72 -9.37 63.72
CA GLY E 336 30.46 -8.31 64.70
C GLY E 336 29.10 -7.66 64.62
N GLY E 337 28.37 -7.90 63.54
CA GLY E 337 27.03 -7.35 63.36
C GLY E 337 27.02 -5.92 62.88
N PHE E 338 26.26 -5.05 63.56
CA PHE E 338 26.14 -3.64 63.20
C PHE E 338 27.40 -2.82 63.48
N ASP E 339 27.98 -2.97 64.69
CA ASP E 339 29.18 -2.23 65.05
C ASP E 339 30.35 -2.53 64.11
N ALA E 340 30.53 -3.81 63.74
CA ALA E 340 31.60 -4.20 62.82
C ALA E 340 31.36 -3.64 61.43
N ALA E 341 30.08 -3.54 61.00
CA ALA E 341 29.71 -3.00 59.70
C ALA E 341 29.90 -1.49 59.61
N ARG E 342 29.50 -0.74 60.65
CA ARG E 342 29.70 0.71 60.65
C ARG E 342 31.19 1.09 60.78
N SER E 343 31.99 0.25 61.46
CA SER E 343 33.43 0.48 61.62
C SER E 343 34.17 0.16 60.32
N PHE E 344 33.74 -0.89 59.61
CA PHE E 344 34.34 -1.33 58.35
C PHE E 344 34.14 -0.30 57.25
N VAL E 345 32.95 0.31 57.20
CA VAL E 345 32.62 1.32 56.20
C VAL E 345 33.41 2.62 56.44
N GLU E 346 33.51 3.04 57.71
CA GLU E 346 34.24 4.26 58.05
C GLU E 346 35.76 4.09 57.91
N HIS E 347 36.28 2.86 58.12
CA HIS E 347 37.72 2.63 58.05
C HIS E 347 38.26 2.40 56.64
N CYS E 348 37.44 2.58 55.60
CA CYS E 348 37.88 2.42 54.22
C CYS E 348 38.41 3.77 53.72
N SER E 349 39.56 3.77 53.03
CA SER E 349 40.12 5.01 52.51
C SER E 349 40.07 5.03 50.98
N LEU E 350 40.53 3.96 50.32
CA LEU E 350 40.49 3.84 48.87
C LEU E 350 39.06 3.56 48.44
N VAL E 351 38.39 2.63 49.11
CA VAL E 351 37.00 2.32 48.80
C VAL E 351 36.11 3.42 49.35
N VAL E 352 35.31 4.06 48.48
CA VAL E 352 34.45 5.18 48.85
C VAL E 352 33.11 4.76 49.45
N HIS E 353 32.72 5.36 50.58
CA HIS E 353 31.44 5.04 51.20
C HIS E 353 30.33 5.92 50.62
N ALA E 354 29.51 5.34 49.74
CA ALA E 354 28.40 6.04 49.09
C ALA E 354 27.27 5.08 48.69
N VAL E 355 26.05 5.60 48.50
CA VAL E 355 24.90 4.76 48.12
C VAL E 355 24.68 4.68 46.62
N SER E 356 25.44 3.82 45.94
CA SER E 356 25.29 3.58 44.50
C SER E 356 26.15 2.38 44.03
N LEU E 357 26.07 2.01 42.74
CA LEU E 357 26.84 0.89 42.20
C LEU E 357 27.21 1.10 40.71
N GLY E 358 28.11 0.27 40.19
CA GLY E 358 28.52 0.30 38.79
C GLY E 358 29.37 1.49 38.37
N GLY E 359 29.97 2.18 39.32
CA GLY E 359 30.84 3.31 39.02
C GLY E 359 32.23 2.90 38.63
N ALA E 360 33.11 3.87 38.37
CA ALA E 360 34.50 3.58 38.00
C ALA E 360 35.28 3.08 39.22
N ASP E 361 34.98 3.63 40.41
CA ASP E 361 35.63 3.22 41.64
C ASP E 361 34.77 2.27 42.47
N THR E 362 35.41 1.54 43.41
CA THR E 362 34.73 0.60 44.28
C THR E 362 33.95 1.35 45.35
N LEU E 363 32.67 1.04 45.50
CA LEU E 363 31.83 1.70 46.49
C LEU E 363 31.39 0.74 47.58
N ILE E 364 31.25 1.26 48.79
CA ILE E 364 30.81 0.46 49.94
C ILE E 364 29.60 1.12 50.60
N GLN E 365 28.67 0.31 51.11
CA GLN E 365 27.49 0.84 51.80
C GLN E 365 26.97 -0.11 52.86
N HIS E 366 26.25 0.44 53.85
CA HIS E 366 25.66 -0.37 54.90
C HIS E 366 24.15 -0.27 54.70
N PRO E 367 23.53 -1.30 54.10
CA PRO E 367 22.08 -1.24 53.84
C PRO E 367 21.23 -1.16 55.11
N ALA E 368 21.66 -1.82 56.18
CA ALA E 368 20.94 -1.80 57.46
C ALA E 368 20.93 -0.42 58.13
N SER E 369 21.94 0.42 57.82
CA SER E 369 22.06 1.77 58.38
C SER E 369 21.03 2.77 57.87
N LEU E 370 20.40 2.49 56.73
CA LEU E 370 19.40 3.39 56.17
C LEU E 370 18.12 3.43 57.01
N THR E 371 17.78 2.31 57.68
CA THR E 371 16.61 2.24 58.55
C THR E 371 16.98 2.30 60.04
N HIS E 372 18.11 1.67 60.42
CA HIS E 372 18.57 1.65 61.81
C HIS E 372 19.74 2.59 62.07
N ARG E 373 19.65 3.40 63.12
CA ARG E 373 20.74 4.28 63.55
C ARG E 373 20.90 4.15 65.06
N PRO E 374 21.70 3.16 65.51
CA PRO E 374 21.81 2.90 66.95
C PRO E 374 22.92 3.61 67.72
N VAL E 375 22.84 3.55 69.06
CA VAL E 375 23.85 4.08 69.96
C VAL E 375 24.28 2.95 70.95
N ALA E 376 24.33 1.69 70.47
CA ALA E 376 24.65 0.51 71.27
C ALA E 376 25.15 -0.68 70.40
N ALA E 377 25.74 -1.71 71.03
CA ALA E 377 26.22 -2.90 70.33
C ALA E 377 25.06 -3.74 69.80
N THR E 378 24.69 -3.54 68.53
CA THR E 378 23.60 -4.25 67.88
C THR E 378 24.08 -5.57 67.29
N GLY E 382 22.13 -7.84 64.90
CA GLY E 382 22.31 -8.96 64.00
C GLY E 382 22.10 -8.61 62.54
N ASP E 383 22.50 -7.40 62.14
CA ASP E 383 22.37 -6.95 60.75
C ASP E 383 23.74 -6.48 60.24
N GLY E 384 24.61 -7.44 59.99
CA GLY E 384 25.97 -7.14 59.56
C GLY E 384 26.26 -7.41 58.10
N LEU E 385 25.35 -7.02 57.21
CA LEU E 385 25.58 -7.21 55.77
C LEU E 385 26.10 -5.93 55.16
N ILE E 386 27.14 -6.03 54.34
CA ILE E 386 27.74 -4.88 53.69
C ILE E 386 27.72 -5.10 52.19
N ARG E 387 27.14 -4.15 51.43
CA ARG E 387 27.15 -4.26 49.98
C ARG E 387 28.41 -3.63 49.42
N LEU E 388 28.98 -4.22 48.37
CA LEU E 388 30.22 -3.73 47.79
C LEU E 388 30.13 -3.80 46.27
N SER E 389 30.33 -2.67 45.58
CA SER E 389 30.29 -2.63 44.12
C SER E 389 31.72 -2.54 43.59
N VAL E 390 32.27 -3.63 43.07
CA VAL E 390 33.63 -3.67 42.55
C VAL E 390 33.85 -2.76 41.34
N GLY E 391 34.87 -1.91 41.43
CA GLY E 391 35.21 -0.96 40.37
C GLY E 391 36.25 -1.47 39.41
N LEU E 392 37.02 -0.55 38.80
CA LEU E 392 38.03 -0.90 37.82
C LEU E 392 39.45 -0.85 38.40
N GLU E 393 39.61 -1.16 39.68
CA GLU E 393 40.93 -1.14 40.32
C GLU E 393 41.57 -2.54 40.39
N HIS E 394 42.83 -2.60 40.83
CA HIS E 394 43.56 -3.84 40.99
C HIS E 394 43.04 -4.59 42.22
N VAL E 395 43.00 -5.92 42.13
CA VAL E 395 42.51 -6.79 43.21
C VAL E 395 43.40 -6.74 44.45
N ASP E 396 44.70 -6.46 44.28
CA ASP E 396 45.63 -6.38 45.42
C ASP E 396 45.36 -5.11 46.22
N ASP E 397 45.09 -3.99 45.54
CA ASP E 397 44.83 -2.72 46.21
C ASP E 397 43.49 -2.70 46.93
N LEU E 398 42.50 -3.39 46.38
CA LEU E 398 41.19 -3.47 47.01
C LEU E 398 41.21 -4.43 48.20
N GLU E 399 41.96 -5.53 48.08
CA GLU E 399 42.09 -6.50 49.17
C GLU E 399 42.86 -5.87 50.33
N ASP E 400 43.94 -5.14 50.04
CA ASP E 400 44.75 -4.49 51.08
C ASP E 400 43.99 -3.41 51.85
N ASP E 401 43.10 -2.68 51.16
CA ASP E 401 42.31 -1.63 51.80
C ASP E 401 41.20 -2.19 52.68
N LEU E 402 40.45 -3.18 52.17
CA LEU E 402 39.37 -3.80 52.93
C LEU E 402 39.89 -4.63 54.09
N ILE E 403 41.05 -5.27 53.91
CA ILE E 403 41.66 -6.06 54.99
C ILE E 403 42.12 -5.12 56.13
N ALA E 404 42.53 -3.87 55.81
CA ALA E 404 42.95 -2.90 56.80
C ALA E 404 41.74 -2.37 57.57
N ALA E 405 40.62 -2.12 56.87
CA ALA E 405 39.38 -1.64 57.47
C ALA E 405 38.77 -2.69 58.40
N LEU E 406 38.90 -3.97 58.05
CA LEU E 406 38.40 -5.08 58.86
C LEU E 406 39.22 -5.19 60.15
N ASP E 407 40.54 -5.05 60.05
CA ASP E 407 41.44 -5.11 61.20
C ASP E 407 41.19 -3.98 62.19
N ALA E 408 40.65 -2.84 61.73
CA ALA E 408 40.31 -1.73 62.61
C ALA E 408 39.01 -2.04 63.35
N SER E 409 39.11 -2.70 64.50
CA SER E 409 37.94 -3.07 65.30
C SER E 409 38.25 -3.17 66.79
N MET F 24 50.50 1.44 45.05
CA MET F 24 49.30 1.50 44.22
C MET F 24 49.59 1.07 42.76
N HIS F 25 48.81 0.11 42.24
CA HIS F 25 48.99 -0.43 40.89
C HIS F 25 48.49 0.56 39.85
N PRO F 26 49.02 0.52 38.62
CA PRO F 26 48.58 1.49 37.60
C PRO F 26 47.09 1.48 37.32
N GLU F 27 46.44 0.31 37.44
CA GLU F 27 45.00 0.17 37.22
C GLU F 27 44.21 0.96 38.26
N THR F 28 44.64 0.92 39.53
CA THR F 28 44.01 1.67 40.62
C THR F 28 44.32 3.16 40.50
N LEU F 29 45.57 3.48 40.11
CA LEU F 29 46.11 4.83 39.89
C LEU F 29 45.30 5.58 38.82
N MET F 30 44.84 4.86 37.79
CA MET F 30 44.09 5.47 36.70
C MET F 30 42.70 5.93 37.12
N VAL F 31 42.08 5.17 38.04
CA VAL F 31 40.74 5.46 38.54
C VAL F 31 40.73 6.57 39.59
N HIS F 32 41.64 6.48 40.57
CA HIS F 32 41.68 7.46 41.65
C HIS F 32 42.65 8.63 41.45
N GLY F 33 43.44 8.60 40.38
CA GLY F 33 44.40 9.66 40.09
C GLY F 33 43.72 10.97 39.72
N GLY F 34 44.18 12.05 40.34
CA GLY F 34 43.59 13.36 40.10
C GLY F 34 42.28 13.61 40.86
N MET F 35 41.81 12.60 41.61
CA MET F 35 40.57 12.68 42.37
C MET F 35 40.86 12.97 43.85
N ASP F 36 41.86 13.80 44.12
CA ASP F 36 42.26 14.12 45.48
C ASP F 36 41.31 15.14 46.12
N GLY F 37 40.82 14.81 47.31
CA GLY F 37 39.92 15.70 48.04
C GLY F 37 38.45 15.65 47.65
N LEU F 38 38.11 14.90 46.59
CA LEU F 38 36.71 14.81 46.14
C LEU F 38 35.86 14.03 47.12
N THR F 39 36.38 12.91 47.63
CA THR F 39 35.69 12.08 48.63
C THR F 39 35.38 12.91 49.88
N GLU F 40 36.32 13.78 50.27
CA GLU F 40 36.21 14.65 51.43
C GLU F 40 35.21 15.79 51.20
N ALA F 41 35.12 16.28 49.96
CA ALA F 41 34.18 17.35 49.61
C ALA F 41 32.72 16.90 49.54
N GLY F 42 32.47 15.59 49.45
CA GLY F 42 31.12 15.06 49.35
C GLY F 42 30.62 14.87 47.93
N VAL F 43 31.55 14.78 46.96
CA VAL F 43 31.22 14.58 45.54
C VAL F 43 31.87 13.30 45.00
N HIS F 44 31.32 12.74 43.92
CA HIS F 44 31.83 11.49 43.33
C HIS F 44 32.75 11.76 42.15
N VAL F 45 32.47 12.81 41.38
CA VAL F 45 33.27 13.20 40.22
C VAL F 45 33.72 14.67 40.34
N PRO F 46 34.83 15.08 39.68
CA PRO F 46 35.26 16.48 39.77
C PRO F 46 34.24 17.42 39.12
N ALA F 47 33.95 18.54 39.79
CA ALA F 47 32.97 19.50 39.26
C ALA F 47 33.52 20.22 38.04
N ILE F 48 32.64 20.58 37.11
CA ILE F 48 33.04 21.30 35.91
C ILE F 48 32.87 22.79 36.16
N ASP F 49 33.97 23.47 36.50
CA ASP F 49 33.94 24.90 36.77
C ASP F 49 34.27 25.65 35.50
N LEU F 50 33.24 26.21 34.84
CA LEU F 50 33.43 26.96 33.58
C LEU F 50 33.93 28.40 33.78
N SER F 51 34.00 28.88 35.04
CA SER F 51 34.42 30.23 35.41
C SER F 51 35.63 30.77 34.65
N THR F 52 35.44 31.83 33.89
CA THR F 52 36.53 32.46 33.15
C THR F 52 37.40 33.26 34.12
N THR F 53 36.76 34.00 35.05
CA THR F 53 37.48 34.78 36.05
C THR F 53 37.21 34.22 37.45
N ASN F 54 38.17 34.44 38.38
CA ASN F 54 38.02 33.96 39.75
C ASN F 54 38.18 35.10 40.74
N PRO F 55 37.15 35.34 41.56
CA PRO F 55 37.23 36.42 42.56
C PRO F 55 38.33 36.20 43.59
N VAL F 56 38.85 37.28 44.18
CA VAL F 56 39.92 37.17 45.17
C VAL F 56 39.44 37.61 46.56
N ASN F 57 39.99 37.01 47.63
CA ASN F 57 39.59 37.38 48.99
C ASN F 57 40.11 38.75 49.38
N ASP F 58 41.33 39.08 48.94
CA ASP F 58 41.94 40.39 49.18
C ASP F 58 42.93 40.76 48.07
N VAL F 59 43.13 42.05 47.88
CA VAL F 59 43.97 42.63 46.84
C VAL F 59 45.40 42.12 46.93
N ALA F 60 45.94 42.08 48.16
CA ALA F 60 47.30 41.61 48.41
C ALA F 60 47.53 40.14 48.03
N THR F 61 46.65 39.22 48.47
CA THR F 61 46.82 37.80 48.14
C THR F 61 46.48 37.52 46.68
N GLY F 62 45.54 38.27 46.11
CA GLY F 62 45.17 38.12 44.71
C GLY F 62 46.29 38.55 43.78
N GLY F 63 47.02 39.59 44.17
CA GLY F 63 48.15 40.08 43.40
C GLY F 63 49.31 39.12 43.43
N ASP F 64 49.55 38.49 44.59
CA ASP F 64 50.61 37.50 44.76
C ASP F 64 50.29 36.25 43.96
N SER F 65 49.03 35.81 43.99
CA SER F 65 48.58 34.64 43.25
C SER F 65 48.69 34.86 41.74
N TYR F 66 48.50 36.11 41.28
CA TYR F 66 48.62 36.49 39.87
C TYR F 66 50.08 36.36 39.43
N GLU F 67 51.03 36.90 40.22
CA GLU F 67 52.46 36.87 39.91
C GLU F 67 52.97 35.42 39.92
N TRP F 68 52.52 34.63 40.90
CA TRP F 68 52.90 33.23 41.08
C TRP F 68 52.43 32.38 39.91
N LEU F 69 51.20 32.61 39.42
CA LEU F 69 50.68 31.85 38.29
C LEU F 69 51.23 32.33 36.95
N ALA F 70 51.48 33.65 36.81
CA ALA F 70 52.05 34.19 35.57
C ALA F 70 53.50 33.74 35.39
N THR F 71 54.24 33.55 36.50
CA THR F 71 55.62 33.08 36.42
C THR F 71 55.75 31.57 36.11
N GLY F 72 54.64 30.88 35.89
CA GLY F 72 54.65 29.46 35.53
C GLY F 72 54.56 28.48 36.69
N HIS F 73 54.32 28.96 37.90
CA HIS F 73 54.21 28.07 39.05
C HIS F 73 52.79 27.50 39.20
N ALA F 74 52.65 26.37 39.91
CA ALA F 74 51.35 25.75 40.12
C ALA F 74 50.56 26.49 41.21
N LEU F 75 49.22 26.47 41.12
CA LEU F 75 48.38 27.15 42.10
C LEU F 75 48.50 26.56 43.49
N LYS F 76 48.94 27.39 44.45
CA LYS F 76 49.06 26.96 45.84
C LYS F 76 47.67 26.79 46.45
N ASP F 77 47.51 25.82 47.35
CA ASP F 77 46.22 25.54 47.97
C ASP F 77 45.75 26.70 48.84
N GLY F 78 44.47 27.04 48.68
CA GLY F 78 43.85 28.15 49.41
C GLY F 78 44.06 29.50 48.75
N ASP F 79 44.38 29.51 47.45
CA ASP F 79 44.60 30.75 46.71
C ASP F 79 43.68 30.79 45.50
N SER F 80 43.19 31.98 45.15
CA SER F 80 42.30 32.14 44.01
C SER F 80 43.00 31.81 42.71
N ALA F 81 42.30 31.15 41.79
CA ALA F 81 42.87 30.82 40.49
C ALA F 81 43.11 32.06 39.60
N VAL F 82 42.55 33.24 40.00
CA VAL F 82 42.63 34.57 39.39
C VAL F 82 41.94 34.66 38.02
N TYR F 83 42.39 33.87 37.04
CA TYR F 83 41.86 33.85 35.68
C TYR F 83 42.06 32.44 35.10
N GLN F 84 41.21 32.01 34.16
CA GLN F 84 41.33 30.67 33.56
C GLN F 84 42.61 30.49 32.76
N ARG F 85 43.11 31.56 32.12
CA ARG F 85 44.36 31.50 31.38
C ARG F 85 45.58 31.28 32.31
N LEU F 86 45.46 31.64 33.59
CA LEU F 86 46.49 31.46 34.60
C LEU F 86 46.31 30.09 35.24
N TRP F 87 45.06 29.71 35.58
CA TRP F 87 44.78 28.42 36.21
C TRP F 87 43.31 27.99 36.08
N GLN F 88 43.09 26.69 35.82
CA GLN F 88 41.76 26.10 35.74
C GLN F 88 41.77 24.84 36.59
N PRO F 89 40.89 24.75 37.60
CA PRO F 89 40.88 23.58 38.49
C PRO F 89 40.59 22.23 37.82
N GLY F 90 39.76 22.23 36.77
CA GLY F 90 39.43 21.01 36.05
C GLY F 90 40.63 20.47 35.30
N VAL F 91 41.35 21.37 34.61
CA VAL F 91 42.56 21.05 33.87
C VAL F 91 43.63 20.53 34.84
N ALA F 92 43.78 21.21 35.99
CA ALA F 92 44.72 20.87 37.05
C ALA F 92 44.59 19.43 37.52
N ARG F 93 43.36 18.92 37.70
CA ARG F 93 43.14 17.55 38.15
C ARG F 93 43.61 16.56 37.09
N PHE F 94 43.34 16.85 35.82
CA PHE F 94 43.76 16.01 34.69
C PHE F 94 45.29 16.02 34.57
N GLU F 95 45.93 17.16 34.84
CA GLU F 95 47.38 17.28 34.79
C GLU F 95 48.03 16.36 35.84
N THR F 96 47.57 16.43 37.11
CA THR F 96 48.13 15.60 38.18
C THR F 96 47.84 14.12 37.95
N ALA F 97 46.71 13.78 37.31
CA ALA F 97 46.37 12.39 37.04
C ALA F 97 47.36 11.76 36.06
N LEU F 98 47.74 12.47 34.99
CA LEU F 98 48.69 11.92 34.02
C LEU F 98 50.11 11.95 34.55
N ALA F 99 50.47 12.98 35.32
CA ALA F 99 51.81 13.07 35.91
C ALA F 99 52.09 11.89 36.85
N GLU F 100 51.05 11.36 37.51
CA GLU F 100 51.16 10.21 38.40
C GLU F 100 51.39 8.93 37.61
N LEU F 101 50.67 8.77 36.49
CA LEU F 101 50.79 7.58 35.63
C LEU F 101 52.16 7.55 34.93
N GLU F 102 52.65 8.73 34.52
CA GLU F 102 53.94 8.81 33.84
C GLU F 102 55.14 8.94 34.78
N HIS F 103 54.90 9.13 36.09
CA HIS F 103 55.91 9.30 37.15
C HIS F 103 56.77 10.55 36.96
N ALA F 104 56.19 11.61 36.37
CA ALA F 104 56.86 12.88 36.16
C ALA F 104 56.47 13.88 37.24
N ASP F 105 57.36 14.86 37.51
CA ASP F 105 57.12 15.88 38.54
C ASP F 105 55.79 16.63 38.38
N GLU F 106 55.53 17.18 37.19
CA GLU F 106 54.31 17.94 36.89
C GLU F 106 53.83 17.68 35.44
N ALA F 107 52.64 18.18 35.08
CA ALA F 107 52.14 18.06 33.71
C ALA F 107 51.42 19.35 33.29
N VAL F 108 51.47 19.68 31.99
CA VAL F 108 50.81 20.90 31.49
C VAL F 108 49.84 20.56 30.36
N ALA F 109 48.55 20.92 30.53
CA ALA F 109 47.53 20.62 29.53
C ALA F 109 47.18 21.78 28.60
N PHE F 110 47.05 21.47 27.31
CA PHE F 110 46.76 22.39 26.22
C PHE F 110 45.55 21.93 25.39
N ALA F 111 45.03 22.82 24.52
CA ALA F 111 43.88 22.55 23.66
C ALA F 111 44.04 21.29 22.83
N THR F 112 45.20 21.09 22.19
CA THR F 112 45.49 19.93 21.35
C THR F 112 46.94 19.42 21.58
N GLY F 113 47.30 18.27 20.99
CA GLY F 113 48.65 17.73 21.08
C GLY F 113 49.65 18.64 20.40
N MET F 114 49.20 19.32 19.31
CA MET F 114 50.00 20.29 18.56
C MET F 114 50.22 21.57 19.36
N ALA F 115 49.26 21.96 20.22
CA ALA F 115 49.40 23.13 21.07
C ALA F 115 50.43 22.88 22.18
N ALA F 116 50.56 21.63 22.65
CA ALA F 116 51.55 21.26 23.66
C ALA F 116 52.95 21.25 23.02
N MET F 117 53.06 20.70 21.79
CA MET F 117 54.30 20.67 21.04
C MET F 117 54.74 22.09 20.69
N THR F 118 53.78 22.97 20.33
CA THR F 118 54.03 24.37 20.00
C THR F 118 54.63 25.10 21.21
N ALA F 119 54.05 24.88 22.40
CA ALA F 119 54.55 25.52 23.62
C ALA F 119 55.93 24.99 24.01
N ALA F 120 56.19 23.70 23.75
CA ALA F 120 57.49 23.09 24.05
C ALA F 120 58.57 23.69 23.15
N LEU F 121 58.24 23.96 21.88
CA LEU F 121 59.18 24.55 20.94
C LEU F 121 59.38 26.03 21.25
N LEU F 122 58.31 26.76 21.58
CA LEU F 122 58.39 28.19 21.91
C LEU F 122 59.22 28.43 23.17
N ALA F 123 59.13 27.52 24.15
CA ALA F 123 59.89 27.64 25.38
C ALA F 123 61.40 27.44 25.12
N ALA F 124 61.73 26.51 24.21
CA ALA F 124 63.11 26.23 23.85
C ALA F 124 63.74 27.42 23.13
N VAL F 125 62.98 28.08 22.25
CA VAL F 125 63.45 29.24 21.50
C VAL F 125 63.77 30.40 22.44
N ASN F 126 62.86 30.70 23.37
CA ASN F 126 63.04 31.78 24.33
C ASN F 126 64.16 31.51 25.33
N ALA F 127 64.47 30.24 25.60
CA ALA F 127 65.59 29.89 26.47
C ALA F 127 66.97 29.98 25.76
N GLY F 128 66.99 30.46 24.51
CA GLY F 128 68.22 30.58 23.73
C GLY F 128 68.61 29.31 23.02
N THR F 129 67.70 28.33 22.93
CA THR F 129 67.99 27.07 22.25
C THR F 129 66.98 26.79 21.14
N PRO F 130 67.04 27.52 20.02
CA PRO F 130 66.07 27.29 18.95
C PRO F 130 66.30 26.02 18.13
N HIS F 131 67.48 25.40 18.25
CA HIS F 131 67.78 24.20 17.49
C HIS F 131 67.16 22.94 18.08
N ILE F 132 66.57 22.11 17.21
CA ILE F 132 65.96 20.85 17.64
C ILE F 132 66.52 19.70 16.79
N VAL F 133 67.06 18.66 17.45
CA VAL F 133 67.55 17.49 16.75
C VAL F 133 66.41 16.48 16.77
N ALA F 134 65.62 16.46 15.70
CA ALA F 134 64.47 15.57 15.62
C ALA F 134 64.83 14.30 14.88
N VAL F 135 64.37 13.16 15.39
CA VAL F 135 64.65 11.87 14.78
C VAL F 135 63.42 11.36 14.02
N ARG F 136 63.36 11.61 12.70
CA ARG F 136 62.25 11.13 11.89
C ARG F 136 62.42 9.60 11.62
N PRO F 137 61.33 8.84 11.38
CA PRO F 137 59.93 9.26 11.19
C PRO F 137 59.21 9.78 12.41
N LEU F 138 58.50 10.90 12.23
CA LEU F 138 57.71 11.57 13.24
C LEU F 138 56.28 11.81 12.75
N TYR F 139 55.37 12.25 13.64
CA TYR F 139 53.99 12.51 13.30
C TYR F 139 53.91 13.67 12.31
N GLY F 140 53.03 13.56 11.32
CA GLY F 140 52.83 14.55 10.27
C GLY F 140 52.89 16.01 10.67
N GLY F 141 52.12 16.37 11.69
CA GLY F 141 52.06 17.72 12.22
C GLY F 141 53.34 18.17 12.90
N SER F 142 53.96 17.29 13.70
CA SER F 142 55.22 17.59 14.38
C SER F 142 56.34 17.78 13.36
N ASP F 143 56.37 16.94 12.33
CA ASP F 143 57.35 16.98 11.27
C ASP F 143 57.19 18.27 10.45
N HIS F 144 55.95 18.66 10.14
CA HIS F 144 55.69 19.86 9.35
C HIS F 144 55.94 21.15 10.13
N LEU F 145 55.80 21.12 11.45
CA LEU F 145 56.04 22.30 12.29
C LEU F 145 57.53 22.62 12.39
N LEU F 146 58.37 21.58 12.42
CA LEU F 146 59.82 21.74 12.48
C LEU F 146 60.39 22.14 11.12
N GLU F 147 59.80 21.62 10.03
CA GLU F 147 60.26 21.93 8.68
C GLU F 147 59.94 23.38 8.31
N THR F 148 58.75 23.86 8.70
CA THR F 148 58.34 25.22 8.41
C THR F 148 59.10 26.26 9.23
N GLY F 149 59.45 25.91 10.47
CA GLY F 149 60.16 26.80 11.38
C GLY F 149 59.34 28.02 11.73
N LEU F 150 58.02 27.82 11.88
CA LEU F 150 57.04 28.86 12.19
C LEU F 150 57.32 29.54 13.52
N LEU F 151 57.84 28.78 14.49
CA LEU F 151 58.13 29.32 15.83
C LEU F 151 59.59 29.77 16.02
N GLY F 152 60.33 29.93 14.93
CA GLY F 152 61.73 30.36 14.99
C GLY F 152 62.67 29.24 15.41
N THR F 153 62.40 28.01 14.93
CA THR F 153 63.22 26.85 15.27
C THR F 153 64.02 26.36 14.07
N THR F 154 65.23 25.85 14.31
CA THR F 154 66.04 25.26 13.24
C THR F 154 66.12 23.76 13.50
N VAL F 155 65.68 22.93 12.54
CA VAL F 155 65.67 21.49 12.74
C VAL F 155 66.85 20.79 12.05
N THR F 156 67.29 19.67 12.61
CA THR F 156 68.35 18.83 12.07
C THR F 156 67.84 17.39 12.13
N TRP F 157 67.33 16.90 11.01
CA TRP F 157 66.78 15.55 10.93
C TRP F 157 67.90 14.52 10.93
N ALA F 158 68.06 13.80 12.04
CA ALA F 158 69.12 12.80 12.17
C ALA F 158 68.57 11.42 12.46
N LYS F 159 69.33 10.38 12.08
CA LYS F 159 68.94 9.00 12.34
C LYS F 159 69.24 8.65 13.82
N GLU F 160 68.82 7.43 14.24
CA GLU F 160 69.05 6.90 15.59
C GLU F 160 70.55 6.94 15.96
N ALA F 161 71.42 6.55 15.03
CA ALA F 161 72.86 6.51 15.28
C ALA F 161 73.59 7.85 15.05
N GLU F 162 72.89 8.87 14.52
CA GLU F 162 73.50 10.17 14.26
C GLU F 162 73.04 11.24 15.26
N ILE F 163 72.49 10.87 16.42
CA ILE F 163 71.98 11.83 17.39
C ILE F 163 73.10 12.67 18.02
N ALA F 164 74.10 12.03 18.66
CA ALA F 164 75.21 12.72 19.33
C ALA F 164 76.00 13.64 18.40
N SER F 165 76.08 13.30 17.12
CA SER F 165 76.82 14.11 16.16
C SER F 165 76.00 15.32 15.69
N ALA F 166 74.68 15.17 15.57
CA ALA F 166 73.81 16.27 15.15
C ALA F 166 73.55 17.33 16.22
N ILE F 167 74.01 17.11 17.45
CA ILE F 167 73.80 18.06 18.54
C ILE F 167 74.72 19.27 18.44
N GLN F 168 74.11 20.45 18.34
CA GLN F 168 74.83 21.72 18.26
C GLN F 168 74.80 22.43 19.62
N ASP F 169 75.72 23.38 19.84
CA ASP F 169 75.74 24.16 21.08
C ASP F 169 74.46 25.03 21.27
N ASP F 170 73.57 25.04 20.26
CA ASP F 170 72.30 25.76 20.23
C ASP F 170 71.07 24.85 20.38
N THR F 171 71.27 23.54 20.60
CA THR F 171 70.17 22.58 20.72
C THR F 171 69.45 22.64 22.06
N GLY F 172 68.12 22.72 22.01
CA GLY F 172 67.32 22.79 23.22
C GLY F 172 66.48 21.54 23.48
N LEU F 173 66.10 20.83 22.41
CA LEU F 173 65.27 19.63 22.55
C LEU F 173 65.62 18.54 21.55
N VAL F 174 65.38 17.28 21.94
CA VAL F 174 65.59 16.12 21.08
C VAL F 174 64.23 15.42 20.98
N ILE F 175 63.50 15.64 19.88
CA ILE F 175 62.17 15.06 19.71
C ILE F 175 62.20 13.69 19.05
N VAL F 176 61.77 12.66 19.78
CA VAL F 176 61.72 11.27 19.31
C VAL F 176 60.31 10.70 19.49
N GLU F 177 59.91 9.72 18.65
CA GLU F 177 58.59 9.12 18.72
C GLU F 177 58.68 7.61 18.55
N THR F 178 58.15 6.84 19.52
CA THR F 178 58.19 5.38 19.43
C THR F 178 56.91 4.72 19.99
N PRO F 179 56.24 3.87 19.21
CA PRO F 179 56.54 3.47 17.82
C PRO F 179 56.26 4.58 16.81
N ALA F 180 57.00 4.58 15.71
CA ALA F 180 56.89 5.57 14.64
C ALA F 180 55.51 5.58 13.97
N ASN F 181 55.15 6.69 13.32
CA ASN F 181 53.88 6.81 12.63
C ASN F 181 54.11 7.05 11.14
N PRO F 182 53.58 6.17 10.26
CA PRO F 182 52.71 5.02 10.54
C PRO F 182 53.39 3.63 10.52
N SER F 183 54.71 3.59 10.30
CA SER F 183 55.49 2.36 10.18
C SER F 183 55.57 1.49 11.42
N LEU F 184 55.35 2.09 12.60
CA LEU F 184 55.42 1.44 13.92
C LEU F 184 56.82 0.92 14.24
N ASP F 185 57.86 1.60 13.74
CA ASP F 185 59.24 1.23 14.00
C ASP F 185 59.61 1.71 15.40
N LEU F 186 60.25 0.83 16.18
CA LEU F 186 60.62 1.17 17.56
C LEU F 186 61.97 1.86 17.65
N VAL F 187 62.09 2.81 18.58
CA VAL F 187 63.32 3.55 18.83
C VAL F 187 63.78 3.25 20.26
N ASP F 188 65.05 2.85 20.45
CA ASP F 188 65.57 2.55 21.78
C ASP F 188 65.78 3.83 22.57
N LEU F 189 64.89 4.11 23.54
CA LEU F 189 64.95 5.32 24.36
C LEU F 189 66.17 5.39 25.26
N ASP F 190 66.74 4.24 25.64
CA ASP F 190 67.95 4.21 26.46
C ASP F 190 69.15 4.75 25.67
N SER F 191 69.19 4.51 24.35
CA SER F 191 70.27 4.98 23.49
C SER F 191 70.09 6.45 23.14
N VAL F 192 68.85 6.92 22.98
CA VAL F 192 68.55 8.31 22.66
C VAL F 192 68.98 9.26 23.78
N VAL F 193 68.59 8.97 25.03
CA VAL F 193 68.96 9.83 26.16
C VAL F 193 70.46 9.80 26.44
N ALA F 194 71.13 8.65 26.17
CA ALA F 194 72.58 8.56 26.34
C ALA F 194 73.30 9.41 25.29
N ALA F 195 72.76 9.44 24.05
CA ALA F 195 73.33 10.24 22.98
C ALA F 195 73.05 11.73 23.15
N ALA F 196 71.91 12.09 23.74
CA ALA F 196 71.56 13.49 23.97
C ALA F 196 72.39 14.12 25.08
N GLY F 197 72.65 13.35 26.13
CA GLY F 197 73.43 13.80 27.27
C GLY F 197 72.79 14.94 28.02
N THR F 198 73.37 16.14 27.92
CA THR F 198 72.87 17.33 28.59
C THR F 198 71.59 17.93 27.98
N VAL F 199 71.21 17.49 26.76
CA VAL F 199 70.03 18.02 26.10
C VAL F 199 68.77 17.22 26.49
N PRO F 200 67.71 17.91 26.93
CA PRO F 200 66.47 17.21 27.32
C PRO F 200 65.80 16.46 26.16
N VAL F 201 65.17 15.31 26.43
CA VAL F 201 64.54 14.49 25.41
C VAL F 201 63.02 14.48 25.49
N LEU F 202 62.33 14.86 24.40
CA LEU F 202 60.87 14.85 24.34
C LEU F 202 60.43 13.59 23.61
N VAL F 203 59.64 12.74 24.26
CA VAL F 203 59.18 11.50 23.65
C VAL F 203 57.67 11.51 23.46
N ASP F 204 57.22 11.43 22.20
CA ASP F 204 55.79 11.40 21.89
C ASP F 204 55.25 10.01 22.19
N ASN F 205 54.77 9.81 23.43
CA ASN F 205 54.25 8.54 23.91
C ASN F 205 52.74 8.37 23.65
N THR F 206 52.20 9.05 22.64
CA THR F 206 50.77 8.99 22.32
C THR F 206 50.24 7.56 22.05
N PHE F 207 50.88 6.83 21.13
CA PHE F 207 50.44 5.47 20.75
C PHE F 207 50.58 4.49 21.92
N CYS F 208 51.66 4.59 22.67
CA CYS F 208 51.97 3.68 23.77
C CYS F 208 51.13 3.89 25.01
N THR F 209 50.92 5.18 25.41
CA THR F 209 50.23 5.60 26.65
C THR F 209 51.03 5.17 27.90
N PRO F 210 50.72 5.71 29.10
CA PRO F 210 51.48 5.30 30.30
C PRO F 210 51.29 3.84 30.71
N VAL F 211 50.37 3.11 30.05
CA VAL F 211 50.10 1.71 30.32
C VAL F 211 51.24 0.82 29.82
N LEU F 212 51.70 1.05 28.58
CA LEU F 212 52.73 0.20 27.99
C LEU F 212 54.13 0.81 27.98
N GLN F 213 54.26 2.15 28.07
CA GLN F 213 55.58 2.77 28.03
C GLN F 213 55.65 4.01 28.94
N GLN F 214 56.79 4.23 29.58
CA GLN F 214 57.01 5.40 30.43
C GLN F 214 58.39 5.97 30.13
N PRO F 215 58.46 6.99 29.26
CA PRO F 215 59.77 7.55 28.88
C PRO F 215 60.56 8.18 30.03
N ILE F 216 59.89 8.61 31.12
CA ILE F 216 60.56 9.18 32.28
C ILE F 216 61.51 8.15 32.91
N ARG F 217 61.07 6.89 32.97
CA ARG F 217 61.85 5.76 33.51
C ARG F 217 63.16 5.55 32.73
N HIS F 218 63.15 5.80 31.42
CA HIS F 218 64.34 5.64 30.58
C HIS F 218 65.29 6.85 30.59
N GLY F 219 64.78 8.02 30.97
CA GLY F 219 65.62 9.22 31.05
C GLY F 219 65.11 10.43 30.29
N ALA F 220 63.94 10.31 29.64
CA ALA F 220 63.39 11.44 28.88
C ALA F 220 62.96 12.55 29.83
N ALA F 221 63.11 13.81 29.40
CA ALA F 221 62.76 14.95 30.24
C ALA F 221 61.31 15.36 30.06
N LEU F 222 60.79 15.26 28.83
CA LEU F 222 59.41 15.65 28.52
C LEU F 222 58.68 14.47 27.88
N VAL F 223 57.41 14.24 28.24
CA VAL F 223 56.63 13.15 27.63
C VAL F 223 55.36 13.72 27.01
N LEU F 224 55.35 13.89 25.68
CA LEU F 224 54.20 14.44 24.96
C LEU F 224 53.10 13.41 24.77
N HIS F 225 51.85 13.80 24.97
CA HIS F 225 50.68 12.97 24.77
C HIS F 225 49.60 13.74 24.04
N SER F 226 49.03 13.15 22.99
CA SER F 226 47.90 13.75 22.30
C SER F 226 46.69 13.09 22.95
N ALA F 227 46.11 13.74 23.96
CA ALA F 227 44.97 13.24 24.73
C ALA F 227 43.74 12.88 23.90
N THR F 228 43.68 13.34 22.65
CA THR F 228 42.61 13.04 21.70
C THR F 228 42.54 11.50 21.49
N TYR F 230 43.38 7.69 22.74
CA TYR F 230 43.53 6.82 23.91
C TYR F 230 43.17 7.48 25.26
N LEU F 231 43.75 8.66 25.59
CA LEU F 231 43.44 9.33 26.85
C LEU F 231 41.95 9.69 26.95
N GLY F 232 41.39 10.14 25.84
CA GLY F 232 39.96 10.41 25.76
C GLY F 232 39.26 9.07 25.62
N GLY F 233 39.67 8.33 24.59
CA GLY F 233 39.22 6.98 24.33
C GLY F 233 37.88 6.81 23.66
N HIS F 234 37.19 7.91 23.38
CA HIS F 234 35.88 7.85 22.74
C HIS F 234 35.76 8.71 21.47
N GLY F 235 36.78 9.51 21.16
CA GLY F 235 36.80 10.35 19.97
C GLY F 235 35.89 11.55 20.06
N ASP F 236 35.85 12.18 21.24
CA ASP F 236 35.00 13.34 21.47
C ASP F 236 35.72 14.50 22.14
N ALA F 237 36.78 14.22 22.90
CA ALA F 237 37.52 15.28 23.58
C ALA F 237 38.89 15.54 22.95
N MET F 238 39.15 16.79 22.54
CA MET F 238 40.43 17.18 21.95
C MET F 238 41.37 17.61 23.07
N GLY F 239 42.62 17.17 23.02
CA GLY F 239 43.58 17.52 24.06
C GLY F 239 45.03 17.22 23.77
N GLY F 240 45.90 17.73 24.63
CA GLY F 240 47.34 17.55 24.55
C GLY F 240 47.98 17.86 25.88
N ILE F 241 48.89 17.01 26.35
CA ILE F 241 49.50 17.18 27.67
C ILE F 241 50.95 16.68 27.71
N ILE F 242 51.85 17.40 28.40
CA ILE F 242 53.24 17.00 28.53
C ILE F 242 53.58 16.73 29.99
N ALA F 243 53.99 15.50 30.31
CA ALA F 243 54.41 15.15 31.67
C ALA F 243 55.92 15.40 31.75
N THR F 244 56.34 16.44 32.48
CA THR F 244 57.76 16.79 32.57
C THR F 244 58.19 17.28 33.97
N ASN F 245 59.52 17.45 34.20
CA ASN F 245 60.05 17.96 35.46
C ASN F 245 59.58 19.40 35.74
N SER F 246 59.59 19.81 37.00
CA SER F 246 59.14 21.13 37.46
C SER F 246 59.71 22.30 36.68
N ASP F 247 60.98 22.23 36.30
CA ASP F 247 61.62 23.31 35.54
C ASP F 247 60.98 23.48 34.16
N TRP F 248 60.83 22.37 33.41
CA TRP F 248 60.21 22.42 32.09
C TRP F 248 58.70 22.68 32.15
N ALA F 249 58.04 22.25 33.23
CA ALA F 249 56.62 22.49 33.42
C ALA F 249 56.35 23.99 33.64
N MET F 250 57.29 24.68 34.33
CA MET F 250 57.20 26.11 34.61
C MET F 250 57.32 26.90 33.31
N ARG F 251 58.25 26.49 32.43
CA ARG F 251 58.45 27.14 31.13
C ARG F 251 57.20 26.96 30.26
N LEU F 252 56.63 25.75 30.25
CA LEU F 252 55.43 25.42 29.47
C LEU F 252 54.23 26.21 29.99
N ARG F 253 54.12 26.36 31.31
CA ARG F 253 53.02 27.10 31.94
C ARG F 253 53.12 28.60 31.65
N GLN F 254 54.35 29.13 31.51
CA GLN F 254 54.59 30.54 31.16
C GLN F 254 54.10 30.81 29.74
N VAL F 255 54.35 29.87 28.81
CA VAL F 255 53.92 30.00 27.42
C VAL F 255 52.40 29.91 27.33
N ARG F 256 51.79 29.01 28.10
CA ARG F 256 50.33 28.83 28.12
C ARG F 256 49.61 30.07 28.63
N ALA F 257 50.22 30.80 29.56
CA ALA F 257 49.62 32.01 30.12
C ALA F 257 49.55 33.17 29.12
N ILE F 258 50.52 33.27 28.19
CA ILE F 258 50.51 34.37 27.21
C ILE F 258 49.99 33.94 25.83
N THR F 259 50.26 32.70 25.40
CA THR F 259 49.76 32.21 24.12
C THR F 259 48.30 31.73 24.19
N GLY F 260 47.84 31.35 25.38
CA GLY F 260 46.46 30.96 25.64
C GLY F 260 45.84 29.79 24.89
N ALA F 261 46.59 28.69 24.69
CA ALA F 261 46.03 27.50 24.04
C ALA F 261 45.47 26.59 25.13
N LEU F 262 44.50 27.10 25.90
CA LEU F 262 43.90 26.41 27.05
C LEU F 262 43.03 25.21 26.70
N LEU F 263 42.88 24.29 27.67
CA LEU F 263 42.03 23.12 27.57
C LEU F 263 40.71 23.51 28.26
N HIS F 264 39.59 23.46 27.52
CA HIS F 264 38.27 23.85 28.05
C HIS F 264 37.88 22.95 29.21
N PRO F 265 37.21 23.49 30.26
CA PRO F 265 36.81 22.63 31.38
C PRO F 265 36.08 21.33 31.00
N MET F 266 35.24 21.36 29.94
CA MET F 266 34.52 20.17 29.48
C MET F 266 35.47 19.16 28.88
N GLY F 267 36.43 19.64 28.11
CA GLY F 267 37.44 18.79 27.47
C GLY F 267 38.32 18.15 28.52
N ALA F 268 38.72 18.93 29.52
CA ALA F 268 39.55 18.47 30.64
C ALA F 268 38.83 17.43 31.48
N TYR F 269 37.52 17.57 31.66
CA TYR F 269 36.74 16.62 32.44
C TYR F 269 36.63 15.29 31.69
N LEU F 270 36.38 15.34 30.38
CA LEU F 270 36.25 14.12 29.58
C LEU F 270 37.58 13.39 29.41
N LEU F 271 38.68 14.13 29.34
CA LEU F 271 40.00 13.52 29.23
C LEU F 271 40.41 12.85 30.54
N HIS F 272 40.05 13.46 31.68
CA HIS F 272 40.33 12.93 33.00
C HIS F 272 39.45 11.71 33.23
N ARG F 273 38.16 11.79 32.86
CA ARG F 273 37.19 10.70 32.97
C ARG F 273 37.67 9.47 32.17
N GLY F 274 38.26 9.73 31.00
CA GLY F 274 38.79 8.69 30.13
C GLY F 274 40.01 7.97 30.67
N LEU F 275 40.73 8.59 31.61
CA LEU F 275 41.90 7.95 32.22
C LEU F 275 41.49 6.78 33.11
N ARG F 276 40.29 6.83 33.70
CA ARG F 276 39.77 5.78 34.58
C ARG F 276 39.56 4.46 33.85
N THR F 277 39.08 4.53 32.61
CA THR F 277 38.85 3.33 31.81
C THR F 277 40.01 3.01 30.85
N LEU F 278 41.18 3.66 31.02
CA LEU F 278 42.32 3.47 30.13
C LEU F 278 42.99 2.09 30.25
N ALA F 279 43.20 1.61 31.48
CA ALA F 279 43.85 0.31 31.68
C ALA F 279 43.05 -0.82 31.05
N VAL F 280 41.72 -0.84 31.26
CA VAL F 280 40.87 -1.90 30.71
C VAL F 280 40.69 -1.77 29.20
N ARG F 281 40.72 -0.53 28.66
CA ARG F 281 40.56 -0.33 27.23
C ARG F 281 41.81 -0.74 26.48
N MET F 282 42.99 -0.37 27.01
CA MET F 282 44.25 -0.69 26.37
C MET F 282 44.55 -2.18 26.41
N ARG F 283 44.22 -2.85 27.51
CA ARG F 283 44.45 -4.29 27.64
C ARG F 283 43.59 -5.06 26.64
N ALA F 284 42.35 -4.60 26.39
CA ALA F 284 41.44 -5.24 25.46
C ALA F 284 41.79 -4.94 24.00
N ALA F 285 42.11 -3.67 23.69
CA ALA F 285 42.46 -3.29 22.33
C ALA F 285 43.77 -3.95 21.89
N GLN F 286 44.74 -4.06 22.79
CA GLN F 286 46.03 -4.69 22.50
C GLN F 286 45.86 -6.18 22.25
N THR F 287 44.97 -6.83 23.02
CA THR F 287 44.69 -8.25 22.87
C THR F 287 44.06 -8.52 21.51
N THR F 288 43.10 -7.66 21.12
CA THR F 288 42.42 -7.78 19.83
C THR F 288 43.42 -7.54 18.69
N ALA F 289 44.31 -6.53 18.85
CA ALA F 289 45.33 -6.20 17.86
C ALA F 289 46.35 -7.31 17.65
N GLY F 290 46.77 -7.95 18.73
CA GLY F 290 47.74 -9.04 18.69
C GLY F 290 47.26 -10.24 17.91
N GLU F 291 45.95 -10.51 17.99
CA GLU F 291 45.35 -11.62 17.28
C GLU F 291 45.01 -11.21 15.84
N LEU F 292 44.51 -9.98 15.66
CA LEU F 292 44.14 -9.45 14.35
C LEU F 292 45.34 -9.39 13.41
N ALA F 293 46.50 -8.95 13.90
CA ALA F 293 47.70 -8.88 13.07
C ALA F 293 48.20 -10.27 12.67
N GLU F 294 48.04 -11.25 13.56
CA GLU F 294 48.44 -12.63 13.31
C GLU F 294 47.52 -13.29 12.27
N ARG F 295 46.21 -12.98 12.34
CA ARG F 295 45.23 -13.50 11.39
C ARG F 295 45.36 -12.83 10.02
N LEU F 296 45.69 -11.52 10.01
CA LEU F 296 45.88 -10.79 8.74
C LEU F 296 47.17 -11.19 8.02
N ALA F 297 48.16 -11.73 8.76
CA ALA F 297 49.42 -12.20 8.18
C ALA F 297 49.16 -13.37 7.22
N ALA F 298 48.18 -14.23 7.54
CA ALA F 298 47.79 -15.35 6.71
C ALA F 298 46.78 -14.91 5.63
N HIS F 299 47.19 -13.95 4.79
CA HIS F 299 46.33 -13.44 3.73
C HIS F 299 47.17 -13.19 2.48
N PRO F 300 46.66 -13.60 1.30
CA PRO F 300 47.45 -13.43 0.07
C PRO F 300 47.71 -11.98 -0.35
N ALA F 301 46.77 -11.08 -0.04
CA ALA F 301 46.88 -9.67 -0.42
C ALA F 301 47.94 -8.91 0.37
N ILE F 302 48.24 -9.35 1.62
CA ILE F 302 49.21 -8.68 2.48
C ILE F 302 50.59 -9.34 2.45
N THR F 303 51.63 -8.57 2.06
CA THR F 303 53.00 -9.07 1.96
C THR F 303 53.69 -9.12 3.32
N ALA F 304 53.46 -8.09 4.16
CA ALA F 304 54.07 -8.03 5.49
C ALA F 304 53.20 -7.24 6.48
N VAL F 305 53.16 -7.69 7.73
CA VAL F 305 52.37 -7.01 8.77
C VAL F 305 53.30 -6.34 9.77
N HIS F 306 53.00 -5.08 10.11
CA HIS F 306 53.81 -4.32 11.06
C HIS F 306 53.12 -4.26 12.42
N TYR F 307 53.64 -5.02 13.37
CA TYR F 307 53.10 -5.04 14.73
C TYR F 307 54.24 -5.35 15.69
N PRO F 308 54.46 -4.49 16.70
CA PRO F 308 55.58 -4.70 17.63
C PRO F 308 55.63 -6.08 18.30
N GLY F 309 54.47 -6.59 18.69
CA GLY F 309 54.36 -7.89 19.33
C GLY F 309 54.62 -9.07 18.41
N LEU F 310 54.48 -8.86 17.09
CA LEU F 310 54.72 -9.90 16.10
C LEU F 310 56.19 -10.26 16.00
N ASN F 311 56.47 -11.54 15.72
CA ASN F 311 57.81 -12.08 15.62
C ASN F 311 58.55 -11.52 14.41
N ASP F 314 60.58 -9.26 19.26
CA ASP F 314 61.12 -7.90 19.25
C ASP F 314 62.36 -7.77 18.38
N PRO F 315 62.24 -7.07 17.23
CA PRO F 315 63.41 -6.92 16.35
C PRO F 315 64.51 -6.04 16.93
N ARG F 316 64.15 -5.08 17.79
CA ARG F 316 65.16 -4.20 18.41
C ARG F 316 65.51 -4.60 19.86
N GLY F 317 64.81 -5.59 20.42
CA GLY F 317 65.04 -6.02 21.80
C GLY F 317 64.50 -4.97 22.75
N LEU F 318 63.28 -4.50 22.48
CA LEU F 318 62.65 -3.43 23.25
C LEU F 318 61.43 -3.87 24.05
N LEU F 319 60.78 -4.97 23.65
CA LEU F 319 59.59 -5.44 24.37
C LEU F 319 59.99 -6.07 25.70
N GLY F 320 59.42 -5.54 26.77
CA GLY F 320 59.71 -5.99 28.12
C GLY F 320 60.57 -4.96 28.83
N ARG F 321 61.59 -4.45 28.13
CA ARG F 321 62.48 -3.44 28.69
C ARG F 321 61.88 -2.03 28.58
N GLN F 322 61.20 -1.76 27.46
CA GLN F 322 60.62 -0.45 27.18
C GLN F 322 59.10 -0.52 27.04
N MET F 323 58.59 -1.54 26.34
CA MET F 323 57.16 -1.71 26.12
C MET F 323 56.62 -2.99 26.72
N SER F 324 55.63 -2.90 27.62
CA SER F 324 55.01 -4.09 28.22
C SER F 324 53.79 -4.58 27.41
N GLY F 325 53.86 -4.45 26.09
CA GLY F 325 52.79 -4.85 25.18
C GLY F 325 53.05 -4.41 23.75
N GLY F 326 52.31 -4.99 22.81
CA GLY F 326 52.48 -4.64 21.40
C GLY F 326 51.69 -3.44 20.92
N GLY F 327 50.82 -2.91 21.76
CA GLY F 327 49.99 -1.76 21.41
C GLY F 327 48.72 -2.10 20.68
N ALA F 328 47.94 -1.09 20.28
CA ALA F 328 46.69 -1.32 19.56
C ALA F 328 46.70 -0.75 18.14
N MET F 329 47.89 -0.60 17.54
CA MET F 329 48.03 -0.09 16.19
C MET F 329 48.66 -1.16 15.31
N ILE F 330 48.19 -1.30 14.05
CA ILE F 330 48.72 -2.28 13.11
C ILE F 330 48.86 -1.62 11.73
N ALA F 331 49.99 -1.85 11.06
CA ALA F 331 50.20 -1.34 9.71
C ALA F 331 50.28 -2.55 8.76
N LEU F 332 49.74 -2.42 7.55
CA LEU F 332 49.75 -3.53 6.59
C LEU F 332 50.40 -3.15 5.27
N GLU F 333 51.36 -3.95 4.82
CA GLU F 333 52.03 -3.70 3.54
C GLU F 333 51.33 -4.49 2.43
N LEU F 334 50.38 -3.85 1.74
CA LEU F 334 49.62 -4.49 0.67
C LEU F 334 50.45 -4.72 -0.58
N ALA F 335 50.08 -5.76 -1.35
CA ALA F 335 50.79 -6.09 -2.59
C ALA F 335 50.37 -5.19 -3.76
N GLY F 336 49.12 -4.74 -3.75
CA GLY F 336 48.59 -3.91 -4.82
C GLY F 336 49.14 -2.50 -4.88
N GLY F 337 49.69 -2.02 -3.77
CA GLY F 337 50.29 -0.69 -3.71
C GLY F 337 49.33 0.42 -3.37
N PHE F 338 49.27 1.45 -4.23
CA PHE F 338 48.39 2.59 -3.98
C PHE F 338 46.92 2.31 -4.24
N ASP F 339 46.59 1.73 -5.40
CA ASP F 339 45.21 1.45 -5.75
C ASP F 339 44.54 0.42 -4.82
N ALA F 340 45.32 -0.55 -4.32
CA ALA F 340 44.79 -1.56 -3.39
C ALA F 340 44.49 -0.98 -2.01
N ALA F 341 45.23 0.06 -1.60
CA ALA F 341 45.01 0.72 -0.32
C ALA F 341 43.70 1.49 -0.35
N ARG F 342 43.38 2.15 -1.48
CA ARG F 342 42.13 2.88 -1.62
C ARG F 342 40.94 1.92 -1.65
N SER F 343 41.10 0.77 -2.33
CA SER F 343 40.07 -0.27 -2.42
C SER F 343 39.79 -0.90 -1.05
N PHE F 344 40.80 -0.99 -0.18
CA PHE F 344 40.67 -1.55 1.16
C PHE F 344 39.91 -0.55 2.05
N VAL F 345 40.29 0.73 2.00
CA VAL F 345 39.67 1.79 2.79
C VAL F 345 38.18 2.00 2.45
N GLU F 346 37.86 2.09 1.15
CA GLU F 346 36.49 2.32 0.73
C GLU F 346 35.60 1.09 0.82
N HIS F 347 36.18 -0.13 0.90
CA HIS F 347 35.36 -1.34 1.02
C HIS F 347 35.10 -1.78 2.46
N CYS F 348 35.49 -0.97 3.44
CA CYS F 348 35.24 -1.29 4.85
C CYS F 348 33.89 -0.71 5.24
N SER F 349 33.07 -1.49 5.96
CA SER F 349 31.76 -1.01 6.39
C SER F 349 31.71 -0.83 7.91
N LEU F 350 32.14 -1.85 8.67
CA LEU F 350 32.18 -1.78 10.13
C LEU F 350 33.35 -0.89 10.55
N VAL F 351 34.53 -1.09 9.93
CA VAL F 351 35.69 -0.27 10.23
C VAL F 351 35.51 1.08 9.55
N VAL F 352 35.56 2.17 10.33
CA VAL F 352 35.33 3.53 9.85
C VAL F 352 36.58 4.16 9.23
N HIS F 353 36.44 4.78 8.04
CA HIS F 353 37.56 5.44 7.39
C HIS F 353 37.67 6.89 7.88
N ALA F 354 38.61 7.16 8.79
CA ALA F 354 38.83 8.50 9.34
C ALA F 354 40.30 8.69 9.78
N VAL F 355 40.75 9.95 9.88
CA VAL F 355 42.13 10.24 10.26
C VAL F 355 42.31 10.47 11.75
N SER F 356 42.40 9.39 12.53
CA SER F 356 42.64 9.47 13.98
C SER F 356 42.92 8.07 14.57
N LEU F 357 43.17 7.98 15.89
CA LEU F 357 43.44 6.71 16.56
C LEU F 357 42.97 6.71 18.03
N GLY F 358 42.94 5.55 18.65
CA GLY F 358 42.57 5.40 20.06
C GLY F 358 41.11 5.63 20.41
N GLY F 359 40.24 5.58 19.43
CA GLY F 359 38.81 5.75 19.66
C GLY F 359 38.14 4.48 20.13
N ALA F 360 36.81 4.53 20.33
CA ALA F 360 36.07 3.36 20.78
C ALA F 360 35.94 2.34 19.63
N ASP F 361 35.79 2.83 18.40
CA ASP F 361 35.69 1.97 17.23
C ASP F 361 37.02 1.88 16.45
N THR F 362 37.14 0.84 15.62
CA THR F 362 38.33 0.62 14.80
C THR F 362 38.36 1.60 13.64
N LEU F 363 39.48 2.30 13.46
CA LEU F 363 39.62 3.25 12.38
C LEU F 363 40.62 2.78 11.34
N ILE F 364 40.39 3.14 10.07
CA ILE F 364 41.27 2.76 8.97
C ILE F 364 41.66 4.02 8.17
N GLN F 365 42.93 4.13 7.76
CA GLN F 365 43.38 5.28 7.02
C GLN F 365 44.52 4.95 6.07
N HIS F 366 44.61 5.70 4.97
CA HIS F 366 45.67 5.53 4.00
C HIS F 366 46.59 6.72 4.18
N PRO F 367 47.72 6.55 4.87
CA PRO F 367 48.61 7.69 5.13
C PRO F 367 49.22 8.29 3.88
N ALA F 368 49.49 7.47 2.86
CA ALA F 368 50.07 7.96 1.60
C ALA F 368 49.11 8.87 0.82
N SER F 369 47.80 8.76 1.07
CA SER F 369 46.78 9.56 0.39
C SER F 369 46.73 11.02 0.82
N LEU F 370 47.29 11.36 1.98
CA LEU F 370 47.31 12.74 2.45
C LEU F 370 48.23 13.63 1.61
N THR F 371 49.31 13.06 1.07
CA THR F 371 50.26 13.80 0.25
C THR F 371 50.05 13.51 -1.23
N HIS F 372 49.76 12.24 -1.58
CA HIS F 372 49.54 11.85 -2.98
C HIS F 372 48.06 11.71 -3.29
N ARG F 373 47.55 12.48 -4.26
CA ARG F 373 46.15 12.38 -4.67
C ARG F 373 46.05 12.04 -6.16
N PRO F 374 46.27 10.76 -6.54
CA PRO F 374 46.30 10.41 -7.97
C PRO F 374 45.09 9.68 -8.56
N VAL F 375 45.11 9.47 -9.88
CA VAL F 375 44.11 8.69 -10.63
C VAL F 375 44.83 7.64 -11.53
N ALA F 376 46.04 7.18 -11.11
CA ALA F 376 46.93 6.26 -11.82
C ALA F 376 47.38 5.08 -10.91
N ALA F 377 47.94 4.00 -11.50
CA ALA F 377 48.40 2.86 -10.72
C ALA F 377 49.75 3.12 -10.05
N THR F 378 49.74 3.81 -8.90
CA THR F 378 50.94 4.15 -8.13
C THR F 378 51.64 2.91 -7.57
N ASP F 383 53.52 3.62 -0.06
CA ASP F 383 52.28 3.77 -0.82
C ASP F 383 51.30 2.63 -0.55
N GLY F 384 51.82 1.42 -0.37
CA GLY F 384 50.99 0.26 -0.09
C GLY F 384 50.59 0.11 1.37
N LEU F 385 51.21 0.90 2.27
CA LEU F 385 50.93 0.82 3.70
C LEU F 385 49.59 1.42 4.08
N ILE F 386 48.93 0.82 5.08
CA ILE F 386 47.63 1.26 5.55
C ILE F 386 47.56 1.12 7.07
N ARG F 387 47.33 2.25 7.76
CA ARG F 387 47.27 2.25 9.22
C ARG F 387 45.91 1.81 9.74
N LEU F 388 45.89 1.17 10.91
CA LEU F 388 44.66 0.67 11.50
C LEU F 388 44.72 0.78 13.03
N SER F 389 43.76 1.48 13.64
CA SER F 389 43.71 1.64 15.08
C SER F 389 42.65 0.72 15.66
N VAL F 390 43.05 -0.37 16.30
CA VAL F 390 42.12 -1.35 16.86
C VAL F 390 41.25 -0.77 17.99
N GLY F 391 39.94 -0.93 17.87
CA GLY F 391 38.98 -0.45 18.85
C GLY F 391 38.59 -1.48 19.89
N LEU F 392 37.37 -1.35 20.43
CA LEU F 392 36.89 -2.25 21.48
C LEU F 392 35.90 -3.29 20.95
N GLU F 393 36.07 -3.73 19.70
CA GLU F 393 35.18 -4.72 19.11
C GLU F 393 35.75 -6.15 19.19
N HIS F 394 34.95 -7.16 18.78
CA HIS F 394 35.37 -8.55 18.76
C HIS F 394 36.32 -8.78 17.58
N VAL F 395 37.32 -9.64 17.79
CA VAL F 395 38.32 -9.97 16.78
C VAL F 395 37.72 -10.69 15.56
N ASP F 396 36.62 -11.45 15.76
CA ASP F 396 35.97 -12.16 14.66
C ASP F 396 35.26 -11.18 13.73
N ASP F 397 34.60 -10.17 14.29
CA ASP F 397 33.88 -9.17 13.51
C ASP F 397 34.81 -8.24 12.74
N LEU F 398 35.97 -7.93 13.32
CA LEU F 398 36.95 -7.08 12.66
C LEU F 398 37.68 -7.86 11.55
N GLU F 399 37.96 -9.15 11.80
CA GLU F 399 38.62 -9.99 10.80
C GLU F 399 37.70 -10.22 9.63
N ASP F 400 36.41 -10.49 9.88
CA ASP F 400 35.43 -10.73 8.82
C ASP F 400 35.20 -9.50 7.93
N ASP F 401 35.24 -8.30 8.52
CA ASP F 401 35.03 -7.06 7.76
C ASP F 401 36.24 -6.71 6.91
N LEU F 402 37.46 -6.79 7.48
CA LEU F 402 38.68 -6.49 6.74
C LEU F 402 38.97 -7.53 5.67
N ILE F 403 38.64 -8.81 5.95
CA ILE F 403 38.84 -9.87 4.97
C ILE F 403 37.89 -9.67 3.76
N ALA F 404 36.69 -9.09 3.99
CA ALA F 404 35.72 -8.81 2.94
C ALA F 404 36.19 -7.64 2.09
N ALA F 405 36.74 -6.60 2.73
CA ALA F 405 37.25 -5.42 2.03
C ALA F 405 38.47 -5.77 1.17
N LEU F 406 39.31 -6.71 1.63
CA LEU F 406 40.48 -7.16 0.88
C LEU F 406 40.04 -7.94 -0.34
N ASP F 407 39.03 -8.81 -0.19
CA ASP F 407 38.50 -9.60 -1.30
C ASP F 407 37.87 -8.73 -2.39
N ALA F 408 37.41 -7.52 -2.05
CA ALA F 408 36.85 -6.60 -3.03
C ALA F 408 37.99 -5.94 -3.81
N SER F 409 38.43 -6.58 -4.90
CA SER F 409 39.52 -6.07 -5.72
C SER F 409 39.40 -6.53 -7.18
#